data_199D
# 
_entry.id   199D 
# 
_audit_conform.dict_name       mmcif_pdbx.dic 
_audit_conform.dict_version    5.387 
_audit_conform.dict_location   http://mmcif.pdb.org/dictionaries/ascii/mmcif_pdbx.dic 
# 
loop_
_database_2.database_id 
_database_2.database_code 
_database_2.pdbx_database_accession 
_database_2.pdbx_DOI 
PDB   199D         pdb_0000199d 10.2210/pdb199d/pdb 
WWPDB D_1000170219 ?            ?                   
# 
loop_
_pdbx_audit_revision_history.ordinal 
_pdbx_audit_revision_history.data_content_type 
_pdbx_audit_revision_history.major_revision 
_pdbx_audit_revision_history.minor_revision 
_pdbx_audit_revision_history.revision_date 
1 'Structure model' 1 0 1995-02-07 
2 'Structure model' 1 1 2008-03-24 
3 'Structure model' 1 2 2011-07-13 
4 'Structure model' 1 3 2022-02-16 
5 'Structure model' 1 4 2024-03-13 
# 
_pdbx_audit_revision_details.ordinal             1 
_pdbx_audit_revision_details.revision_ordinal    1 
_pdbx_audit_revision_details.data_content_type   'Structure model' 
_pdbx_audit_revision_details.provider            repository 
_pdbx_audit_revision_details.type                'Initial release' 
_pdbx_audit_revision_details.description         ? 
_pdbx_audit_revision_details.details             ? 
# 
loop_
_pdbx_audit_revision_group.ordinal 
_pdbx_audit_revision_group.revision_ordinal 
_pdbx_audit_revision_group.data_content_type 
_pdbx_audit_revision_group.group 
1 2 'Structure model' 'Version format compliance' 
2 3 'Structure model' 'Version format compliance' 
3 4 'Structure model' 'Database references'       
4 4 'Structure model' 'Derived calculations'      
5 4 'Structure model' Other                       
6 5 'Structure model' 'Data collection'           
7 5 'Structure model' 'Source and taxonomy'       
8 5 'Structure model' 'Structure summary'         
# 
loop_
_pdbx_audit_revision_category.ordinal 
_pdbx_audit_revision_category.revision_ordinal 
_pdbx_audit_revision_category.data_content_type 
_pdbx_audit_revision_category.category 
1  4 'Structure model' database_2            
2  4 'Structure model' pdbx_database_status  
3  4 'Structure model' pdbx_struct_assembly  
4  4 'Structure model' pdbx_struct_oper_list 
5  4 'Structure model' struct_conn           
6  4 'Structure model' struct_site           
7  5 'Structure model' chem_comp_atom        
8  5 'Structure model' chem_comp_bond        
9  5 'Structure model' entity                
10 5 'Structure model' pdbx_entity_src_syn   
# 
loop_
_pdbx_audit_revision_item.ordinal 
_pdbx_audit_revision_item.revision_ordinal 
_pdbx_audit_revision_item.data_content_type 
_pdbx_audit_revision_item.item 
1 4 'Structure model' '_database_2.pdbx_DOI'                
2 4 'Structure model' '_database_2.pdbx_database_accession' 
3 4 'Structure model' '_pdbx_database_status.process_site'  
4 4 'Structure model' '_struct_conn.pdbx_leaving_atom_flag' 
5 4 'Structure model' '_struct_site.pdbx_auth_asym_id'      
6 4 'Structure model' '_struct_site.pdbx_auth_comp_id'      
7 4 'Structure model' '_struct_site.pdbx_auth_seq_id'       
8 5 'Structure model' '_entity.details'                     
# 
_pdbx_database_status.status_code                     REL 
_pdbx_database_status.entry_id                        199D 
_pdbx_database_status.recvd_initial_deposition_date   1994-12-01 
_pdbx_database_status.deposit_site                    ? 
_pdbx_database_status.process_site                    BNL 
_pdbx_database_status.SG_entry                        ? 
_pdbx_database_status.status_code_sf                  ? 
_pdbx_database_status.status_code_mr                  ? 
_pdbx_database_status.pdb_format_compatible           Y 
_pdbx_database_status.status_code_cs                  ? 
_pdbx_database_status.status_code_nmr_data            ? 
_pdbx_database_status.methods_development_category    ? 
# 
loop_
_audit_author.name 
_audit_author.pdbx_ordinal 
'Sastry, M.'  1 
'Fiala, R.'   2 
'Lipman, R.'  3 
'Tomasz, M.'  4 
'Patel, D.J.' 5 
# 
_citation.id                        primary 
_citation.title                     'Solution structure of the monoalkylated mitomycin C-DNA complex.' 
_citation.journal_abbrev            J.Mol.Biol. 
_citation.journal_volume            247 
_citation.page_first                338 
_citation.page_last                 359 
_citation.year                      1995 
_citation.journal_id_ASTM           JMOBAK 
_citation.country                   UK 
_citation.journal_id_ISSN           0022-2836 
_citation.journal_id_CSD            0070 
_citation.book_publisher            ? 
_citation.pdbx_database_id_PubMed   7707379 
_citation.pdbx_database_id_DOI      10.1006/jmbi.1994.0143 
# 
loop_
_citation_author.citation_id 
_citation_author.name 
_citation_author.ordinal 
_citation_author.identifier_ORCID 
primary 'Sastry, M.'  1 ? 
primary 'Fiala, R.'   2 ? 
primary 'Lipman, R.'  3 ? 
primary 'Tomasz, M.'  4 ? 
primary 'Patel, D.J.' 5 ? 
# 
loop_
_entity.id 
_entity.type 
_entity.src_method 
_entity.pdbx_description 
_entity.formula_weight 
_entity.pdbx_number_of_molecules 
_entity.pdbx_ec 
_entity.pdbx_mutation 
_entity.pdbx_fragment 
_entity.details 
1 polymer     syn 
;DNA (5'-D(*(DI)P*CP*AP*CP*GP*TP*CP*(DI)P*T)-3')
;
2701.770 1 ? ? ? ?                        
2 polymer     syn 
;DNA (5'-D(*AP*CP*GP*AP*CP*GP*TP*GP*C)-3')
;
2740.812 1 ? ? ? ?                        
3 non-polymer syn 'CARBAMIC ACID 2,6-DIAMINO-5-METHYL-4,7-DIOXO-2,3,4,7-TETRAHYDRO-1H-3A-AZA-CYCLOPENTA[A]INDEN-8-YLMETHYL ESTER' 
304.301  1 ? ? ? 'CHEMICALLY SYNTHESIZED' 
# 
loop_
_entity_keywords.entity_id 
_entity_keywords.text 
1 'DEOXYRIBONUCLEIC ACID' 
2 'DEOXYRIBONUCLEIC ACID' 
# 
loop_
_entity_poly.entity_id 
_entity_poly.type 
_entity_poly.nstd_linkage 
_entity_poly.nstd_monomer 
_entity_poly.pdbx_seq_one_letter_code 
_entity_poly.pdbx_seq_one_letter_code_can 
_entity_poly.pdbx_strand_id 
_entity_poly.pdbx_target_identifier 
1 polydeoxyribonucleotide no no '(DI)(DC)(DA)(DC)(DG)(DT)(DC)(DI)(DT)' ICACGTCIT A ? 
2 polydeoxyribonucleotide no no '(DA)(DC)(DG)(DA)(DC)(DG)(DT)(DG)(DC)' ACGACGTGC B ? 
# 
_pdbx_entity_nonpoly.entity_id   3 
_pdbx_entity_nonpoly.name        
'CARBAMIC ACID 2,6-DIAMINO-5-METHYL-4,7-DIOXO-2,3,4,7-TETRAHYDRO-1H-3A-AZA-CYCLOPENTA[A]INDEN-8-YLMETHYL ESTER' 
_pdbx_entity_nonpoly.comp_id     MOC 
# 
loop_
_entity_poly_seq.entity_id 
_entity_poly_seq.num 
_entity_poly_seq.mon_id 
_entity_poly_seq.hetero 
1 1 DI n 
1 2 DC n 
1 3 DA n 
1 4 DC n 
1 5 DG n 
1 6 DT n 
1 7 DC n 
1 8 DI n 
1 9 DT n 
2 1 DA n 
2 2 DC n 
2 3 DG n 
2 4 DA n 
2 5 DC n 
2 6 DG n 
2 7 DT n 
2 8 DG n 
2 9 DC n 
# 
loop_
_pdbx_entity_src_syn.entity_id 
_pdbx_entity_src_syn.pdbx_src_id 
_pdbx_entity_src_syn.pdbx_alt_source_flag 
_pdbx_entity_src_syn.pdbx_beg_seq_num 
_pdbx_entity_src_syn.pdbx_end_seq_num 
_pdbx_entity_src_syn.organism_scientific 
_pdbx_entity_src_syn.organism_common_name 
_pdbx_entity_src_syn.ncbi_taxonomy_id 
_pdbx_entity_src_syn.details 
1 1 sample ? ? ? ? ? 'CHEMICALLY SYNTHESIZED' 
2 1 sample ? ? ? ? ? 'CHEMICALLY SYNTHESIZED' 
# 
loop_
_chem_comp.id 
_chem_comp.type 
_chem_comp.mon_nstd_flag 
_chem_comp.name 
_chem_comp.pdbx_synonyms 
_chem_comp.formula 
_chem_comp.formula_weight 
DA  'DNA linking' y "2'-DEOXYADENOSINE-5'-MONOPHOSPHATE" ? 'C10 H14 N5 O6 P' 331.222 
DC  'DNA linking' y "2'-DEOXYCYTIDINE-5'-MONOPHOSPHATE" ? 'C9 H14 N3 O7 P'  307.197 
DG  'DNA linking' y "2'-DEOXYGUANOSINE-5'-MONOPHOSPHATE" ? 'C10 H14 N5 O7 P' 347.221 
DI  'DNA linking' y "2'-DEOXYINOSINE-5'-MONOPHOSPHATE" ? 'C10 H13 N4 O7 P' 332.207 
DT  'DNA linking' y "THYMIDINE-5'-MONOPHOSPHATE" ? 'C10 H15 N2 O8 P' 322.208 
MOC non-polymer   . 
'CARBAMIC ACID 2,6-DIAMINO-5-METHYL-4,7-DIOXO-2,3,4,7-TETRAHYDRO-1H-3A-AZA-CYCLOPENTA[A]INDEN-8-YLMETHYL ESTER' ? 'C14 H16 N4 O4' 
304.301 
# 
loop_
_pdbx_poly_seq_scheme.asym_id 
_pdbx_poly_seq_scheme.entity_id 
_pdbx_poly_seq_scheme.seq_id 
_pdbx_poly_seq_scheme.mon_id 
_pdbx_poly_seq_scheme.ndb_seq_num 
_pdbx_poly_seq_scheme.pdb_seq_num 
_pdbx_poly_seq_scheme.auth_seq_num 
_pdbx_poly_seq_scheme.pdb_mon_id 
_pdbx_poly_seq_scheme.auth_mon_id 
_pdbx_poly_seq_scheme.pdb_strand_id 
_pdbx_poly_seq_scheme.pdb_ins_code 
_pdbx_poly_seq_scheme.hetero 
A 1 1 DI 1 1  1  DI DI A . n 
A 1 2 DC 2 2  2  DC C  A . n 
A 1 3 DA 3 3  3  DA A  A . n 
A 1 4 DC 4 4  4  DC C  A . n 
A 1 5 DG 5 5  5  DG G  A . n 
A 1 6 DT 6 6  6  DT T  A . n 
A 1 7 DC 7 7  7  DC C  A . n 
A 1 8 DI 8 8  8  DI DI A . n 
A 1 9 DT 9 9  9  DT T  A . n 
B 2 1 DA 1 10 10 DA A  B . n 
B 2 2 DC 2 11 11 DC C  B . n 
B 2 3 DG 3 12 12 DG G  B . n 
B 2 4 DA 4 13 13 DA A  B . n 
B 2 5 DC 5 14 14 DC C  B . n 
B 2 6 DG 6 15 15 DG G  B . n 
B 2 7 DT 7 16 16 DT T  B . n 
B 2 8 DG 8 17 17 DG G  B . n 
B 2 9 DC 9 18 18 DC C  B . n 
# 
_pdbx_nonpoly_scheme.asym_id         C 
_pdbx_nonpoly_scheme.entity_id       3 
_pdbx_nonpoly_scheme.mon_id          MOC 
_pdbx_nonpoly_scheme.ndb_seq_num     1 
_pdbx_nonpoly_scheme.pdb_seq_num     19 
_pdbx_nonpoly_scheme.auth_seq_num    19 
_pdbx_nonpoly_scheme.pdb_mon_id      MOC 
_pdbx_nonpoly_scheme.auth_mon_id     MOC 
_pdbx_nonpoly_scheme.pdb_strand_id   A 
_pdbx_nonpoly_scheme.pdb_ins_code    . 
# 
loop_
_software.name 
_software.classification 
_software.version 
_software.citation_id 
_software.pdbx_ordinal 
X-PLOR 'model building' . ? 1 
X-PLOR refinement       . ? 2 
X-PLOR phasing          . ? 3 
# 
_cell.entry_id           199D 
_cell.length_a           1.000 
_cell.length_b           1.000 
_cell.length_c           1.000 
_cell.angle_alpha        90.00 
_cell.angle_beta         90.00 
_cell.angle_gamma        90.00 
_cell.Z_PDB              1 
_cell.pdbx_unique_axis   ? 
# 
_symmetry.entry_id                         199D 
_symmetry.space_group_name_H-M             'P 1' 
_symmetry.pdbx_full_space_group_name_H-M   ? 
_symmetry.cell_setting                     ? 
_symmetry.Int_Tables_number                1 
# 
_exptl.entry_id          199D 
_exptl.method            'SOLUTION NMR' 
_exptl.crystals_number   ? 
# 
_struct.entry_id                  199D 
_struct.title                     'Solution structure of the monoalkylated mitomycin c-DNA complex' 
_struct.pdbx_model_details        ? 
_struct.pdbx_CASP_flag            ? 
_struct.pdbx_model_type_details   ? 
# 
_struct_keywords.entry_id        199D 
_struct_keywords.pdbx_keywords   DNA 
_struct_keywords.text            'DNA, MITOMYCIN, DOUBLE HELIX' 
# 
loop_
_struct_asym.id 
_struct_asym.pdbx_blank_PDB_chainid_flag 
_struct_asym.pdbx_modified 
_struct_asym.entity_id 
_struct_asym.details 
A N N 1 ? 
B N N 2 ? 
C N N 3 ? 
# 
loop_
_struct_ref.id 
_struct_ref.entity_id 
_struct_ref.db_name 
_struct_ref.db_code 
_struct_ref.pdbx_db_accession 
_struct_ref.pdbx_db_isoform 
_struct_ref.pdbx_seq_one_letter_code 
_struct_ref.pdbx_align_begin 
1 1 PDB 199D 199D ? ? ? 
2 2 PDB 199D 199D ? ? ? 
# 
loop_
_struct_ref_seq.align_id 
_struct_ref_seq.ref_id 
_struct_ref_seq.pdbx_PDB_id_code 
_struct_ref_seq.pdbx_strand_id 
_struct_ref_seq.seq_align_beg 
_struct_ref_seq.pdbx_seq_align_beg_ins_code 
_struct_ref_seq.seq_align_end 
_struct_ref_seq.pdbx_seq_align_end_ins_code 
_struct_ref_seq.pdbx_db_accession 
_struct_ref_seq.db_align_beg 
_struct_ref_seq.pdbx_db_align_beg_ins_code 
_struct_ref_seq.db_align_end 
_struct_ref_seq.pdbx_db_align_end_ins_code 
_struct_ref_seq.pdbx_auth_seq_align_beg 
_struct_ref_seq.pdbx_auth_seq_align_end 
1 1 199D A 1 ? 9 ? 199D 1  ? 9  ? 1  9  
2 2 199D B 1 ? 9 ? 199D 10 ? 18 ? 10 18 
# 
_pdbx_struct_assembly.id                   1 
_pdbx_struct_assembly.details              author_defined_assembly 
_pdbx_struct_assembly.method_details       ? 
_pdbx_struct_assembly.oligomeric_details   dimeric 
_pdbx_struct_assembly.oligomeric_count     2 
# 
_pdbx_struct_assembly_gen.assembly_id       1 
_pdbx_struct_assembly_gen.oper_expression   1 
_pdbx_struct_assembly_gen.asym_id_list      A,B,C 
# 
_pdbx_struct_oper_list.id                   1 
_pdbx_struct_oper_list.type                 'identity operation' 
_pdbx_struct_oper_list.name                 1_555 
_pdbx_struct_oper_list.symmetry_operation   x,y,z 
_pdbx_struct_oper_list.matrix[1][1]         1.0000000000 
_pdbx_struct_oper_list.matrix[1][2]         0.0000000000 
_pdbx_struct_oper_list.matrix[1][3]         0.0000000000 
_pdbx_struct_oper_list.vector[1]            0.0000000000 
_pdbx_struct_oper_list.matrix[2][1]         0.0000000000 
_pdbx_struct_oper_list.matrix[2][2]         1.0000000000 
_pdbx_struct_oper_list.matrix[2][3]         0.0000000000 
_pdbx_struct_oper_list.vector[2]            0.0000000000 
_pdbx_struct_oper_list.matrix[3][1]         0.0000000000 
_pdbx_struct_oper_list.matrix[3][2]         0.0000000000 
_pdbx_struct_oper_list.matrix[3][3]         1.0000000000 
_pdbx_struct_oper_list.vector[3]            0.0000000000 
# 
_struct_biol.id        1 
_struct_biol.details   ? 
# 
loop_
_struct_conn.id 
_struct_conn.conn_type_id 
_struct_conn.pdbx_leaving_atom_flag 
_struct_conn.pdbx_PDB_id 
_struct_conn.ptnr1_label_asym_id 
_struct_conn.ptnr1_label_comp_id 
_struct_conn.ptnr1_label_seq_id 
_struct_conn.ptnr1_label_atom_id 
_struct_conn.pdbx_ptnr1_label_alt_id 
_struct_conn.pdbx_ptnr1_PDB_ins_code 
_struct_conn.pdbx_ptnr1_standard_comp_id 
_struct_conn.ptnr1_symmetry 
_struct_conn.ptnr2_label_asym_id 
_struct_conn.ptnr2_label_comp_id 
_struct_conn.ptnr2_label_seq_id 
_struct_conn.ptnr2_label_atom_id 
_struct_conn.pdbx_ptnr2_label_alt_id 
_struct_conn.pdbx_ptnr2_PDB_ins_code 
_struct_conn.ptnr1_auth_asym_id 
_struct_conn.ptnr1_auth_comp_id 
_struct_conn.ptnr1_auth_seq_id 
_struct_conn.ptnr2_auth_asym_id 
_struct_conn.ptnr2_auth_comp_id 
_struct_conn.ptnr2_auth_seq_id 
_struct_conn.ptnr2_symmetry 
_struct_conn.pdbx_ptnr3_label_atom_id 
_struct_conn.pdbx_ptnr3_label_seq_id 
_struct_conn.pdbx_ptnr3_label_comp_id 
_struct_conn.pdbx_ptnr3_label_asym_id 
_struct_conn.pdbx_ptnr3_label_alt_id 
_struct_conn.pdbx_ptnr3_PDB_ins_code 
_struct_conn.details 
_struct_conn.pdbx_dist_value 
_struct_conn.pdbx_value_order 
_struct_conn.pdbx_role 
covale1  covale none ? A DG 5 N2 ? ? ? 1_555 C MOC . C1 ? ? A DG 5 A MOC 19 1_555 ? ? ? ? ? ? ?            1.431 ? ? 
hydrog1  hydrog ?    ? A DC 2 N3 ? ? ? 1_555 B DG  8 N1 ? ? A DC 2 B DG  17 1_555 ? ? ? ? ? ? WATSON-CRICK ?     ? ? 
hydrog2  hydrog ?    ? A DC 2 N4 ? ? ? 1_555 B DG  8 O6 ? ? A DC 2 B DG  17 1_555 ? ? ? ? ? ? WATSON-CRICK ?     ? ? 
hydrog3  hydrog ?    ? A DC 2 O2 ? ? ? 1_555 B DG  8 N2 ? ? A DC 2 B DG  17 1_555 ? ? ? ? ? ? WATSON-CRICK ?     ? ? 
hydrog4  hydrog ?    ? A DA 3 N1 ? ? ? 1_555 B DT  7 N3 ? ? A DA 3 B DT  16 1_555 ? ? ? ? ? ? WATSON-CRICK ?     ? ? 
hydrog5  hydrog ?    ? A DA 3 N6 ? ? ? 1_555 B DT  7 O4 ? ? A DA 3 B DT  16 1_555 ? ? ? ? ? ? WATSON-CRICK ?     ? ? 
hydrog6  hydrog ?    ? A DC 4 N3 ? ? ? 1_555 B DG  6 N1 ? ? A DC 4 B DG  15 1_555 ? ? ? ? ? ? WATSON-CRICK ?     ? ? 
hydrog7  hydrog ?    ? A DC 4 N4 ? ? ? 1_555 B DG  6 O6 ? ? A DC 4 B DG  15 1_555 ? ? ? ? ? ? WATSON-CRICK ?     ? ? 
hydrog8  hydrog ?    ? A DC 4 O2 ? ? ? 1_555 B DG  6 N2 ? ? A DC 4 B DG  15 1_555 ? ? ? ? ? ? WATSON-CRICK ?     ? ? 
hydrog9  hydrog ?    ? A DG 5 N1 ? ? ? 1_555 B DC  5 N3 ? ? A DG 5 B DC  14 1_555 ? ? ? ? ? ? WATSON-CRICK ?     ? ? 
hydrog10 hydrog ?    ? A DG 5 N2 ? ? ? 1_555 B DC  5 O2 ? ? A DG 5 B DC  14 1_555 ? ? ? ? ? ? WATSON-CRICK ?     ? ? 
hydrog11 hydrog ?    ? A DG 5 O6 ? ? ? 1_555 B DC  5 N4 ? ? A DG 5 B DC  14 1_555 ? ? ? ? ? ? WATSON-CRICK ?     ? ? 
hydrog12 hydrog ?    ? A DT 6 N3 ? ? ? 1_555 B DA  4 N1 ? ? A DT 6 B DA  13 1_555 ? ? ? ? ? ? WATSON-CRICK ?     ? ? 
hydrog13 hydrog ?    ? A DT 6 O4 ? ? ? 1_555 B DA  4 N6 ? ? A DT 6 B DA  13 1_555 ? ? ? ? ? ? WATSON-CRICK ?     ? ? 
hydrog14 hydrog ?    ? A DC 7 N3 ? ? ? 1_555 B DG  3 N1 ? ? A DC 7 B DG  12 1_555 ? ? ? ? ? ? WATSON-CRICK ?     ? ? 
hydrog15 hydrog ?    ? A DC 7 N4 ? ? ? 1_555 B DG  3 O6 ? ? A DC 7 B DG  12 1_555 ? ? ? ? ? ? WATSON-CRICK ?     ? ? 
hydrog16 hydrog ?    ? A DC 7 O2 ? ? ? 1_555 B DG  3 N2 ? ? A DC 7 B DG  12 1_555 ? ? ? ? ? ? WATSON-CRICK ?     ? ? 
hydrog17 hydrog ?    ? A DT 9 N3 ? ? ? 1_555 B DA  1 N1 ? ? A DT 9 B DA  10 1_555 ? ? ? ? ? ? WATSON-CRICK ?     ? ? 
hydrog18 hydrog ?    ? A DT 9 O4 ? ? ? 1_555 B DA  1 N6 ? ? A DT 9 B DA  10 1_555 ? ? ? ? ? ? WATSON-CRICK ?     ? ? 
# 
loop_
_struct_conn_type.id 
_struct_conn_type.criteria 
_struct_conn_type.reference 
covale ? ? 
hydrog ? ? 
# 
_struct_site.id                   AC1 
_struct_site.pdbx_evidence_code   Software 
_struct_site.pdbx_auth_asym_id    A 
_struct_site.pdbx_auth_comp_id    MOC 
_struct_site.pdbx_auth_seq_id     19 
_struct_site.pdbx_auth_ins_code   ? 
_struct_site.pdbx_num_residues    6 
_struct_site.details              'BINDING SITE FOR RESIDUE MOC A 19' 
# 
loop_
_struct_site_gen.id 
_struct_site_gen.site_id 
_struct_site_gen.pdbx_num_res 
_struct_site_gen.label_comp_id 
_struct_site_gen.label_asym_id 
_struct_site_gen.label_seq_id 
_struct_site_gen.pdbx_auth_ins_code 
_struct_site_gen.auth_comp_id 
_struct_site_gen.auth_asym_id 
_struct_site_gen.auth_seq_id 
_struct_site_gen.label_atom_id 
_struct_site_gen.label_alt_id 
_struct_site_gen.symmetry 
_struct_site_gen.details 
1 AC1 6 DG A 5 ? DG A 5  . ? 1_555 ? 
2 AC1 6 DT A 6 ? DT A 6  . ? 1_555 ? 
3 AC1 6 DC A 7 ? DC A 7  . ? 1_555 ? 
4 AC1 6 DC B 5 ? DC B 14 . ? 1_555 ? 
5 AC1 6 DG B 6 ? DG B 15 . ? 1_555 ? 
6 AC1 6 DT B 7 ? DT B 16 . ? 1_555 ? 
# 
loop_
_pdbx_validate_rmsd_bond.id 
_pdbx_validate_rmsd_bond.PDB_model_num 
_pdbx_validate_rmsd_bond.auth_atom_id_1 
_pdbx_validate_rmsd_bond.auth_asym_id_1 
_pdbx_validate_rmsd_bond.auth_comp_id_1 
_pdbx_validate_rmsd_bond.auth_seq_id_1 
_pdbx_validate_rmsd_bond.PDB_ins_code_1 
_pdbx_validate_rmsd_bond.label_alt_id_1 
_pdbx_validate_rmsd_bond.auth_atom_id_2 
_pdbx_validate_rmsd_bond.auth_asym_id_2 
_pdbx_validate_rmsd_bond.auth_comp_id_2 
_pdbx_validate_rmsd_bond.auth_seq_id_2 
_pdbx_validate_rmsd_bond.PDB_ins_code_2 
_pdbx_validate_rmsd_bond.label_alt_id_2 
_pdbx_validate_rmsd_bond.bond_value 
_pdbx_validate_rmsd_bond.bond_target_value 
_pdbx_validate_rmsd_bond.bond_deviation 
_pdbx_validate_rmsd_bond.bond_standard_deviation 
_pdbx_validate_rmsd_bond.linker_flag 
1 1 C5 A DT 6 ? ? C7 A DT 6 ? ? 1.536 1.496 0.040 0.006 N 
2 1 C5 A DT 9 ? ? C7 A DT 9 ? ? 1.534 1.496 0.038 0.006 N 
3 2 C5 A DT 6 ? ? C7 A DT 6 ? ? 1.538 1.496 0.042 0.006 N 
4 2 C5 A DT 9 ? ? C7 A DT 9 ? ? 1.535 1.496 0.039 0.006 N 
5 3 C5 A DT 6 ? ? C7 A DT 6 ? ? 1.540 1.496 0.044 0.006 N 
6 3 C5 A DT 9 ? ? C7 A DT 9 ? ? 1.538 1.496 0.042 0.006 N 
# 
loop_
_pdbx_validate_rmsd_angle.id 
_pdbx_validate_rmsd_angle.PDB_model_num 
_pdbx_validate_rmsd_angle.auth_atom_id_1 
_pdbx_validate_rmsd_angle.auth_asym_id_1 
_pdbx_validate_rmsd_angle.auth_comp_id_1 
_pdbx_validate_rmsd_angle.auth_seq_id_1 
_pdbx_validate_rmsd_angle.PDB_ins_code_1 
_pdbx_validate_rmsd_angle.label_alt_id_1 
_pdbx_validate_rmsd_angle.auth_atom_id_2 
_pdbx_validate_rmsd_angle.auth_asym_id_2 
_pdbx_validate_rmsd_angle.auth_comp_id_2 
_pdbx_validate_rmsd_angle.auth_seq_id_2 
_pdbx_validate_rmsd_angle.PDB_ins_code_2 
_pdbx_validate_rmsd_angle.label_alt_id_2 
_pdbx_validate_rmsd_angle.auth_atom_id_3 
_pdbx_validate_rmsd_angle.auth_asym_id_3 
_pdbx_validate_rmsd_angle.auth_comp_id_3 
_pdbx_validate_rmsd_angle.auth_seq_id_3 
_pdbx_validate_rmsd_angle.PDB_ins_code_3 
_pdbx_validate_rmsd_angle.label_alt_id_3 
_pdbx_validate_rmsd_angle.angle_value 
_pdbx_validate_rmsd_angle.angle_target_value 
_pdbx_validate_rmsd_angle.angle_deviation 
_pdbx_validate_rmsd_angle.angle_standard_deviation 
_pdbx_validate_rmsd_angle.linker_flag 
1  1 "O4'" A DC 2  ? ? "C4'" A DC 2  ? ? "C3'" A DC 2  ? ? 109.62 106.00 3.62  0.60 N 
2  1 "O4'" A DC 2  ? ? "C1'" A DC 2  ? ? "C2'" A DC 2  ? ? 100.95 105.90 -4.95 0.80 N 
3  1 "C3'" A DC 2  ? ? "O3'" A DC 2  ? ? P     A DA 3  ? ? 130.09 119.70 10.39 1.20 Y 
4  1 "O4'" A DA 3  ? ? "C1'" A DA 3  ? ? N9    A DA 3  ? ? 102.76 108.00 -5.24 0.70 N 
5  1 "C3'" A DA 3  ? ? "O3'" A DA 3  ? ? P     A DC 4  ? ? 128.82 119.70 9.12  1.20 Y 
6  1 "C4'" A DC 4  ? ? "C3'" A DC 4  ? ? "C2'" A DC 4  ? ? 97.71  102.20 -4.49 0.70 N 
7  1 "O4'" A DC 4  ? ? "C1'" A DC 4  ? ? "C2'" A DC 4  ? ? 100.28 105.90 -5.62 0.80 N 
8  1 N1    A DC 4  ? ? C2    A DC 4  ? ? O2    A DC 4  ? ? 122.69 118.90 3.79  0.60 N 
9  1 "O4'" A DG 5  ? ? "C1'" A DG 5  ? ? "C2'" A DG 5  ? ? 100.55 105.90 -5.35 0.80 N 
10 1 "O4'" A DG 5  ? ? "C1'" A DG 5  ? ? N9    A DG 5  ? ? 110.90 108.30 2.60  0.30 N 
11 1 "O4'" A DT 6  ? ? "C1'" A DT 6  ? ? N1    A DT 6  ? ? 113.77 108.30 5.47  0.30 N 
12 1 "O4'" A DC 7  ? ? "C1'" A DC 7  ? ? N1    A DC 7  ? ? 110.86 108.30 2.56  0.30 N 
13 1 "C1'" B DA 10 ? ? "O4'" B DA 10 ? ? "C4'" B DA 10 ? ? 100.97 110.10 -9.13 1.00 N 
14 1 "O4'" B DA 10 ? ? "C1'" B DA 10 ? ? "C2'" B DA 10 ? ? 99.85  105.90 -6.05 0.80 N 
15 1 "O4'" B DA 10 ? ? "C1'" B DA 10 ? ? N9    B DA 10 ? ? 114.43 108.30 6.13  0.30 N 
16 1 "C5'" B DG 12 ? ? "C4'" B DG 12 ? ? "O4'" B DG 12 ? ? 116.54 109.80 6.74  1.10 N 
17 1 "O4'" B DG 12 ? ? "C1'" B DG 12 ? ? "C2'" B DG 12 ? ? 100.28 105.90 -5.62 0.80 N 
18 1 "O4'" B DG 12 ? ? "C1'" B DG 12 ? ? N9    B DG 12 ? ? 114.76 108.30 6.46  0.30 N 
19 1 "O4'" B DC 14 ? ? "C1'" B DC 14 ? ? N1    B DC 14 ? ? 103.72 108.00 -4.28 0.70 N 
20 1 N1    B DC 14 ? ? C2    B DC 14 ? ? O2    B DC 14 ? ? 122.56 118.90 3.66  0.60 N 
21 1 "C5'" B DG 15 ? ? "C4'" B DG 15 ? ? "O4'" B DG 15 ? ? 116.91 109.80 7.11  1.10 N 
22 1 "O4'" B DG 15 ? ? "C1'" B DG 15 ? ? "C2'" B DG 15 ? ? 99.03  105.90 -6.87 0.80 N 
23 1 "O4'" B DG 15 ? ? "C1'" B DG 15 ? ? N9    B DG 15 ? ? 110.80 108.30 2.50  0.30 N 
24 1 "O4'" B DT 16 ? ? "C1'" B DT 16 ? ? "C2'" B DT 16 ? ? 101.10 105.90 -4.80 0.80 N 
25 1 "O4'" B DT 16 ? ? "C1'" B DT 16 ? ? N1    B DT 16 ? ? 116.98 108.30 8.68  0.30 N 
26 1 "O4'" B DG 17 ? ? "C1'" B DG 17 ? ? N9    B DG 17 ? ? 113.95 108.30 5.65  0.30 N 
27 1 "C4'" B DC 18 ? ? "C3'" B DC 18 ? ? "C2'" B DC 18 ? ? 97.09  102.20 -5.11 0.70 N 
28 1 "O4'" B DC 18 ? ? "C1'" B DC 18 ? ? N1    B DC 18 ? ? 113.76 108.30 5.46  0.30 N 
29 2 "O4'" A DC 2  ? ? "C4'" A DC 2  ? ? "C3'" A DC 2  ? ? 109.70 106.00 3.70  0.60 N 
30 2 "O4'" A DC 2  ? ? "C1'" A DC 2  ? ? "C2'" A DC 2  ? ? 100.60 105.90 -5.30 0.80 N 
31 2 "O4'" A DC 4  ? ? "C1'" A DC 4  ? ? "C2'" A DC 4  ? ? 98.00  105.90 -7.90 0.80 N 
32 2 "O4'" A DC 4  ? ? "C1'" A DC 4  ? ? N1    A DC 4  ? ? 112.83 108.30 4.53  0.30 N 
33 2 N1    A DC 4  ? ? C2    A DC 4  ? ? O2    A DC 4  ? ? 122.57 118.90 3.67  0.60 N 
34 2 "C4'" A DG 5  ? ? "C3'" A DG 5  ? ? "C2'" A DG 5  ? ? 97.94  102.20 -4.26 0.70 N 
35 2 "O4'" A DG 5  ? ? "C1'" A DG 5  ? ? "C2'" A DG 5  ? ? 100.73 105.90 -5.17 0.80 N 
36 2 "O4'" A DT 6  ? ? "C1'" A DT 6  ? ? N1    A DT 6  ? ? 113.34 108.30 5.04  0.30 N 
37 2 "O4'" A DC 7  ? ? "C1'" A DC 7  ? ? N1    A DC 7  ? ? 111.98 108.30 3.68  0.30 N 
38 2 "C1'" B DA 10 ? ? "O4'" B DA 10 ? ? "C4'" B DA 10 ? ? 100.77 110.10 -9.33 1.00 N 
39 2 "O4'" B DA 10 ? ? "C1'" B DA 10 ? ? "C2'" B DA 10 ? ? 100.96 105.90 -4.94 0.80 N 
40 2 "O4'" B DA 10 ? ? "C1'" B DA 10 ? ? N9    B DA 10 ? ? 114.69 108.30 6.39  0.30 N 
41 2 "C3'" B DA 10 ? ? "O3'" B DA 10 ? ? P     B DC 11 ? ? 128.47 119.70 8.77  1.20 Y 
42 2 "C5'" B DG 12 ? ? "C4'" B DG 12 ? ? "O4'" B DG 12 ? ? 118.07 109.80 8.27  1.10 N 
43 2 "O4'" B DG 12 ? ? "C1'" B DG 12 ? ? "C2'" B DG 12 ? ? 100.46 105.90 -5.44 0.80 N 
44 2 "C3'" B DG 12 ? ? "O3'" B DG 12 ? ? P     B DA 13 ? ? 130.24 119.70 10.54 1.20 Y 
45 2 "O4'" B DG 15 ? ? "C1'" B DG 15 ? ? "C2'" B DG 15 ? ? 99.71  105.90 -6.19 0.80 N 
46 2 "O4'" B DG 15 ? ? "C1'" B DG 15 ? ? N9    B DG 15 ? ? 110.40 108.30 2.10  0.30 N 
47 2 "O4'" B DT 16 ? ? "C1'" B DT 16 ? ? N1    B DT 16 ? ? 120.42 108.30 12.12 0.30 N 
48 2 "O4'" B DG 17 ? ? "C1'" B DG 17 ? ? N9    B DG 17 ? ? 112.89 108.30 4.59  0.30 N 
49 2 "O4'" B DC 18 ? ? "C1'" B DC 18 ? ? N1    B DC 18 ? ? 110.43 108.30 2.13  0.30 N 
50 3 "C3'" A DI 1  ? ? "O3'" A DI 1  ? ? P     A DC 2  ? ? 126.91 119.70 7.21  1.20 Y 
51 3 "O4'" A DC 2  ? ? "C1'" A DC 2  ? ? "C2'" A DC 2  ? ? 99.81  105.90 -6.09 0.80 N 
52 3 N1    A DC 2  ? ? C2    A DC 2  ? ? O2    A DC 2  ? ? 122.94 118.90 4.04  0.60 N 
53 3 "O4'" A DA 3  ? ? "C1'" A DA 3  ? ? N9    A DA 3  ? ? 103.41 108.00 -4.59 0.70 N 
54 3 "O4'" A DC 4  ? ? "C1'" A DC 4  ? ? "C2'" A DC 4  ? ? 97.81  105.90 -8.09 0.80 N 
55 3 "O4'" A DC 4  ? ? "C1'" A DC 4  ? ? N1    A DC 4  ? ? 113.22 108.30 4.92  0.30 N 
56 3 N1    A DC 4  ? ? C2    A DC 4  ? ? O2    A DC 4  ? ? 122.63 118.90 3.73  0.60 N 
57 3 "O4'" A DG 5  ? ? "C1'" A DG 5  ? ? N9    A DG 5  ? ? 110.80 108.30 2.50  0.30 N 
58 3 "O4'" A DT 6  ? ? "C1'" A DT 6  ? ? "C2'" A DT 6  ? ? 99.58  105.90 -6.32 0.80 N 
59 3 "O4'" A DT 6  ? ? "C1'" A DT 6  ? ? N1    A DT 6  ? ? 111.75 108.30 3.45  0.30 N 
60 3 "O4'" A DC 7  ? ? "C1'" A DC 7  ? ? N1    A DC 7  ? ? 110.47 108.30 2.17  0.30 N 
61 3 "C1'" A DT 9  ? ? "O4'" A DT 9  ? ? "C4'" A DT 9  ? ? 103.75 110.10 -6.35 1.00 N 
62 3 "C1'" B DA 10 ? ? "O4'" B DA 10 ? ? "C4'" B DA 10 ? ? 100.91 110.10 -9.19 1.00 N 
63 3 "O4'" B DA 10 ? ? "C1'" B DA 10 ? ? "C2'" B DA 10 ? ? 100.01 105.90 -5.89 0.80 N 
64 3 "O4'" B DA 10 ? ? "C1'" B DA 10 ? ? N9    B DA 10 ? ? 113.81 108.30 5.51  0.30 N 
65 3 "C3'" B DA 10 ? ? "O3'" B DA 10 ? ? P     B DC 11 ? ? 127.11 119.70 7.41  1.20 Y 
66 3 "O4'" B DG 12 ? ? "C1'" B DG 12 ? ? "C2'" B DG 12 ? ? 100.89 105.90 -5.01 0.80 N 
67 3 "O4'" B DG 12 ? ? "C1'" B DG 12 ? ? N9    B DG 12 ? ? 116.22 108.30 7.92  0.30 N 
68 3 N1    B DC 14 ? ? C2    B DC 14 ? ? O2    B DC 14 ? ? 122.55 118.90 3.65  0.60 N 
69 3 "C3'" B DC 14 ? ? "O3'" B DC 14 ? ? P     B DG 15 ? ? 127.24 119.70 7.54  1.20 Y 
70 3 "O4'" B DG 15 ? ? "C1'" B DG 15 ? ? "C2'" B DG 15 ? ? 100.12 105.90 -5.78 0.80 N 
71 3 "O4'" B DG 15 ? ? "C1'" B DG 15 ? ? N9    B DG 15 ? ? 110.31 108.30 2.01  0.30 N 
72 3 "O4'" B DT 16 ? ? "C1'" B DT 16 ? ? N1    B DT 16 ? ? 119.96 108.30 11.66 0.30 N 
73 3 "O4'" B DG 17 ? ? "C1'" B DG 17 ? ? N9    B DG 17 ? ? 113.24 108.30 4.94  0.30 N 
74 3 "O4'" B DC 18 ? ? "C1'" B DC 18 ? ? N1    B DC 18 ? ? 112.52 108.30 4.22  0.30 N 
# 
_pdbx_nmr_ensemble.entry_id                                      199D 
_pdbx_nmr_ensemble.conformers_calculated_total_number            3 
_pdbx_nmr_ensemble.conformers_submitted_total_number             3 
_pdbx_nmr_ensemble.conformer_selection_criteria                  'all calculated structures submitted' 
_pdbx_nmr_ensemble.average_constraints_per_residue               ? 
_pdbx_nmr_ensemble.average_constraint_violations_per_residue     ? 
_pdbx_nmr_ensemble.maximum_distance_constraint_violation         ? 
_pdbx_nmr_ensemble.average_distance_constraint_violation         ? 
_pdbx_nmr_ensemble.maximum_upper_distance_constraint_violation   ? 
_pdbx_nmr_ensemble.maximum_lower_distance_constraint_violation   ? 
_pdbx_nmr_ensemble.distance_constraint_violation_method          ? 
_pdbx_nmr_ensemble.maximum_torsion_angle_constraint_violation    ? 
_pdbx_nmr_ensemble.average_torsion_angle_constraint_violation    ? 
_pdbx_nmr_ensemble.torsion_angle_constraint_violation_method     ? 
# 
_pdbx_nmr_refine.entry_id           199D 
_pdbx_nmr_refine.method             'MOLECULAR DYNAMICS, MATRIX RELAXATION' 
_pdbx_nmr_refine.details            
;THREE STARTING STRUCTURES WERE OBTAINED BY MANUALLY DOCKING MITOMYCIN C ON A FORM AND B FORM DNA. THESE WERE SUBSEQUENTLY REFINED BY DISTANCE-RESTRAINED MOLECULAR DYNAMICS USING A SET OF INTER-PROTON DISTANCES DERIVED FROM NMR DATA. THE THREE DISTANCE-REFINED STRUCTURES WERE REFINED FURTHER USING RELAXATION-MATRIX BASED NOE INTENSITY-RESTRAINED MOLECULAR DYNAMICS. THE FINAL THREE STRUCTURES WERE OBTAINED BY TAKING THE AVERAGE COORDINATES OF THE LAST 1.5 PS OF THE DYNAMICS DURING RELAXATION MATRIX REFINEMENT AND MINIMIZED. THE R(1/6) VALUE WAS USED TO REFINE THE STRUCTURE DURING RELAXATION MATRIX REFINEMENT. THE SUMMATIONS RUN THROUGH OBSERVED, QUANTIFIABLE NOE CROSSPEAKS IN NOESY SPECTRA RECORDED IN D2O AND MIXING TIMES OF 30, 60, 90, 120, 200 AND 300 MS. THE R(1/6) FACTOR AND THE RMS DEVIATIONS FROM IDEAL GEOMETRY FOR THE THREE FINAL STRUCTURES ARE: MDL1 MDL2 MDL3 R(1/6) FACTOR 0.027 0.026 0.026 BOND (ANG) 0.008 0.008 0.008 ANGLE (DEG) 2.913 2.931 2.949 IMPROPER (DEG) 0.361 0.393 0.372
;
_pdbx_nmr_refine.software_ordinal   1 
# 
_pdbx_nmr_software.name             X-PLOR 
_pdbx_nmr_software.version          ? 
_pdbx_nmr_software.classification   refinement 
_pdbx_nmr_software.authors          BRUNGER 
_pdbx_nmr_software.ordinal          1 
# 
loop_
_chem_comp_atom.comp_id 
_chem_comp_atom.atom_id 
_chem_comp_atom.type_symbol 
_chem_comp_atom.pdbx_aromatic_flag 
_chem_comp_atom.pdbx_stereo_config 
_chem_comp_atom.pdbx_ordinal 
DA  OP3    O N N 1   
DA  P      P N N 2   
DA  OP1    O N N 3   
DA  OP2    O N N 4   
DA  "O5'"  O N N 5   
DA  "C5'"  C N N 6   
DA  "C4'"  C N R 7   
DA  "O4'"  O N N 8   
DA  "C3'"  C N S 9   
DA  "O3'"  O N N 10  
DA  "C2'"  C N N 11  
DA  "C1'"  C N R 12  
DA  N9     N Y N 13  
DA  C8     C Y N 14  
DA  N7     N Y N 15  
DA  C5     C Y N 16  
DA  C6     C Y N 17  
DA  N6     N N N 18  
DA  N1     N Y N 19  
DA  C2     C Y N 20  
DA  N3     N Y N 21  
DA  C4     C Y N 22  
DA  HOP3   H N N 23  
DA  HOP2   H N N 24  
DA  "H5'"  H N N 25  
DA  "H5''" H N N 26  
DA  "H4'"  H N N 27  
DA  "H3'"  H N N 28  
DA  "HO3'" H N N 29  
DA  "H2'"  H N N 30  
DA  "H2''" H N N 31  
DA  "H1'"  H N N 32  
DA  H8     H N N 33  
DA  H61    H N N 34  
DA  H62    H N N 35  
DA  H2     H N N 36  
DC  OP3    O N N 37  
DC  P      P N N 38  
DC  OP1    O N N 39  
DC  OP2    O N N 40  
DC  "O5'"  O N N 41  
DC  "C5'"  C N N 42  
DC  "C4'"  C N R 43  
DC  "O4'"  O N N 44  
DC  "C3'"  C N S 45  
DC  "O3'"  O N N 46  
DC  "C2'"  C N N 47  
DC  "C1'"  C N R 48  
DC  N1     N N N 49  
DC  C2     C N N 50  
DC  O2     O N N 51  
DC  N3     N N N 52  
DC  C4     C N N 53  
DC  N4     N N N 54  
DC  C5     C N N 55  
DC  C6     C N N 56  
DC  HOP3   H N N 57  
DC  HOP2   H N N 58  
DC  "H5'"  H N N 59  
DC  "H5''" H N N 60  
DC  "H4'"  H N N 61  
DC  "H3'"  H N N 62  
DC  "HO3'" H N N 63  
DC  "H2'"  H N N 64  
DC  "H2''" H N N 65  
DC  "H1'"  H N N 66  
DC  H41    H N N 67  
DC  H42    H N N 68  
DC  H5     H N N 69  
DC  H6     H N N 70  
DG  OP3    O N N 71  
DG  P      P N N 72  
DG  OP1    O N N 73  
DG  OP2    O N N 74  
DG  "O5'"  O N N 75  
DG  "C5'"  C N N 76  
DG  "C4'"  C N R 77  
DG  "O4'"  O N N 78  
DG  "C3'"  C N S 79  
DG  "O3'"  O N N 80  
DG  "C2'"  C N N 81  
DG  "C1'"  C N R 82  
DG  N9     N Y N 83  
DG  C8     C Y N 84  
DG  N7     N Y N 85  
DG  C5     C Y N 86  
DG  C6     C N N 87  
DG  O6     O N N 88  
DG  N1     N N N 89  
DG  C2     C N N 90  
DG  N2     N N N 91  
DG  N3     N N N 92  
DG  C4     C Y N 93  
DG  HOP3   H N N 94  
DG  HOP2   H N N 95  
DG  "H5'"  H N N 96  
DG  "H5''" H N N 97  
DG  "H4'"  H N N 98  
DG  "H3'"  H N N 99  
DG  "HO3'" H N N 100 
DG  "H2'"  H N N 101 
DG  "H2''" H N N 102 
DG  "H1'"  H N N 103 
DG  H8     H N N 104 
DG  H1     H N N 105 
DG  H21    H N N 106 
DG  H22    H N N 107 
DI  OP3    O N N 108 
DI  P      P N N 109 
DI  OP1    O N N 110 
DI  OP2    O N N 111 
DI  "O5'"  O N N 112 
DI  "C5'"  C N N 113 
DI  "C4'"  C N R 114 
DI  "O4'"  O N N 115 
DI  "C3'"  C N S 116 
DI  "O3'"  O N N 117 
DI  "C2'"  C N N 118 
DI  "C1'"  C N R 119 
DI  N9     N Y N 120 
DI  C8     C Y N 121 
DI  N7     N Y N 122 
DI  C5     C Y N 123 
DI  C6     C N N 124 
DI  O6     O N N 125 
DI  N1     N N N 126 
DI  C2     C N N 127 
DI  N3     N N N 128 
DI  C4     C Y N 129 
DI  HOP3   H N N 130 
DI  HOP2   H N N 131 
DI  "H5'"  H N N 132 
DI  "H5''" H N N 133 
DI  "H4'"  H N N 134 
DI  "H3'"  H N N 135 
DI  "HO3'" H N N 136 
DI  "H2'"  H N N 137 
DI  "H2''" H N N 138 
DI  "H1'"  H N N 139 
DI  H8     H N N 140 
DI  H1     H N N 141 
DI  H2     H N N 142 
DT  OP3    O N N 143 
DT  P      P N N 144 
DT  OP1    O N N 145 
DT  OP2    O N N 146 
DT  "O5'"  O N N 147 
DT  "C5'"  C N N 148 
DT  "C4'"  C N R 149 
DT  "O4'"  O N N 150 
DT  "C3'"  C N S 151 
DT  "O3'"  O N N 152 
DT  "C2'"  C N N 153 
DT  "C1'"  C N R 154 
DT  N1     N N N 155 
DT  C2     C N N 156 
DT  O2     O N N 157 
DT  N3     N N N 158 
DT  C4     C N N 159 
DT  O4     O N N 160 
DT  C5     C N N 161 
DT  C7     C N N 162 
DT  C6     C N N 163 
DT  HOP3   H N N 164 
DT  HOP2   H N N 165 
DT  "H5'"  H N N 166 
DT  "H5''" H N N 167 
DT  "H4'"  H N N 168 
DT  "H3'"  H N N 169 
DT  "HO3'" H N N 170 
DT  "H2'"  H N N 171 
DT  "H2''" H N N 172 
DT  "H1'"  H N N 173 
DT  H3     H N N 174 
DT  H71    H N N 175 
DT  H72    H N N 176 
DT  H73    H N N 177 
DT  H6     H N N 178 
MOC C1     C N N 179 
MOC C2     C N R 180 
MOC N2     N N N 181 
MOC C3     C N N 182 
MOC N4     N Y N 183 
MOC C4A    C Y N 184 
MOC C5     C N N 185 
MOC O5     O N N 186 
MOC C6     C N N 187 
MOC CM6    C N N 188 
MOC C7     C N N 189 
MOC N7     N N N 190 
MOC C8     C N N 191 
MOC O8     O N N 192 
MOC C8A    C Y N 193 
MOC C9     C Y N 194 
MOC C9A    C Y N 195 
MOC C10    C N N 196 
MOC O10    O N N 197 
MOC C11    C N N 198 
MOC O11    O N N 199 
MOC N12    N N N 200 
MOC H11    H N N 201 
MOC H12    H N N 202 
MOC H2     H N N 203 
MOC HN21   H N N 204 
MOC HN22   H N N 205 
MOC H31    H N N 206 
MOC H32    H N N 207 
MOC HM61   H N N 208 
MOC HM62   H N N 209 
MOC HM63   H N N 210 
MOC HN71   H N N 211 
MOC HN72   H N N 212 
MOC H101   H N N 213 
MOC H102   H N N 214 
MOC H121   H N N 215 
MOC H122   H N N 216 
# 
loop_
_chem_comp_bond.comp_id 
_chem_comp_bond.atom_id_1 
_chem_comp_bond.atom_id_2 
_chem_comp_bond.value_order 
_chem_comp_bond.pdbx_aromatic_flag 
_chem_comp_bond.pdbx_stereo_config 
_chem_comp_bond.pdbx_ordinal 
DA  OP3   P      sing N N 1   
DA  OP3   HOP3   sing N N 2   
DA  P     OP1    doub N N 3   
DA  P     OP2    sing N N 4   
DA  P     "O5'"  sing N N 5   
DA  OP2   HOP2   sing N N 6   
DA  "O5'" "C5'"  sing N N 7   
DA  "C5'" "C4'"  sing N N 8   
DA  "C5'" "H5'"  sing N N 9   
DA  "C5'" "H5''" sing N N 10  
DA  "C4'" "O4'"  sing N N 11  
DA  "C4'" "C3'"  sing N N 12  
DA  "C4'" "H4'"  sing N N 13  
DA  "O4'" "C1'"  sing N N 14  
DA  "C3'" "O3'"  sing N N 15  
DA  "C3'" "C2'"  sing N N 16  
DA  "C3'" "H3'"  sing N N 17  
DA  "O3'" "HO3'" sing N N 18  
DA  "C2'" "C1'"  sing N N 19  
DA  "C2'" "H2'"  sing N N 20  
DA  "C2'" "H2''" sing N N 21  
DA  "C1'" N9     sing N N 22  
DA  "C1'" "H1'"  sing N N 23  
DA  N9    C8     sing Y N 24  
DA  N9    C4     sing Y N 25  
DA  C8    N7     doub Y N 26  
DA  C8    H8     sing N N 27  
DA  N7    C5     sing Y N 28  
DA  C5    C6     sing Y N 29  
DA  C5    C4     doub Y N 30  
DA  C6    N6     sing N N 31  
DA  C6    N1     doub Y N 32  
DA  N6    H61    sing N N 33  
DA  N6    H62    sing N N 34  
DA  N1    C2     sing Y N 35  
DA  C2    N3     doub Y N 36  
DA  C2    H2     sing N N 37  
DA  N3    C4     sing Y N 38  
DC  OP3   P      sing N N 39  
DC  OP3   HOP3   sing N N 40  
DC  P     OP1    doub N N 41  
DC  P     OP2    sing N N 42  
DC  P     "O5'"  sing N N 43  
DC  OP2   HOP2   sing N N 44  
DC  "O5'" "C5'"  sing N N 45  
DC  "C5'" "C4'"  sing N N 46  
DC  "C5'" "H5'"  sing N N 47  
DC  "C5'" "H5''" sing N N 48  
DC  "C4'" "O4'"  sing N N 49  
DC  "C4'" "C3'"  sing N N 50  
DC  "C4'" "H4'"  sing N N 51  
DC  "O4'" "C1'"  sing N N 52  
DC  "C3'" "O3'"  sing N N 53  
DC  "C3'" "C2'"  sing N N 54  
DC  "C3'" "H3'"  sing N N 55  
DC  "O3'" "HO3'" sing N N 56  
DC  "C2'" "C1'"  sing N N 57  
DC  "C2'" "H2'"  sing N N 58  
DC  "C2'" "H2''" sing N N 59  
DC  "C1'" N1     sing N N 60  
DC  "C1'" "H1'"  sing N N 61  
DC  N1    C2     sing N N 62  
DC  N1    C6     sing N N 63  
DC  C2    O2     doub N N 64  
DC  C2    N3     sing N N 65  
DC  N3    C4     doub N N 66  
DC  C4    N4     sing N N 67  
DC  C4    C5     sing N N 68  
DC  N4    H41    sing N N 69  
DC  N4    H42    sing N N 70  
DC  C5    C6     doub N N 71  
DC  C5    H5     sing N N 72  
DC  C6    H6     sing N N 73  
DG  OP3   P      sing N N 74  
DG  OP3   HOP3   sing N N 75  
DG  P     OP1    doub N N 76  
DG  P     OP2    sing N N 77  
DG  P     "O5'"  sing N N 78  
DG  OP2   HOP2   sing N N 79  
DG  "O5'" "C5'"  sing N N 80  
DG  "C5'" "C4'"  sing N N 81  
DG  "C5'" "H5'"  sing N N 82  
DG  "C5'" "H5''" sing N N 83  
DG  "C4'" "O4'"  sing N N 84  
DG  "C4'" "C3'"  sing N N 85  
DG  "C4'" "H4'"  sing N N 86  
DG  "O4'" "C1'"  sing N N 87  
DG  "C3'" "O3'"  sing N N 88  
DG  "C3'" "C2'"  sing N N 89  
DG  "C3'" "H3'"  sing N N 90  
DG  "O3'" "HO3'" sing N N 91  
DG  "C2'" "C1'"  sing N N 92  
DG  "C2'" "H2'"  sing N N 93  
DG  "C2'" "H2''" sing N N 94  
DG  "C1'" N9     sing N N 95  
DG  "C1'" "H1'"  sing N N 96  
DG  N9    C8     sing Y N 97  
DG  N9    C4     sing Y N 98  
DG  C8    N7     doub Y N 99  
DG  C8    H8     sing N N 100 
DG  N7    C5     sing Y N 101 
DG  C5    C6     sing N N 102 
DG  C5    C4     doub Y N 103 
DG  C6    O6     doub N N 104 
DG  C6    N1     sing N N 105 
DG  N1    C2     sing N N 106 
DG  N1    H1     sing N N 107 
DG  C2    N2     sing N N 108 
DG  C2    N3     doub N N 109 
DG  N2    H21    sing N N 110 
DG  N2    H22    sing N N 111 
DG  N3    C4     sing N N 112 
DI  OP3   P      sing N N 113 
DI  OP3   HOP3   sing N N 114 
DI  P     OP1    doub N N 115 
DI  P     OP2    sing N N 116 
DI  P     "O5'"  sing N N 117 
DI  OP2   HOP2   sing N N 118 
DI  "O5'" "C5'"  sing N N 119 
DI  "C5'" "C4'"  sing N N 120 
DI  "C5'" "H5'"  sing N N 121 
DI  "C5'" "H5''" sing N N 122 
DI  "C4'" "O4'"  sing N N 123 
DI  "C4'" "C3'"  sing N N 124 
DI  "C4'" "H4'"  sing N N 125 
DI  "O4'" "C1'"  sing N N 126 
DI  "C3'" "O3'"  sing N N 127 
DI  "C3'" "C2'"  sing N N 128 
DI  "C3'" "H3'"  sing N N 129 
DI  "O3'" "HO3'" sing N N 130 
DI  "C2'" "C1'"  sing N N 131 
DI  "C2'" "H2'"  sing N N 132 
DI  "C2'" "H2''" sing N N 133 
DI  "C1'" N9     sing N N 134 
DI  "C1'" "H1'"  sing N N 135 
DI  N9    C8     sing Y N 136 
DI  N9    C4     sing Y N 137 
DI  C8    N7     doub Y N 138 
DI  C8    H8     sing N N 139 
DI  N7    C5     sing Y N 140 
DI  C5    C6     sing N N 141 
DI  C5    C4     doub Y N 142 
DI  C6    O6     doub N N 143 
DI  C6    N1     sing N N 144 
DI  N1    C2     sing N N 145 
DI  N1    H1     sing N N 146 
DI  C2    N3     doub N N 147 
DI  C2    H2     sing N N 148 
DI  N3    C4     sing N N 149 
DT  OP3   P      sing N N 150 
DT  OP3   HOP3   sing N N 151 
DT  P     OP1    doub N N 152 
DT  P     OP2    sing N N 153 
DT  P     "O5'"  sing N N 154 
DT  OP2   HOP2   sing N N 155 
DT  "O5'" "C5'"  sing N N 156 
DT  "C5'" "C4'"  sing N N 157 
DT  "C5'" "H5'"  sing N N 158 
DT  "C5'" "H5''" sing N N 159 
DT  "C4'" "O4'"  sing N N 160 
DT  "C4'" "C3'"  sing N N 161 
DT  "C4'" "H4'"  sing N N 162 
DT  "O4'" "C1'"  sing N N 163 
DT  "C3'" "O3'"  sing N N 164 
DT  "C3'" "C2'"  sing N N 165 
DT  "C3'" "H3'"  sing N N 166 
DT  "O3'" "HO3'" sing N N 167 
DT  "C2'" "C1'"  sing N N 168 
DT  "C2'" "H2'"  sing N N 169 
DT  "C2'" "H2''" sing N N 170 
DT  "C1'" N1     sing N N 171 
DT  "C1'" "H1'"  sing N N 172 
DT  N1    C2     sing N N 173 
DT  N1    C6     sing N N 174 
DT  C2    O2     doub N N 175 
DT  C2    N3     sing N N 176 
DT  N3    C4     sing N N 177 
DT  N3    H3     sing N N 178 
DT  C4    O4     doub N N 179 
DT  C4    C5     sing N N 180 
DT  C5    C7     sing N N 181 
DT  C5    C6     doub N N 182 
DT  C7    H71    sing N N 183 
DT  C7    H72    sing N N 184 
DT  C7    H73    sing N N 185 
DT  C6    H6     sing N N 186 
MOC C1    C2     sing N N 187 
MOC C1    C9A    sing N N 188 
MOC C1    H11    sing N N 189 
MOC C1    H12    sing N N 190 
MOC C2    N2     sing N N 191 
MOC C2    C3     sing N N 192 
MOC C2    H2     sing N N 193 
MOC N2    HN21   sing N N 194 
MOC N2    HN22   sing N N 195 
MOC C3    N4     sing N N 196 
MOC C3    H31    sing N N 197 
MOC C3    H32    sing N N 198 
MOC N4    C4A    sing Y N 199 
MOC N4    C9A    sing Y N 200 
MOC C4A   C5     sing N N 201 
MOC C4A   C8A    doub Y N 202 
MOC C5    O5     doub N N 203 
MOC C5    C6     sing N N 204 
MOC C6    CM6    sing N N 205 
MOC C6    C7     doub N N 206 
MOC CM6   HM61   sing N N 207 
MOC CM6   HM62   sing N N 208 
MOC CM6   HM63   sing N N 209 
MOC C7    N7     sing N N 210 
MOC C7    C8     sing N N 211 
MOC N7    HN71   sing N N 212 
MOC N7    HN72   sing N N 213 
MOC C8    O8     doub N N 214 
MOC C8    C8A    sing N N 215 
MOC C8A   C9     sing Y N 216 
MOC C9    C9A    doub Y N 217 
MOC C9    C10    sing N N 218 
MOC C10   O10    sing N N 219 
MOC C10   H101   sing N N 220 
MOC C10   H102   sing N N 221 
MOC O10   C11    sing N N 222 
MOC C11   O11    doub N N 223 
MOC C11   N12    sing N N 224 
MOC N12   H121   sing N N 225 
MOC N12   H122   sing N N 226 
# 
loop_
_ndb_struct_conf_na.entry_id 
_ndb_struct_conf_na.feature 
199D 'double helix'        
199D 'b-form double helix' 
# 
loop_
_ndb_struct_na_base_pair.model_number 
_ndb_struct_na_base_pair.i_label_asym_id 
_ndb_struct_na_base_pair.i_label_comp_id 
_ndb_struct_na_base_pair.i_label_seq_id 
_ndb_struct_na_base_pair.i_symmetry 
_ndb_struct_na_base_pair.j_label_asym_id 
_ndb_struct_na_base_pair.j_label_comp_id 
_ndb_struct_na_base_pair.j_label_seq_id 
_ndb_struct_na_base_pair.j_symmetry 
_ndb_struct_na_base_pair.shear 
_ndb_struct_na_base_pair.stretch 
_ndb_struct_na_base_pair.stagger 
_ndb_struct_na_base_pair.buckle 
_ndb_struct_na_base_pair.propeller 
_ndb_struct_na_base_pair.opening 
_ndb_struct_na_base_pair.pair_number 
_ndb_struct_na_base_pair.pair_name 
_ndb_struct_na_base_pair.i_auth_asym_id 
_ndb_struct_na_base_pair.i_auth_seq_id 
_ndb_struct_na_base_pair.i_PDB_ins_code 
_ndb_struct_na_base_pair.j_auth_asym_id 
_ndb_struct_na_base_pair.j_auth_seq_id 
_ndb_struct_na_base_pair.j_PDB_ins_code 
_ndb_struct_na_base_pair.hbond_type_28 
_ndb_struct_na_base_pair.hbond_type_12 
1 A DC 2 1_555 B DG 8 1_555 0.374  -0.335 0.423  -11.752 -10.574 -2.730 1 A_DC2:DG17_B A 2 ? B 17 ? 19 1 
1 A DA 3 1_555 B DT 7 1_555 0.066  -0.247 -0.300 -6.800  -28.159 -4.971 2 A_DA3:DT16_B A 3 ? B 16 ? 20 1 
1 A DC 4 1_555 B DG 6 1_555 0.777  -0.426 0.143  -4.036  -14.332 -5.442 3 A_DC4:DG15_B A 4 ? B 15 ? 19 1 
1 A DG 5 1_555 B DC 5 1_555 -0.579 -0.261 -0.167 -9.539  -2.490  -1.377 4 A_DG5:DC14_B A 5 ? B 14 ? 19 1 
1 A DT 6 1_555 B DA 4 1_555 0.092  -0.233 -0.125 15.817  -5.212  -1.575 5 A_DT6:DA13_B A 6 ? B 13 ? 20 1 
1 A DC 7 1_555 B DG 3 1_555 0.338  -0.238 0.189  -2.978  -7.771  0.492  6 A_DC7:DG12_B A 7 ? B 12 ? 19 1 
1 A DT 9 1_555 B DA 1 1_555 -0.292 -0.131 -0.043 9.396   -4.428  -6.103 7 A_DT9:DA10_B A 9 ? B 10 ? 20 1 
# 
loop_
_ndb_struct_na_base_pair_step.model_number 
_ndb_struct_na_base_pair_step.i_label_asym_id_1 
_ndb_struct_na_base_pair_step.i_label_comp_id_1 
_ndb_struct_na_base_pair_step.i_label_seq_id_1 
_ndb_struct_na_base_pair_step.i_symmetry_1 
_ndb_struct_na_base_pair_step.j_label_asym_id_1 
_ndb_struct_na_base_pair_step.j_label_comp_id_1 
_ndb_struct_na_base_pair_step.j_label_seq_id_1 
_ndb_struct_na_base_pair_step.j_symmetry_1 
_ndb_struct_na_base_pair_step.i_label_asym_id_2 
_ndb_struct_na_base_pair_step.i_label_comp_id_2 
_ndb_struct_na_base_pair_step.i_label_seq_id_2 
_ndb_struct_na_base_pair_step.i_symmetry_2 
_ndb_struct_na_base_pair_step.j_label_asym_id_2 
_ndb_struct_na_base_pair_step.j_label_comp_id_2 
_ndb_struct_na_base_pair_step.j_label_seq_id_2 
_ndb_struct_na_base_pair_step.j_symmetry_2 
_ndb_struct_na_base_pair_step.shift 
_ndb_struct_na_base_pair_step.slide 
_ndb_struct_na_base_pair_step.rise 
_ndb_struct_na_base_pair_step.tilt 
_ndb_struct_na_base_pair_step.roll 
_ndb_struct_na_base_pair_step.twist 
_ndb_struct_na_base_pair_step.x_displacement 
_ndb_struct_na_base_pair_step.y_displacement 
_ndb_struct_na_base_pair_step.helical_rise 
_ndb_struct_na_base_pair_step.inclination 
_ndb_struct_na_base_pair_step.tip 
_ndb_struct_na_base_pair_step.helical_twist 
_ndb_struct_na_base_pair_step.step_number 
_ndb_struct_na_base_pair_step.step_name 
_ndb_struct_na_base_pair_step.i_auth_asym_id_1 
_ndb_struct_na_base_pair_step.i_auth_seq_id_1 
_ndb_struct_na_base_pair_step.i_PDB_ins_code_1 
_ndb_struct_na_base_pair_step.j_auth_asym_id_1 
_ndb_struct_na_base_pair_step.j_auth_seq_id_1 
_ndb_struct_na_base_pair_step.j_PDB_ins_code_1 
_ndb_struct_na_base_pair_step.i_auth_asym_id_2 
_ndb_struct_na_base_pair_step.i_auth_seq_id_2 
_ndb_struct_na_base_pair_step.i_PDB_ins_code_2 
_ndb_struct_na_base_pair_step.j_auth_asym_id_2 
_ndb_struct_na_base_pair_step.j_auth_seq_id_2 
_ndb_struct_na_base_pair_step.j_PDB_ins_code_2 
1 A DC 2 1_555 B DG 8 1_555 A DA 3 1_555 B DT 7 1_555 -0.288 -1.364 2.899 1.055  18.478 29.561 -4.466 0.606  1.758 32.512 -1.857 
34.767 1 AA_DC2DA3:DT16DG17_BB A 2 ? B 17 ? A 3 ? B 16 ? 
1 A DA 3 1_555 B DT 7 1_555 A DC 4 1_555 B DG 6 1_555 -0.255 -1.017 3.006 -5.212 -0.849 32.854 -1.645 -0.363 3.034 -1.488 9.141  
33.264 2 AA_DA3DC4:DG15DT16_BB A 3 ? B 16 ? A 4 ? B 15 ? 
1 A DC 4 1_555 B DG 6 1_555 A DG 5 1_555 B DC 5 1_555 -0.213 -1.548 2.977 1.393  11.184 24.929 -5.533 0.733  2.086 24.379 -3.036 
27.321 3 AA_DC4DG5:DC14DG15_BB A 4 ? B 15 ? A 5 ? B 14 ? 
1 A DG 5 1_555 B DC 5 1_555 A DT 6 1_555 B DA 4 1_555 -0.075 0.141  2.450 0.001  1.540  34.178 0.057  0.127  2.454 2.619  -0.001 
34.212 4 AA_DG5DT6:DA13DC14_BB A 5 ? B 14 ? A 6 ? B 13 ? 
1 A DT 6 1_555 B DA 4 1_555 A DC 7 1_555 B DG 3 1_555 -0.007 -1.006 3.484 -2.914 11.910 41.652 -2.553 -0.282 3.090 16.329 3.995  
43.342 5 AA_DT6DC7:DG12DA13_BB A 6 ? B 13 ? A 7 ? B 12 ? 
1 A DC 7 1_555 B DG 3 1_555 A DT 9 1_555 B DA 1 1_555 -0.397 -2.245 5.804 7.712  12.815 60.486 -3.182 0.991  5.201 12.516 -7.532 
62.137 6 AA_DC7DT9:DA10DG12_BB A 7 ? B 12 ? A 9 ? B 10 ? 
# 
_atom_sites.entry_id                    199D 
_atom_sites.fract_transf_matrix[1][1]   1.000000 
_atom_sites.fract_transf_matrix[1][2]   0.000000 
_atom_sites.fract_transf_matrix[1][3]   0.000000 
_atom_sites.fract_transf_matrix[2][1]   0.000000 
_atom_sites.fract_transf_matrix[2][2]   1.000000 
_atom_sites.fract_transf_matrix[2][3]   0.000000 
_atom_sites.fract_transf_matrix[3][1]   0.000000 
_atom_sites.fract_transf_matrix[3][2]   0.000000 
_atom_sites.fract_transf_matrix[3][3]   1.000000 
_atom_sites.fract_transf_vector[1]      0.00000 
_atom_sites.fract_transf_vector[2]      0.00000 
_atom_sites.fract_transf_vector[3]      0.00000 
# 
loop_
_atom_type.symbol 
C 
H 
N 
O 
P 
# 
loop_
_atom_site.group_PDB 
_atom_site.id 
_atom_site.type_symbol 
_atom_site.label_atom_id 
_atom_site.label_alt_id 
_atom_site.label_comp_id 
_atom_site.label_asym_id 
_atom_site.label_entity_id 
_atom_site.label_seq_id 
_atom_site.pdbx_PDB_ins_code 
_atom_site.Cartn_x 
_atom_site.Cartn_y 
_atom_site.Cartn_z 
_atom_site.occupancy 
_atom_site.B_iso_or_equiv 
_atom_site.pdbx_formal_charge 
_atom_site.auth_seq_id 
_atom_site.auth_comp_id 
_atom_site.auth_asym_id 
_atom_site.auth_atom_id 
_atom_site.pdbx_PDB_model_num 
ATOM   1    O "O5'"  . DI  A 1 1 ? -5.377  -13.628 2.817   1.00 0.64 ? 1  DI  A "O5'"  1 
ATOM   2    C "C5'"  . DI  A 1 1 ? -5.799  -14.178 4.069   1.00 0.58 ? 1  DI  A "C5'"  1 
ATOM   3    C "C4'"  . DI  A 1 1 ? -5.522  -13.193 5.195   1.00 0.58 ? 1  DI  A "C4'"  1 
ATOM   4    O "O4'"  . DI  A 1 1 ? -4.134  -12.840 5.275   1.00 0.66 ? 1  DI  A "O4'"  1 
ATOM   5    C "C3'"  . DI  A 1 1 ? -6.328  -11.918 5.080   1.00 0.64 ? 1  DI  A "C3'"  1 
ATOM   6    O "O3'"  . DI  A 1 1 ? -6.777  -11.548 6.388   1.00 0.85 ? 1  DI  A "O3'"  1 
ATOM   7    C "C2'"  . DI  A 1 1 ? -5.253  -10.961 4.543   1.00 0.59 ? 1  DI  A "C2'"  1 
ATOM   8    C "C1'"  . DI  A 1 1 ? -4.024  -11.422 5.349   1.00 0.59 ? 1  DI  A "C1'"  1 
ATOM   9    N N9     . DI  A 1 1 ? -2.684  -11.082 4.835   1.00 0.54 ? 1  DI  A N9     1 
ATOM   10   C C8     . DI  A 1 1 ? -2.102  -11.261 3.604   1.00 0.54 ? 1  DI  A C8     1 
ATOM   11   N N7     . DI  A 1 1 ? -0.858  -10.865 3.547   1.00 0.51 ? 1  DI  A N7     1 
ATOM   12   C C5     . DI  A 1 1 ? -0.603  -10.391 4.832   1.00 0.48 ? 1  DI  A C5     1 
ATOM   13   C C6     . DI  A 1 1 ? 0.569   -9.831  5.401   1.00 0.46 ? 1  DI  A C6     1 
ATOM   14   O O6     . DI  A 1 1 ? 1.679   -9.627  4.915   1.00 0.48 ? 1  DI  A O6     1 
ATOM   15   N N1     . DI  A 1 1 ? 0.366   -9.498  6.720   1.00 0.44 ? 1  DI  A N1     1 
ATOM   16   C C2     . DI  A 1 1 ? -0.798  -9.667  7.432   1.00 0.47 ? 1  DI  A C2     1 
ATOM   17   N N3     . DI  A 1 1 ? -1.887  -10.187 6.909   1.00 0.51 ? 1  DI  A N3     1 
ATOM   18   C C4     . DI  A 1 1 ? -1.717  -10.524 5.612   1.00 0.50 ? 1  DI  A C4     1 
ATOM   19   H "H5'"  . DI  A 1 1 ? -5.252  -15.101 4.265   1.00 0.76 ? 1  DI  A "H5'"  1 
ATOM   20   H "H5''" . DI  A 1 1 ? -6.868  -14.379 4.042   1.00 0.71 ? 1  DI  A "H5''" 1 
ATOM   21   H "H4'"  . DI  A 1 1 ? -5.837  -13.572 6.167   1.00 0.78 ? 1  DI  A "H4'"  1 
ATOM   22   H "H3'"  . DI  A 1 1 ? -7.209  -12.140 4.476   1.00 0.66 ? 1  DI  A "H3'"  1 
ATOM   23   H "H2'"  . DI  A 1 1 ? -5.132  -11.155 3.478   1.00 0.57 ? 1  DI  A "H2'"  1 
ATOM   24   H "H2''" . DI  A 1 1 ? -5.513  -9.928  4.776   1.00 0.63 ? 1  DI  A "H2''" 1 
ATOM   25   H "H1'"  . DI  A 1 1 ? -4.008  -11.044 6.373   1.00 0.58 ? 1  DI  A "H1'"  1 
ATOM   26   H H8     . DI  A 1 1 ? -2.608  -11.691 2.740   1.00 0.57 ? 1  DI  A H8     1 
ATOM   27   H H1     . DI  A 1 1 ? 1.177   -9.101  7.166   1.00 0.44 ? 1  DI  A H1     1 
ATOM   28   H H2     . DI  A 1 1 ? -0.842  -9.362  8.477   1.00 0.47 ? 1  DI  A H2     1 
ATOM   29   H "HO5'" . DI  A 1 1 ? -4.506  -13.252 2.976   1.00 0.69 ? 1  DI  A "HO5'" 1 
ATOM   30   P P      . DC  A 1 2 ? -7.630  -10.211 6.680   1.00 1.01 ? 2  DC  A P      1 
ATOM   31   O OP1    . DC  A 1 2 ? -8.703  -10.550 7.641   1.00 1.32 ? 2  DC  A OP1    1 
ATOM   32   O OP2    . DC  A 1 2 ? -7.968  -9.558  5.396   1.00 1.11 ? 2  DC  A OP2    1 
ATOM   33   O "O5'"  . DC  A 1 2 ? -6.534  -9.303  7.429   1.00 0.81 ? 2  DC  A "O5'"  1 
ATOM   34   C "C5'"  . DC  A 1 2 ? -6.213  -9.545  8.807   1.00 0.74 ? 2  DC  A "C5'"  1 
ATOM   35   C "C4'"  . DC  A 1 2 ? -5.399  -8.389  9.384   1.00 0.60 ? 2  DC  A "C4'"  1 
ATOM   36   O "O4'"  . DC  A 1 2 ? -4.072  -8.280  8.860   1.00 0.52 ? 2  DC  A "O4'"  1 
ATOM   37   C "C3'"  . DC  A 1 2 ? -6.092  -7.046  9.297   1.00 0.57 ? 2  DC  A "C3'"  1 
ATOM   38   O "O3'"  . DC  A 1 2 ? -6.149  -6.314  10.543  1.00 0.57 ? 2  DC  A "O3'"  1 
ATOM   39   C "C2'"  . DC  A 1 2 ? -5.238  -6.419  8.214   1.00 0.50 ? 2  DC  A "C2'"  1 
ATOM   40   C "C1'"  . DC  A 1 2 ? -3.817  -6.914  8.557   1.00 0.46 ? 2  DC  A "C1'"  1 
ATOM   41   N N1     . DC  A 1 2 ? -2.915  -6.919  7.382   1.00 0.41 ? 2  DC  A N1     1 
ATOM   42   C C2     . DC  A 1 2 ? -1.651  -6.358  7.502   1.00 0.37 ? 2  DC  A C2     1 
ATOM   43   O O2     . DC  A 1 2 ? -1.256  -5.845  8.544   1.00 0.39 ? 2  DC  A O2     1 
ATOM   44   N N3     . DC  A 1 2 ? -0.829  -6.379  6.425   1.00 0.37 ? 2  DC  A N3     1 
ATOM   45   C C4     . DC  A 1 2 ? -1.219  -6.922  5.273   1.00 0.39 ? 2  DC  A C4     1 
ATOM   46   N N4     . DC  A 1 2 ? -0.377  -6.913  4.247   1.00 0.42 ? 2  DC  A N4     1 
ATOM   47   C C5     . DC  A 1 2 ? -2.512  -7.502  5.133   1.00 0.45 ? 2  DC  A C5     1 
ATOM   48   C C6     . DC  A 1 2 ? -3.321  -7.478  6.205   1.00 0.45 ? 2  DC  A C6     1 
ATOM   49   H "H5'"  . DC  A 1 2 ? -5.638  -10.467 8.889   1.00 0.79 ? 2  DC  A "H5'"  1 
ATOM   50   H "H5''" . DC  A 1 2 ? -7.141  -9.644  9.369   1.00 0.84 ? 2  DC  A "H5''" 1 
ATOM   51   H "H4'"  . DC  A 1 2 ? -5.312  -8.415  10.470  1.00 0.63 ? 2  DC  A "H4'"  1 
ATOM   52   H "H3'"  . DC  A 1 2 ? -7.127  -7.236  9.016   1.00 0.63 ? 2  DC  A "H3'"  1 
ATOM   53   H "H2'"  . DC  A 1 2 ? -5.593  -6.850  7.277   1.00 0.53 ? 2  DC  A "H2'"  1 
ATOM   54   H "H2''" . DC  A 1 2 ? -5.301  -5.331  8.244   1.00 0.49 ? 2  DC  A "H2''" 1 
ATOM   55   H "H1'"  . DC  A 1 2 ? -3.338  -6.388  9.383   1.00 0.44 ? 2  DC  A "H1'"  1 
ATOM   56   H H41    . DC  A 1 2 ? 0.561   -6.561  4.380   1.00 0.42 ? 2  DC  A H41    1 
ATOM   57   H H42    . DC  A 1 2 ? -0.661  -7.249  3.341   1.00 0.45 ? 2  DC  A H42    1 
ATOM   58   H H5     . DC  A 1 2 ? -2.849  -7.957  4.202   1.00 0.50 ? 2  DC  A H5     1 
ATOM   59   H H6     . DC  A 1 2 ? -4.313  -7.919  6.114   1.00 0.51 ? 2  DC  A H6     1 
ATOM   60   P P      . DA  A 1 3 ? -5.038  -6.160  11.716  1.00 0.49 ? 3  DA  A P      1 
ATOM   61   O OP1    . DA  A 1 3 ? -4.327  -7.446  11.883  1.00 0.57 ? 3  DA  A OP1    1 
ATOM   62   O OP2    . DA  A 1 3 ? -5.701  -5.534  12.883  1.00 0.55 ? 3  DA  A OP2    1 
ATOM   63   O "O5'"  . DA  A 1 3 ? -4.014  -5.098  11.088  1.00 0.44 ? 3  DA  A "O5'"  1 
ATOM   64   C "C5'"  . DA  A 1 3 ? -4.436  -3.762  10.797  1.00 0.39 ? 3  DA  A "C5'"  1 
ATOM   65   C "C4'"  . DA  A 1 3 ? -3.234  -2.851  10.623  1.00 0.33 ? 3  DA  A "C4'"  1 
ATOM   66   O "O4'"  . DA  A 1 3 ? -2.349  -3.270  9.588   1.00 0.34 ? 3  DA  A "O4'"  1 
ATOM   67   C "C3'"  . DA  A 1 3 ? -3.625  -1.406  10.302  1.00 0.32 ? 3  DA  A "C3'"  1 
ATOM   68   O "O3'"  . DA  A 1 3 ? -3.072  -0.429  11.206  1.00 0.37 ? 3  DA  A "O3'"  1 
ATOM   69   C "C2'"  . DA  A 1 3 ? -3.214  -1.279  8.842   1.00 0.31 ? 3  DA  A "C2'"  1 
ATOM   70   C "C1'"  . DA  A 1 3 ? -1.958  -2.130  8.832   1.00 0.32 ? 3  DA  A "C1'"  1 
ATOM   71   N N9     . DA  A 1 3 ? -1.644  -2.704  7.518   1.00 0.31 ? 3  DA  A N9     1 
ATOM   72   C C8     . DA  A 1 3 ? -2.475  -3.395  6.673   1.00 0.35 ? 3  DA  A C8     1 
ATOM   73   N N7     . DA  A 1 3 ? -1.894  -3.802  5.581   1.00 0.37 ? 3  DA  A N7     1 
ATOM   74   C C5     . DA  A 1 3 ? -0.584  -3.346  5.719   1.00 0.32 ? 3  DA  A C5     1 
ATOM   75   C C6     . DA  A 1 3 ? 0.548   -3.447  4.904   1.00 0.33 ? 3  DA  A C6     1 
ATOM   76   N N6     . DA  A 1 3 ? 0.537   -4.077  3.736   1.00 0.39 ? 3  DA  A N6     1 
ATOM   77   N N1     . DA  A 1 3 ? 1.683   -2.881  5.342   1.00 0.29 ? 3  DA  A N1     1 
ATOM   78   C C2     . DA  A 1 3 ? 1.703   -2.255  6.518   1.00 0.26 ? 3  DA  A C2     1 
ATOM   79   N N3     . DA  A 1 3 ? 0.699   -2.098  7.366   1.00 0.27 ? 3  DA  A N3     1 
ATOM   80   C C4     . DA  A 1 3 ? -0.427  -2.676  6.897   1.00 0.29 ? 3  DA  A C4     1 
ATOM   81   H "H5'"  . DA  A 1 3 ? -5.049  -3.383  11.615  1.00 0.43 ? 3  DA  A "H5'"  1 
ATOM   82   H "H5''" . DA  A 1 3 ? -5.025  -3.761  9.880   1.00 0.48 ? 3  DA  A "H5''" 1 
ATOM   83   H "H4'"  . DA  A 1 3 ? -2.629  -2.837  11.530  1.00 0.30 ? 3  DA  A "H4'"  1 
ATOM   84   H "H3'"  . DA  A 1 3 ? -4.704  -1.264  10.361  1.00 0.39 ? 3  DA  A "H3'"  1 
ATOM   85   H "H2'"  . DA  A 1 3 ? -3.961  -1.708  8.173   1.00 0.36 ? 3  DA  A "H2'"  1 
ATOM   86   H "H2''" . DA  A 1 3 ? -3.035  -0.227  8.619   1.00 0.36 ? 3  DA  A "H2''" 1 
ATOM   87   H "H1'"  . DA  A 1 3 ? -1.126  -1.554  9.239   1.00 0.29 ? 3  DA  A "H1'"  1 
ATOM   88   H H8     . DA  A 1 3 ? -3.519  -3.592  6.913   1.00 0.38 ? 3  DA  A H8     1 
ATOM   89   H H61    . DA  A 1 3 ? 1.396   -4.199  3.215   1.00 0.41 ? 3  DA  A H61    1 
ATOM   90   H H62    . DA  A 1 3 ? -0.334  -4.432  3.373   1.00 0.49 ? 3  DA  A H62    1 
ATOM   91   H H2     . DA  A 1 3 ? 2.646   -1.819  6.844   1.00 0.24 ? 3  DA  A H2     1 
ATOM   92   P P      . DC  A 1 4 ? -1.614  -0.409  11.911  1.00 0.37 ? 4  DC  A P      1 
ATOM   93   O OP1    . DC  A 1 4 ? -1.204  -1.789  12.249  1.00 0.42 ? 4  DC  A OP1    1 
ATOM   94   O OP2    . DC  A 1 4 ? -1.638  0.627   12.969  1.00 0.54 ? 4  DC  A OP2    1 
ATOM   95   O "O5'"  . DC  A 1 4 ? -0.687  0.114   10.715  1.00 0.36 ? 4  DC  A "O5'"  1 
ATOM   96   C "C5'"  . DC  A 1 4 ? -0.844  1.436   10.187  1.00 0.33 ? 4  DC  A "C5'"  1 
ATOM   97   C "C4'"  . DC  A 1 4 ? 0.287   1.769   9.258   1.00 0.26 ? 4  DC  A "C4'"  1 
ATOM   98   O "O4'"  . DC  A 1 4 ? 0.324   0.842   8.164   1.00 0.28 ? 4  DC  A "O4'"  1 
ATOM   99   C "C3'"  . DC  A 1 4 ? 0.126   3.171   8.708   1.00 0.25 ? 4  DC  A "C3'"  1 
ATOM   100  O "O3'"  . DC  A 1 4 ? 1.388   3.816   8.526   1.00 0.26 ? 4  DC  A "O3'"  1 
ATOM   101  C "C2'"  . DC  A 1 4 ? -0.550  2.800   7.400   1.00 0.27 ? 4  DC  A "C2'"  1 
ATOM   102  C "C1'"  . DC  A 1 4 ? 0.357   1.617   6.981   1.00 0.24 ? 4  DC  A "C1'"  1 
ATOM   103  N N1     . DC  A 1 4 ? -0.068  0.791   5.821   1.00 0.25 ? 4  DC  A N1     1 
ATOM   104  C C2     . DC  A 1 4 ? 0.877   0.482   4.847   1.00 0.23 ? 4  DC  A C2     1 
ATOM   105  O O2     . DC  A 1 4 ? 2.028   0.910   4.880   1.00 0.26 ? 4  DC  A O2     1 
ATOM   106  N N3     . DC  A 1 4 ? 0.503   -0.306  3.811   1.00 0.26 ? 4  DC  A N3     1 
ATOM   107  C C4     . DC  A 1 4 ? -0.743  -0.777  3.723   1.00 0.30 ? 4  DC  A C4     1 
ATOM   108  N N4     . DC  A 1 4 ? -1.048  -1.550  2.691   1.00 0.35 ? 4  DC  A N4     1 
ATOM   109  C C5     . DC  A 1 4 ? -1.732  -0.472  4.705   1.00 0.32 ? 4  DC  A C5     1 
ATOM   110  C C6     . DC  A 1 4 ? -1.344  0.317   5.730   1.00 0.31 ? 4  DC  A C6     1 
ATOM   111  H "H5'"  . DC  A 1 4 ? -0.861  2.182   10.982  1.00 0.37 ? 4  DC  A "H5'"  1 
ATOM   112  H "H5''" . DC  A 1 4 ? -1.736  1.527   9.567   1.00 0.41 ? 4  DC  A "H5''" 1 
ATOM   113  H "H4'"  . DC  A 1 4 ? 1.254   1.820   9.757   1.00 0.31 ? 4  DC  A "H4'"  1 
ATOM   114  H "H3'"  . DC  A 1 4 ? -0.448  3.760   9.424   1.00 0.28 ? 4  DC  A "H3'"  1 
ATOM   115  H "H2'"  . DC  A 1 4 ? -1.519  2.431   7.737   1.00 0.33 ? 4  DC  A "H2'"  1 
ATOM   116  H "H2''" . DC  A 1 4 ? -0.516  3.623   6.687   1.00 0.33 ? 4  DC  A "H2''" 1 
ATOM   117  H "H1'"  . DC  A 1 4 ? 1.417   1.852   6.893   1.00 0.23 ? 4  DC  A "H1'"  1 
ATOM   118  H H41    . DC  A 1 4 ? -0.298  -1.796  2.059   1.00 0.42 ? 4  DC  A H41    1 
ATOM   119  H H42    . DC  A 1 4 ? -1.990  -1.878  2.543   1.00 0.42 ? 4  DC  A H42    1 
ATOM   120  H H5     . DC  A 1 4 ? -2.742  -0.875  4.627   1.00 0.40 ? 4  DC  A H5     1 
ATOM   121  H H6     . DC  A 1 4 ? -2.065  0.596   6.498   1.00 0.37 ? 4  DC  A H6     1 
ATOM   122  P P      . DG  A 1 5 ? 1.462   5.397   8.217   1.00 0.28 ? 5  DG  A P      1 
ATOM   123  O OP1    . DG  A 1 5 ? 2.454   6.002   9.135   1.00 0.45 ? 5  DG  A OP1    1 
ATOM   124  O OP2    . DG  A 1 5 ? 0.089   5.948   8.150   1.00 0.42 ? 5  DG  A OP2    1 
ATOM   125  O "O5'"  . DG  A 1 5 ? 2.064   5.383   6.731   1.00 0.28 ? 5  DG  A "O5'"  1 
ATOM   126  C "C5'"  . DG  A 1 5 ? 3.479   5.313   6.534   1.00 0.27 ? 5  DG  A "C5'"  1 
ATOM   127  C "C4'"  . DG  A 1 5 ? 3.857   5.363   5.066   1.00 0.21 ? 5  DG  A "C4'"  1 
ATOM   128  O "O4'"  . DG  A 1 5 ? 3.490   4.214   4.269   1.00 0.21 ? 5  DG  A "O4'"  1 
ATOM   129  C "C3'"  . DG  A 1 5 ? 3.252   6.573   4.311   1.00 0.24 ? 5  DG  A "C3'"  1 
ATOM   130  O "O3'"  . DG  A 1 5 ? 4.093   7.017   3.237   1.00 0.28 ? 5  DG  A "O3'"  1 
ATOM   131  C "C2'"  . DG  A 1 5 ? 2.049   5.894   3.707   1.00 0.21 ? 5  DG  A "C2'"  1 
ATOM   132  C "C1'"  . DG  A 1 5 ? 2.763   4.670   3.120   1.00 0.19 ? 5  DG  A "C1'"  1 
ATOM   133  N N9     . DG  A 1 5 ? 1.870   3.607   2.603   1.00 0.19 ? 5  DG  A N9     1 
ATOM   134  C C8     . DG  A 1 5 ? 0.683   3.161   3.123   1.00 0.21 ? 5  DG  A C8     1 
ATOM   135  N N7     . DG  A 1 5 ? 0.136   2.192   2.441   1.00 0.22 ? 5  DG  A N7     1 
ATOM   136  C C5     . DG  A 1 5 ? 1.021   1.975   1.391   1.00 0.19 ? 5  DG  A C5     1 
ATOM   137  C C6     . DG  A 1 5 ? 0.968   1.041   0.315   1.00 0.19 ? 5  DG  A C6     1 
ATOM   138  O O6     . DG  A 1 5 ? 0.123   0.191   0.057   1.00 0.22 ? 5  DG  A O6     1 
ATOM   139  N N1     . DG  A 1 5 ? 2.061   1.156   -0.522  1.00 0.18 ? 5  DG  A N1     1 
ATOM   140  C C2     . DG  A 1 5 ? 3.077   2.043   -0.360  1.00 0.17 ? 5  DG  A C2     1 
ATOM   141  N N2     . DG  A 1 5 ? 4.012   1.982   -1.299  1.00 0.17 ? 5  DG  A N2     1 
ATOM   142  N N3     . DG  A 1 5 ? 3.143   2.926   0.646   1.00 0.17 ? 5  DG  A N3     1 
ATOM   143  C C4     . DG  A 1 5 ? 2.085   2.837   1.482   1.00 0.18 ? 5  DG  A C4     1 
ATOM   144  H "H5'"  . DG  A 1 5 ? 3.894   4.402   6.965   1.00 0.39 ? 5  DG  A "H5'"  1 
ATOM   145  H "H5''" . DG  A 1 5 ? 3.947   6.163   7.030   1.00 0.39 ? 5  DG  A "H5''" 1 
ATOM   146  H "H4'"  . DG  A 1 5 ? 4.941   5.447   5.138   1.00 0.31 ? 5  DG  A "H4'"  1 
ATOM   147  H "H3'"  . DG  A 1 5 ? 2.891   7.430   4.883   1.00 0.31 ? 5  DG  A "H3'"  1 
ATOM   148  H "H2'"  . DG  A 1 5 ? 1.278   5.650   4.440   1.00 0.24 ? 5  DG  A "H2'"  1 
ATOM   149  H "H2''" . DG  A 1 5 ? 1.605   6.607   3.013   1.00 0.27 ? 5  DG  A "H2''" 1 
ATOM   150  H "H1'"  . DG  A 1 5 ? 3.441   5.014   2.338   1.00 0.20 ? 5  DG  A "H1'"  1 
ATOM   151  H H8     . DG  A 1 5 ? 0.240   3.574   4.030   1.00 0.25 ? 5  DG  A H8     1 
ATOM   152  H H1     . DG  A 1 5 ? 2.105   0.529   -1.316  1.00 0.21 ? 5  DG  A H1     1 
ATOM   153  H H21    . DG  A 1 5 ? 3.961   1.246   -1.999  1.00 0.25 ? 5  DG  A H21    1 
ATOM   154  P P      . DT  A 1 6 ? 5.602   7.550   3.411   1.00 0.34 ? 6  DT  A P      1 
ATOM   155  O OP1    . DT  A 1 6 ? 6.392   6.543   4.151   1.00 0.51 ? 6  DT  A OP1    1 
ATOM   156  O OP2    . DT  A 1 6 ? 5.563   8.958   3.867   1.00 0.59 ? 6  DT  A OP2    1 
ATOM   157  O "O5'"  . DT  A 1 6 ? 6.067   7.508   1.870   1.00 0.31 ? 6  DT  A "O5'"  1 
ATOM   158  C "C5'"  . DT  A 1 6 ? 5.465   8.367   0.894   1.00 0.30 ? 6  DT  A "C5'"  1 
ATOM   159  C "C4'"  . DT  A 1 6 ? 5.269   7.646   -0.440  1.00 0.17 ? 6  DT  A "C4'"  1 
ATOM   160  O "O4'"  . DT  A 1 6 ? 4.379   6.505   -0.374  1.00 0.20 ? 6  DT  A "O4'"  1 
ATOM   161  C "C3'"  . DT  A 1 6 ? 4.654   8.617   -1.469  1.00 0.18 ? 6  DT  A "C3'"  1 
ATOM   162  O "O3'"  . DT  A 1 6 ? 4.922   8.222   -2.822  1.00 0.23 ? 6  DT  A "O3'"  1 
ATOM   163  C "C2'"  . DT  A 1 6 ? 3.174   8.295   -1.214  1.00 0.18 ? 6  DT  A "C2'"  1 
ATOM   164  C "C1'"  . DT  A 1 6 ? 3.277   6.745   -1.261  1.00 0.17 ? 6  DT  A "C1'"  1 
ATOM   165  N N1     . DT  A 1 6 ? 2.073   5.937   -0.950  1.00 0.18 ? 6  DT  A N1     1 
ATOM   166  C C2     . DT  A 1 6 ? 1.907   4.759   -1.653  1.00 0.19 ? 6  DT  A C2     1 
ATOM   167  O O2     . DT  A 1 6 ? 2.682   4.369   -2.519  1.00 0.23 ? 6  DT  A O2     1 
ATOM   168  N N3     . DT  A 1 6 ? 0.803   4.023   -1.349  1.00 0.23 ? 6  DT  A N3     1 
ATOM   169  C C4     . DT  A 1 6 ? -0.156  4.328   -0.422  1.00 0.26 ? 6  DT  A C4     1 
ATOM   170  O O4     . DT  A 1 6 ? -1.092  3.553   -0.262  1.00 0.33 ? 6  DT  A O4     1 
ATOM   171  C C5     . DT  A 1 6 ? 0.076   5.575   0.277   1.00 0.24 ? 6  DT  A C5     1 
ATOM   172  C C7     . DT  A 1 6 ? -0.925  6.039   1.345   1.00 0.32 ? 6  DT  A C7     1 
ATOM   173  C C6     . DT  A 1 6 ? 1.169   6.322   -0.012  1.00 0.21 ? 6  DT  A C6     1 
ATOM   174  H "H5'"  . DT  A 1 6 ? 6.120   9.223   0.731   1.00 0.42 ? 6  DT  A "H5'"  1 
ATOM   175  H "H5''" . DT  A 1 6 ? 4.501   8.734   1.247   1.00 0.41 ? 6  DT  A "H5''" 1 
ATOM   176  H "H4'"  . DT  A 1 6 ? 6.247   7.303   -0.777  1.00 0.23 ? 6  DT  A "H4'"  1 
ATOM   177  H "H3'"  . DT  A 1 6 ? 4.984   9.640   -1.294  1.00 0.28 ? 6  DT  A "H3'"  1 
ATOM   178  H "H2'"  . DT  A 1 6 ? 2.852   8.687   -0.249  1.00 0.21 ? 6  DT  A "H2'"  1 
ATOM   179  H "H2''" . DT  A 1 6 ? 2.492   8.765   -1.923  1.00 0.23 ? 6  DT  A "H2''" 1 
ATOM   180  H "H1'"  . DT  A 1 6 ? 3.538   6.368   -2.250  1.00 0.19 ? 6  DT  A "H1'"  1 
ATOM   181  H H3     . DT  A 1 6 ? 0.694   3.175   -1.882  1.00 0.25 ? 6  DT  A H3     1 
ATOM   182  H H71    . DT  A 1 6 ? -1.300  7.034   1.100   1.00 0.58 ? 6  DT  A H71    1 
ATOM   183  H H72    . DT  A 1 6 ? -0.449  6.059   2.327   1.00 0.51 ? 6  DT  A H72    1 
ATOM   184  H H73    . DT  A 1 6 ? -1.767  5.349   1.387   1.00 0.41 ? 6  DT  A H73    1 
ATOM   185  H H6     . DT  A 1 6 ? 1.376   7.275   0.476   1.00 0.25 ? 6  DT  A H6     1 
ATOM   186  P P      . DC  A 1 7 ? 6.374   8.176   -3.513  1.00 0.30 ? 7  DC  A P      1 
ATOM   187  O OP1    . DC  A 1 7 ? 7.268   7.318   -2.705  1.00 0.47 ? 7  DC  A OP1    1 
ATOM   188  O OP2    . DC  A 1 7 ? 6.774   9.554   -3.869  1.00 0.48 ? 7  DC  A OP2    1 
ATOM   189  O "O5'"  . DC  A 1 7 ? 5.981   7.376   -4.854  1.00 0.35 ? 7  DC  A "O5'"  1 
ATOM   190  C "C5'"  . DC  A 1 7 ? 5.117   7.962   -5.838  1.00 0.30 ? 7  DC  A "C5'"  1 
ATOM   191  C "C4'"  . DC  A 1 7 ? 4.442   6.889   -6.681  1.00 0.29 ? 7  DC  A "C4'"  1 
ATOM   192  O "O4'"  . DC  A 1 7 ? 3.537   6.091   -5.883  1.00 0.28 ? 7  DC  A "O4'"  1 
ATOM   193  C "C3'"  . DC  A 1 7 ? 3.610   7.536   -7.799  1.00 0.26 ? 7  DC  A "C3'"  1 
ATOM   194  O "O3'"  . DC  A 1 7 ? 3.579   6.758   -9.008  1.00 0.36 ? 7  DC  A "O3'"  1 
ATOM   195  C "C2'"  . DC  A 1 7 ? 2.211   7.537   -7.142  1.00 0.25 ? 7  DC  A "C2'"  1 
ATOM   196  C "C1'"  . DC  A 1 7 ? 2.222   6.134   -6.462  1.00 0.25 ? 7  DC  A "C1'"  1 
ATOM   197  N N1     . DC  A 1 7 ? 1.172   6.035   -5.405  1.00 0.26 ? 7  DC  A N1     1 
ATOM   198  C C2     . DC  A 1 7 ? 0.190   5.067   -5.564  1.00 0.30 ? 7  DC  A C2     1 
ATOM   199  O O2     . DC  A 1 7 ? 0.165   4.331   -6.545  1.00 0.36 ? 7  DC  A O2     1 
ATOM   200  N N3     . DC  A 1 7 ? -0.765  4.938   -4.614  1.00 0.30 ? 7  DC  A N3     1 
ATOM   201  C C4     . DC  A 1 7 ? -0.772  5.721   -3.540  1.00 0.26 ? 7  DC  A C4     1 
ATOM   202  N N4     . DC  A 1 7 ? -1.741  5.549   -2.646  1.00 0.29 ? 7  DC  A N4     1 
ATOM   203  C C5     . DC  A 1 7 ? 0.226   6.728   -3.345  1.00 0.24 ? 7  DC  A C5     1 
ATOM   204  C C6     . DC  A 1 7 ? 1.175   6.852   -4.304  1.00 0.24 ? 7  DC  A C6     1 
ATOM   205  H "H5'"  . DC  A 1 7 ? 5.704   8.598   -6.500  1.00 0.38 ? 7  DC  A "H5'"  1 
ATOM   206  H "H5''" . DC  A 1 7 ? 4.338   8.562   -5.369  1.00 0.38 ? 7  DC  A "H5''" 1 
ATOM   207  H "H4'"  . DC  A 1 7 ? 5.230   6.276   -7.118  1.00 0.34 ? 7  DC  A "H4'"  1 
ATOM   208  H "H3'"  . DC  A 1 7 ? 4.087   8.481   -8.055  1.00 0.32 ? 7  DC  A "H3'"  1 
ATOM   209  H "H2'"  . DC  A 1 7 ? 2.100   8.339   -6.412  1.00 0.29 ? 7  DC  A "H2'"  1 
ATOM   210  H "H2''" . DC  A 1 7 ? 1.434   7.599   -7.904  1.00 0.33 ? 7  DC  A "H2''" 1 
ATOM   211  H "H1'"  . DC  A 1 7 ? 2.093   5.258   -7.098  1.00 0.30 ? 7  DC  A "H1'"  1 
ATOM   212  H H41    . DC  A 1 7 ? -2.397  4.787   -2.768  1.00 0.30 ? 7  DC  A H41    1 
ATOM   213  H H42    . DC  A 1 7 ? -1.831  6.168   -1.855  1.00 0.41 ? 7  DC  A H42    1 
ATOM   214  H H5     . DC  A 1 7 ? 0.192   7.330   -2.437  1.00 0.26 ? 7  DC  A H5     1 
ATOM   215  H H6     . DC  A 1 7 ? 1.953   7.614   -4.232  1.00 0.28 ? 7  DC  A H6     1 
ATOM   216  P P      . DI  A 1 8 ? 3.042   7.403   -10.398 1.00 0.40 ? 8  DI  A P      1 
ATOM   217  O OP1    . DI  A 1 8 ? 3.842   6.823   -11.500 1.00 0.51 ? 8  DI  A OP1    1 
ATOM   218  O OP2    . DI  A 1 8 ? 2.980   8.875   -10.242 1.00 0.56 ? 8  DI  A OP2    1 
ATOM   219  O "O5'"  . DI  A 1 8 ? 1.526   6.860   -10.517 1.00 0.36 ? 8  DI  A "O5'"  1 
ATOM   220  C "C5'"  . DI  A 1 8 ? 1.243   5.633   -11.209 1.00 0.34 ? 8  DI  A "C5'"  1 
ATOM   221  C "C4'"  . DI  A 1 8 ? -0.247  5.378   -11.387 1.00 0.39 ? 8  DI  A "C4'"  1 
ATOM   222  O "O4'"  . DI  A 1 8 ? -0.945  5.105   -10.164 1.00 0.45 ? 8  DI  A "O4'"  1 
ATOM   223  C "C3'"  . DI  A 1 8 ? -1.007  6.515   -12.086 1.00 0.41 ? 8  DI  A "C3'"  1 
ATOM   224  O "O3'"  . DI  A 1 8 ? -1.788  5.967   -13.158 1.00 0.45 ? 8  DI  A "O3'"  1 
ATOM   225  C "C2'"  . DI  A 1 8 ? -1.868  7.057   -10.941 1.00 0.42 ? 8  DI  A "C2'"  1 
ATOM   226  C "C1'"  . DI  A 1 8 ? -2.214  5.759   -10.203 1.00 0.41 ? 8  DI  A "C1'"  1 
ATOM   227  N N9     . DI  A 1 8 ? -2.631  5.937   -8.798  1.00 0.41 ? 8  DI  A N9     1 
ATOM   228  C C8     . DI  A 1 8 ? -2.172  6.806   -7.836  1.00 0.42 ? 8  DI  A C8     1 
ATOM   229  N N7     . DI  A 1 8 ? -2.750  6.672   -6.677  1.00 0.43 ? 8  DI  A N7     1 
ATOM   230  C C5     . DI  A 1 8 ? -3.658  5.644   -6.885  1.00 0.41 ? 8  DI  A C5     1 
ATOM   231  C C6     . DI  A 1 8 ? -4.574  5.048   -5.997  1.00 0.41 ? 8  DI  A C6     1 
ATOM   232  O O6     . DI  A 1 8 ? -4.803  5.278   -4.812  1.00 0.44 ? 8  DI  A O6     1 
ATOM   233  N N1     . DI  A 1 8 ? -5.285  4.058   -6.616  1.00 0.41 ? 8  DI  A N1     1 
ATOM   234  C C2     . DI  A 1 8 ? -5.172  3.649   -7.921  1.00 0.40 ? 8  DI  A C2     1 
ATOM   235  N N3     . DI  A 1 8 ? -4.315  4.203   -8.760  1.00 0.40 ? 8  DI  A N3     1 
ATOM   236  C C4     . DI  A 1 8 ? -3.593  5.190   -8.176  1.00 0.41 ? 8  DI  A C4     1 
ATOM   237  H "H5'"  . DI  A 1 8 ? 1.670   4.796   -10.659 1.00 0.46 ? 8  DI  A "H5'"  1 
ATOM   238  H "H5''" . DI  A 1 8 ? 1.687   5.669   -12.204 1.00 0.35 ? 8  DI  A "H5''" 1 
ATOM   239  H "H4'"  . DI  A 1 8 ? -0.313  4.509   -12.041 1.00 0.45 ? 8  DI  A "H4'"  1 
ATOM   240  H "H3'"  . DI  A 1 8 ? -0.334  7.277   -12.478 1.00 0.49 ? 8  DI  A "H3'"  1 
ATOM   241  H "H2'"  . DI  A 1 8 ? -1.262  7.731   -10.334 1.00 0.44 ? 8  DI  A "H2'"  1 
ATOM   242  H "H2''" . DI  A 1 8 ? -2.761  7.565   -11.305 1.00 0.49 ? 8  DI  A "H2''" 1 
ATOM   243  H "H1'"  . DI  A 1 8 ? -2.980  5.189   -10.729 1.00 0.46 ? 8  DI  A "H1'"  1 
ATOM   244  H H8     . DI  A 1 8 ? -1.398  7.556   -7.988  1.00 0.43 ? 8  DI  A H8     1 
ATOM   245  H H1     . DI  A 1 8 ? -5.948  3.609   -6.010  1.00 0.41 ? 8  DI  A H1     1 
ATOM   246  H H2     . DI  A 1 8 ? -5.825  2.840   -8.245  1.00 0.39 ? 8  DI  A H2     1 
ATOM   247  P P      . DT  A 1 9 ? -2.489  6.873   -14.296 1.00 0.54 ? 9  DT  A P      1 
ATOM   248  O OP1    . DT  A 1 9 ? -2.346  6.171   -15.592 1.00 0.73 ? 9  DT  A OP1    1 
ATOM   249  O OP2    . DT  A 1 9 ? -2.019  8.270   -14.161 1.00 0.66 ? 9  DT  A OP2    1 
ATOM   250  O "O5'"  . DT  A 1 9 ? -4.039  6.821   -13.857 1.00 0.54 ? 9  DT  A "O5'"  1 
ATOM   251  C "C5'"  . DT  A 1 9 ? -4.847  5.649   -14.063 1.00 0.54 ? 9  DT  A "C5'"  1 
ATOM   252  C "C4'"  . DT  A 1 9 ? -6.116  5.698   -13.211 1.00 0.55 ? 9  DT  A "C4'"  1 
ATOM   253  O "O4'"  . DT  A 1 9 ? -5.809  5.849   -11.826 1.00 0.55 ? 9  DT  A "O4'"  1 
ATOM   254  C "C3'"  . DT  A 1 9 ? -6.947  6.947   -13.499 1.00 0.54 ? 9  DT  A "C3'"  1 
ATOM   255  O "O3'"  . DT  A 1 9 ? -7.848  6.755   -14.595 1.00 0.62 ? 9  DT  A "O3'"  1 
ATOM   256  C "C2'"  . DT  A 1 9 ? -7.724  7.185   -12.162 1.00 0.56 ? 9  DT  A "C2'"  1 
ATOM   257  C "C1'"  . DT  A 1 9 ? -7.062  6.162   -11.215 1.00 0.53 ? 9  DT  A "C1'"  1 
ATOM   258  N N1     . DT  A 1 9 ? -6.790  6.713   -9.868  1.00 0.54 ? 9  DT  A N1     1 
ATOM   259  C C2     . DT  A 1 9 ? -7.472  6.181   -8.787  1.00 0.52 ? 9  DT  A C2     1 
ATOM   260  O O2     . DT  A 1 9 ? -8.299  5.280   -8.883  1.00 0.54 ? 9  DT  A O2     1 
ATOM   261  N N3     . DT  A 1 9 ? -7.175  6.724   -7.564  1.00 0.54 ? 9  DT  A N3     1 
ATOM   262  C C4     . DT  A 1 9 ? -6.274  7.731   -7.317  1.00 0.57 ? 9  DT  A C4     1 
ATOM   263  O O4     . DT  A 1 9 ? -6.110  8.110   -6.164  1.00 0.62 ? 9  DT  A O4     1 
ATOM   264  C C5     . DT  A 1 9 ? -5.601  8.236   -8.493  1.00 0.59 ? 9  DT  A C5     1 
ATOM   265  C C7     . DT  A 1 9 ? -4.573  9.369   -8.370  1.00 0.64 ? 9  DT  A C7     1 
ATOM   266  C C6     . DT  A 1 9 ? -5.876  7.719   -9.704  1.00 0.58 ? 9  DT  A C6     1 
ATOM   267  H "H5'"  . DT  A 1 9 ? -4.282  4.752   -13.810 1.00 0.57 ? 9  DT  A "H5'"  1 
ATOM   268  H "H5''" . DT  A 1 9 ? -5.130  5.614   -15.115 1.00 0.59 ? 9  DT  A "H5''" 1 
ATOM   269  H "H4'"  . DT  A 1 9 ? -6.693  4.801   -13.437 1.00 0.58 ? 9  DT  A "H4'"  1 
ATOM   270  H "H3'"  . DT  A 1 9 ? -6.206  7.710   -13.736 1.00 0.55 ? 9  DT  A "H3'"  1 
ATOM   271  H "HO3'" . DT  A 1 9 ? -7.323  6.524   -15.364 1.00 0.88 ? 9  DT  A "HO3'" 1 
ATOM   272  H "H2'"  . DT  A 1 9 ? -7.628  8.189   -11.750 1.00 0.57 ? 9  DT  A "H2'"  1 
ATOM   273  H "H2''" . DT  A 1 9 ? -8.795  7.013   -12.269 1.00 0.64 ? 9  DT  A "H2''" 1 
ATOM   274  H "H1'"  . DT  A 1 9 ? -7.689  5.274   -11.129 1.00 0.53 ? 9  DT  A "H1'"  1 
ATOM   275  H H3     . DT  A 1 9 ? -7.666  6.350   -6.766  1.00 0.53 ? 9  DT  A H3     1 
ATOM   276  H H71    . DT  A 1 9 ? -4.922  10.241  -8.923  1.00 0.66 ? 9  DT  A H71    1 
ATOM   277  H H72    . DT  A 1 9 ? -3.615  9.048   -8.778  1.00 0.73 ? 9  DT  A H72    1 
ATOM   278  H H73    . DT  A 1 9 ? -4.441  9.647   -7.324  1.00 0.68 ? 9  DT  A H73    1 
ATOM   279  H H6     . DT  A 1 9 ? -5.366  8.102   -10.588 1.00 0.61 ? 9  DT  A H6     1 
ATOM   280  O "O5'"  . DA  B 2 1 ? -15.028 4.179   1.088   1.00 1.05 ? 10 DA  B "O5'"  1 
ATOM   281  C "C5'"  . DA  B 2 1 ? -15.318 4.203   -0.318  1.00 0.96 ? 10 DA  B "C5'"  1 
ATOM   282  C "C4'"  . DA  B 2 1 ? -14.076 3.901   -1.166  1.00 0.80 ? 10 DA  B "C4'"  1 
ATOM   283  O "O4'"  . DA  B 2 1 ? -13.091 4.938   -1.188  1.00 0.77 ? 10 DA  B "O4'"  1 
ATOM   284  C "C3'"  . DA  B 2 1 ? -13.381 2.600   -0.760  1.00 0.72 ? 10 DA  B "C3'"  1 
ATOM   285  O "O3'"  . DA  B 2 1 ? -13.693 1.645   -1.789  1.00 0.64 ? 10 DA  B "O3'"  1 
ATOM   286  C "C2'"  . DA  B 2 1 ? -11.901 3.070   -0.785  1.00 0.65 ? 10 DA  B "C2'"  1 
ATOM   287  C "C1'"  . DA  B 2 1 ? -11.985 4.248   -1.745  1.00 0.65 ? 10 DA  B "C1'"  1 
ATOM   288  N N9     . DA  B 2 1 ? -10.818 5.090   -2.012  1.00 0.63 ? 10 DA  B N9     1 
ATOM   289  C C8     . DA  B 2 1 ? -10.188 5.858   -1.124  1.00 0.70 ? 10 DA  B C8     1 
ATOM   290  N N7     . DA  B 2 1 ? -9.167  6.525   -1.583  1.00 0.71 ? 10 DA  B N7     1 
ATOM   291  C C5     . DA  B 2 1 ? -9.136  6.149   -2.923  1.00 0.60 ? 10 DA  B C5     1 
ATOM   292  C C6     . DA  B 2 1 ? -8.294  6.495   -3.988  1.00 0.58 ? 10 DA  B C6     1 
ATOM   293  N N6     . DA  B 2 1 ? -7.277  7.337   -3.848  1.00 0.64 ? 10 DA  B N6     1 
ATOM   294  N N1     . DA  B 2 1 ? -8.542  5.942   -5.184  1.00 0.54 ? 10 DA  B N1     1 
ATOM   295  C C2     . DA  B 2 1 ? -9.561  5.098   -5.314  1.00 0.51 ? 10 DA  B C2     1 
ATOM   296  N N3     . DA  B 2 1 ? -10.420 4.694   -4.389  1.00 0.52 ? 10 DA  B N3     1 
ATOM   297  C C4     . DA  B 2 1 ? -10.144 5.268   -3.198  1.00 0.56 ? 10 DA  B C4     1 
ATOM   298  H "H5'"  . DA  B 2 1 ? -15.687 5.191   -0.594  1.00 1.02 ? 10 DA  B "H5'"  1 
ATOM   299  H "H5''" . DA  B 2 1 ? -16.091 3.461   -0.514  1.00 1.00 ? 10 DA  B "H5''" 1 
ATOM   300  H "H4'"  . DA  B 2 1 ? -14.314 3.690   -2.209  1.00 0.76 ? 10 DA  B "H4'"  1 
ATOM   301  H "H3'"  . DA  B 2 1 ? -13.758 2.265   0.206   1.00 0.82 ? 10 DA  B "H3'"  1 
ATOM   302  H "H2'"  . DA  B 2 1 ? -11.611 3.362   0.224   1.00 0.71 ? 10 DA  B "H2'"  1 
ATOM   303  H "H2''" . DA  B 2 1 ? -11.222 2.337   -1.219  1.00 0.58 ? 10 DA  B "H2''" 1 
ATOM   304  H "H1'"  . DA  B 2 1 ? -12.163 3.839   -2.740  1.00 0.62 ? 10 DA  B "H1'"  1 
ATOM   305  H H8     . DA  B 2 1 ? -10.632 5.827   -0.131  1.00 0.80 ? 10 DA  B H8     1 
ATOM   306  H H61    . DA  B 2 1 ? -6.714  7.590   -4.651  1.00 0.65 ? 10 DA  B H61    1 
ATOM   307  H H62    . DA  B 2 1 ? -7.071  7.721   -2.940  1.00 0.71 ? 10 DA  B H62    1 
ATOM   308  H H2     . DA  B 2 1 ? -9.712  4.684   -6.311  1.00 0.53 ? 10 DA  B H2     1 
ATOM   309  H "HO5'" . DA  B 2 1 ? -14.595 5.003   1.325   1.00 1.32 ? 10 DA  B "HO5'" 1 
ATOM   310  P P      . DC  B 2 2 ? -12.958 0.226   -2.047  1.00 0.55 ? 11 DC  B P      1 
ATOM   311  O OP1    . DC  B 2 2 ? -14.007 -0.808  -2.196  1.00 0.61 ? 11 DC  B OP1    1 
ATOM   312  O OP2    . DC  B 2 2 ? -11.889 0.047   -1.039  1.00 0.62 ? 11 DC  B OP2    1 
ATOM   313  O "O5'"  . DC  B 2 2 ? -12.257 0.452   -3.482  1.00 0.45 ? 11 DC  B "O5'"  1 
ATOM   314  C "C5'"  . DC  B 2 2 ? -13.037 0.571   -4.690  1.00 0.39 ? 11 DC  B "C5'"  1 
ATOM   315  C "C4'"  . DC  B 2 2 ? -12.151 0.494   -5.938  1.00 0.31 ? 11 DC  B "C4'"  1 
ATOM   316  O "O4'"  . DC  B 2 2 ? -11.176 1.530   -5.917  1.00 0.32 ? 11 DC  B "O4'"  1 
ATOM   317  C "C3'"  . DC  B 2 2 ? -11.423 -0.848  -6.065  1.00 0.27 ? 11 DC  B "C3'"  1 
ATOM   318  O "O3'"  . DC  B 2 2 ? -11.359 -1.303  -7.421  1.00 0.26 ? 11 DC  B "O3'"  1 
ATOM   319  C "C2'"  . DC  B 2 2 ? -10.036 -0.508  -5.543  1.00 0.31 ? 11 DC  B "C2'"  1 
ATOM   320  C "C1'"  . DC  B 2 2 ? -9.893  0.942   -6.085  1.00 0.28 ? 11 DC  B "C1'"  1 
ATOM   321  N N1     . DC  B 2 2 ? -9.007  1.727   -5.198  1.00 0.30 ? 11 DC  B N1     1 
ATOM   322  C C2     . DC  B 2 2 ? -7.895  2.315   -5.748  1.00 0.31 ? 11 DC  B C2     1 
ATOM   323  O O2     . DC  B 2 2 ? -7.616  2.209   -6.939  1.00 0.34 ? 11 DC  B O2     1 
ATOM   324  N N3     . DC  B 2 2 ? -7.093  3.035   -4.934  1.00 0.33 ? 11 DC  B N3     1 
ATOM   325  C C4     . DC  B 2 2 ? -7.347  3.189   -3.640  1.00 0.35 ? 11 DC  B C4     1 
ATOM   326  N N4     . DC  B 2 2 ? -6.490  3.922   -2.940  1.00 0.39 ? 11 DC  B N4     1 
ATOM   327  C C5     . DC  B 2 2 ? -8.496  2.589   -3.046  1.00 0.36 ? 11 DC  B C5     1 
ATOM   328  C C6     . DC  B 2 2 ? -9.295  1.870   -3.865  1.00 0.34 ? 11 DC  B C6     1 
ATOM   329  H "H5'"  . DC  B 2 2 ? -13.555 1.531   -4.677  1.00 0.51 ? 11 DC  B "H5'"  1 
ATOM   330  H "H5''" . DC  B 2 2 ? -13.773 -0.233  -4.726  1.00 0.46 ? 11 DC  B "H5''" 1 
ATOM   331  H "H4'"  . DC  B 2 2 ? -12.690 0.631   -6.876  1.00 0.35 ? 11 DC  B "H4'"  1 
ATOM   332  H "H3'"  . DC  B 2 2 ? -11.945 -1.596  -5.468  1.00 0.35 ? 11 DC  B "H3'"  1 
ATOM   333  H "H2'"  . DC  B 2 2 ? -10.075 -0.598  -4.457  1.00 0.37 ? 11 DC  B "H2'"  1 
ATOM   334  H "H2''" . DC  B 2 2 ? -9.289  -1.157  -6.002  1.00 0.38 ? 11 DC  B "H2''" 1 
ATOM   335  H "H1'"  . DC  B 2 2 ? -9.607  1.038   -7.132  1.00 0.33 ? 11 DC  B "H1'"  1 
ATOM   336  H H41    . DC  B 2 2 ? -5.748  4.393   -3.444  1.00 0.44 ? 11 DC  B H41    1 
ATOM   337  H H42    . DC  B 2 2 ? -6.571  4.009   -1.939  1.00 0.48 ? 11 DC  B H42    1 
ATOM   338  H H5     . DC  B 2 2 ? -8.711  2.713   -1.983  1.00 0.42 ? 11 DC  B H5     1 
ATOM   339  H H6     . DC  B 2 2 ? -10.196 1.391   -3.484  1.00 0.38 ? 11 DC  B H6     1 
ATOM   340  P P      . DG  B 2 3 ? -10.793 -2.779  -7.756  1.00 0.28 ? 12 DG  B P      1 
ATOM   341  O OP1    . DG  B 2 3 ? -11.091 -3.070  -9.177  1.00 0.28 ? 12 DG  B OP1    1 
ATOM   342  O OP2    . DG  B 2 3 ? -11.248 -3.715  -6.705  1.00 0.40 ? 12 DG  B OP2    1 
ATOM   343  O "O5'"  . DG  B 2 3 ? -9.198  -2.574  -7.591  1.00 0.32 ? 12 DG  B "O5'"  1 
ATOM   344  C "C5'"  . DG  B 2 3 ? -8.433  -2.069  -8.692  1.00 0.36 ? 12 DG  B "C5'"  1 
ATOM   345  C "C4'"  . DG  B 2 3 ? -6.979  -1.761  -8.357  1.00 0.35 ? 12 DG  B "C4'"  1 
ATOM   346  O "O4'"  . DG  B 2 3 ? -6.743  -0.639  -7.477  1.00 0.32 ? 12 DG  B "O4'"  1 
ATOM   347  C "C3'"  . DG  B 2 3 ? -6.145  -2.919  -7.787  1.00 0.37 ? 12 DG  B "C3'"  1 
ATOM   348  O "O3'"  . DG  B 2 3 ? -5.093  -3.201  -8.726  1.00 0.45 ? 12 DG  B "O3'"  1 
ATOM   349  C "C2'"  . DG  B 2 3 ? -5.692  -2.338  -6.453  1.00 0.36 ? 12 DG  B "C2'"  1 
ATOM   350  C "C1'"  . DG  B 2 3 ? -5.507  -0.901  -6.796  1.00 0.31 ? 12 DG  B "C1'"  1 
ATOM   351  N N9     . DG  B 2 3 ? -5.246  -0.031  -5.635  1.00 0.28 ? 12 DG  B N9     1 
ATOM   352  C C8     . DG  B 2 3 ? -5.854  0.039   -4.411  1.00 0.33 ? 12 DG  B C8     1 
ATOM   353  N N7     . DG  B 2 3 ? -5.354  0.954   -3.622  1.00 0.32 ? 12 DG  B N7     1 
ATOM   354  C C5     . DG  B 2 3 ? -4.339  1.527   -4.386  1.00 0.26 ? 12 DG  B C5     1 
ATOM   355  C C6     . DG  B 2 3 ? -3.427  2.578   -4.084  1.00 0.24 ? 12 DG  B C6     1 
ATOM   356  O O6     . DG  B 2 3 ? -3.309  3.257   -3.070  1.00 0.29 ? 12 DG  B O6     1 
ATOM   357  N N1     . DG  B 2 3 ? -2.577  2.829   -5.139  1.00 0.24 ? 12 DG  B N1     1 
ATOM   358  C C2     . DG  B 2 3 ? -2.589  2.164   -6.338  1.00 0.27 ? 12 DG  B C2     1 
ATOM   359  N N2     . DG  B 2 3 ? -1.697  2.517   -7.239  1.00 0.35 ? 12 DG  B N2     1 
ATOM   360  N N3     . DG  B 2 3 ? -3.434  1.187   -6.633  1.00 0.26 ? 12 DG  B N3     1 
ATOM   361  C C4     . DG  B 2 3 ? -4.275  0.924   -5.613  1.00 0.25 ? 12 DG  B C4     1 
ATOM   362  H "H5'"  . DG  B 2 3 ? -8.881  -1.148  -9.065  1.00 0.42 ? 12 DG  B "H5'"  1 
ATOM   363  H "H5''" . DG  B 2 3 ? -8.443  -2.810  -9.491  1.00 0.49 ? 12 DG  B "H5''" 1 
ATOM   364  H "H4'"  . DG  B 2 3 ? -6.577  -1.568  -9.351  1.00 0.40 ? 12 DG  B "H4'"  1 
ATOM   365  H "H3'"  . DG  B 2 3 ? -6.712  -3.821  -7.561  1.00 0.44 ? 12 DG  B "H3'"  1 
ATOM   366  H "H2'"  . DG  B 2 3 ? -6.452  -2.433  -5.676  1.00 0.39 ? 12 DG  B "H2'"  1 
ATOM   367  H "H2''" . DG  B 2 3 ? -4.806  -2.817  -6.041  1.00 0.38 ? 12 DG  B "H2''" 1 
ATOM   368  H "H1'"  . DG  B 2 3 ? -4.609  -0.865  -7.413  1.00 0.31 ? 12 DG  B "H1'"  1 
ATOM   369  H H8     . DG  B 2 3 ? -6.674  -0.618  -4.120  1.00 0.38 ? 12 DG  B H8     1 
ATOM   370  H H1     . DG  B 2 3 ? -1.905  3.568   -4.983  1.00 0.27 ? 12 DG  B H1     1 
ATOM   371  H H21    . DG  B 2 3 ? -1.062  3.283   -7.065  1.00 0.33 ? 12 DG  B H21    1 
ATOM   372  H H22    . DG  B 2 3 ? -1.663  1.995   -8.101  1.00 0.47 ? 12 DG  B H22    1 
ATOM   373  P P      . DA  B 2 4 ? -3.638  -3.798  -8.376  1.00 0.49 ? 13 DA  B P      1 
ATOM   374  O OP1    . DA  B 2 4 ? -3.148  -4.541  -9.559  1.00 0.68 ? 13 DA  B OP1    1 
ATOM   375  O OP2    . DA  B 2 4 ? -3.682  -4.461  -7.052  1.00 0.70 ? 13 DA  B OP2    1 
ATOM   376  O "O5'"  . DA  B 2 4 ? -2.792  -2.440  -8.225  1.00 0.53 ? 13 DA  B "O5'"  1 
ATOM   377  C "C5'"  . DA  B 2 4 ? -2.278  -1.737  -9.369  1.00 0.45 ? 13 DA  B "C5'"  1 
ATOM   378  C "C4'"  . DA  B 2 4 ? -0.817  -1.366  -9.160  1.00 0.35 ? 13 DA  B "C4'"  1 
ATOM   379  O "O4'"  . DA  B 2 4 ? -0.605  -0.476  -8.054  1.00 0.35 ? 13 DA  B "O4'"  1 
ATOM   380  C "C3'"  . DA  B 2 4 ? 0.114   -2.555  -8.862  1.00 0.31 ? 13 DA  B "C3'"  1 
ATOM   381  O "O3'"  . DA  B 2 4 ? 1.438   -2.234  -9.312  1.00 0.35 ? 13 DA  B "O3'"  1 
ATOM   382  C "C2'"  . DA  B 2 4 ? 0.024   -2.642  -7.363  1.00 0.27 ? 13 DA  B "C2'"  1 
ATOM   383  C "C1'"  . DA  B 2 4 ? 0.104   -1.169  -7.013  1.00 0.25 ? 13 DA  B "C1'"  1 
ATOM   384  N N9     . DA  B 2 4 ? -0.566  -0.815  -5.760  1.00 0.23 ? 13 DA  B N9     1 
ATOM   385  C C8     . DA  B 2 4 ? -1.734  -1.266  -5.194  1.00 0.24 ? 13 DA  B C8     1 
ATOM   386  N N7     . DA  B 2 4 ? -2.030  -0.677  -4.068  1.00 0.24 ? 13 DA  B N7     1 
ATOM   387  C C5     . DA  B 2 4 ? -0.982  0.220   -3.885  1.00 0.24 ? 13 DA  B C5     1 
ATOM   388  C C6     . DA  B 2 4 ? -0.685  1.153   -2.887  1.00 0.26 ? 13 DA  B C6     1 
ATOM   389  N N6     . DA  B 2 4 ? -1.476  1.353   -1.839  1.00 0.29 ? 13 DA  B N6     1 
ATOM   390  N N1     . DA  B 2 4 ? 0.440   1.869   -3.029  1.00 0.27 ? 13 DA  B N1     1 
ATOM   391  C C2     . DA  B 2 4 ? 1.220   1.676   -4.094  1.00 0.26 ? 13 DA  B C2     1 
ATOM   392  N N3     . DA  B 2 4 ? 1.039   0.836   -5.087  1.00 0.25 ? 13 DA  B N3     1 
ATOM   393  C C4     . DA  B 2 4 ? -0.095  0.133   -4.914  1.00 0.24 ? 13 DA  B C4     1 
ATOM   394  H "H5'"  . DA  B 2 4 ? -2.827  -0.811  -9.536  1.00 0.54 ? 13 DA  B "H5'"  1 
ATOM   395  H "H5''" . DA  B 2 4 ? -2.358  -2.343  -10.272 1.00 0.52 ? 13 DA  B "H5''" 1 
ATOM   396  H "H4'"  . DA  B 2 4 ? -0.523  -0.858  -10.079 1.00 0.38 ? 13 DA  B "H4'"  1 
ATOM   397  H "H3'"  . DA  B 2 4 ? -0.233  -3.543  -9.163  1.00 0.31 ? 13 DA  B "H3'"  1 
ATOM   398  H "H2'"  . DA  B 2 4 ? -0.892  -3.163  -7.086  1.00 0.29 ? 13 DA  B "H2'"  1 
ATOM   399  H "H2''" . DA  B 2 4 ? 0.867   -3.216  -6.977  1.00 0.32 ? 13 DA  B "H2''" 1 
ATOM   400  H "H1'"  . DA  B 2 4 ? 1.151   -0.885  -6.904  1.00 0.28 ? 13 DA  B "H1'"  1 
ATOM   401  H H8     . DA  B 2 4 ? -2.359  -2.047  -5.629  1.00 0.26 ? 13 DA  B H8     1 
ATOM   402  H H61    . DA  B 2 4 ? -1.224  2.003   -1.104  1.00 0.34 ? 13 DA  B H61    1 
ATOM   403  H H62    . DA  B 2 4 ? -2.348  0.845   -1.785  1.00 0.35 ? 13 DA  B H62    1 
ATOM   404  H H2     . DA  B 2 4 ? 2.137   2.255   -4.206  1.00 0.27 ? 13 DA  B H2     1 
ATOM   405  P P      . DC  B 2 5 ? 2.484   -3.373  -9.744  1.00 0.32 ? 14 DC  B P      1 
ATOM   406  O OP1    . DC  B 2 5 ? 3.762   -2.719  -10.110 1.00 0.41 ? 14 DC  B OP1    1 
ATOM   407  O OP2    . DC  B 2 5 ? 1.822   -4.278  -10.710 1.00 0.39 ? 14 DC  B OP2    1 
ATOM   408  O "O5'"  . DC  B 2 5 ? 2.664   -4.166  -8.351  1.00 0.28 ? 14 DC  B "O5'"  1 
ATOM   409  C "C5'"  . DC  B 2 5 ? 3.885   -4.263  -7.609  1.00 0.29 ? 14 DC  B "C5'"  1 
ATOM   410  C "C4'"  . DC  B 2 5 ? 4.508   -2.913  -7.202  1.00 0.27 ? 14 DC  B "C4'"  1 
ATOM   411  O "O4'"  . DC  B 2 5 ? 3.629   -2.121  -6.417  1.00 0.26 ? 14 DC  B "O4'"  1 
ATOM   412  C "C3'"  . DC  B 2 5 ? 5.753   -3.200  -6.403  1.00 0.26 ? 14 DC  B "C3'"  1 
ATOM   413  O "O3'"  . DC  B 2 5 ? 6.805   -2.288  -6.728  1.00 0.27 ? 14 DC  B "O3'"  1 
ATOM   414  C "C2'"  . DC  B 2 5 ? 5.216   -3.054  -4.988  1.00 0.24 ? 14 DC  B "C2'"  1 
ATOM   415  C "C1'"  . DC  B 2 5 ? 4.233   -1.894  -5.148  1.00 0.23 ? 14 DC  B "C1'"  1 
ATOM   416  N N1     . DC  B 2 5 ? 3.099   -1.919  -4.213  1.00 0.20 ? 14 DC  B N1     1 
ATOM   417  C C2     . DC  B 2 5 ? 2.941   -0.908  -3.276  1.00 0.21 ? 14 DC  B C2     1 
ATOM   418  O O2     . DC  B 2 5 ? 3.756   0.000   -3.139  1.00 0.23 ? 14 DC  B O2     1 
ATOM   419  N N3     . DC  B 2 5 ? 1.844   -0.932  -2.484  1.00 0.21 ? 14 DC  B N3     1 
ATOM   420  C C4     . DC  B 2 5 ? 0.937   -1.904  -2.606  1.00 0.20 ? 14 DC  B C4     1 
ATOM   421  N N4     . DC  B 2 5 ? -0.120  -1.876  -1.802  1.00 0.22 ? 14 DC  B N4     1 
ATOM   422  C C5     . DC  B 2 5 ? 1.092   -2.952  -3.573  1.00 0.19 ? 14 DC  B C5     1 
ATOM   423  C C6     . DC  B 2 5 ? 2.191   -2.917  -4.340  1.00 0.19 ? 14 DC  B C6     1 
ATOM   424  H "H5'"  . DC  B 2 5 ? 4.605   -4.856  -8.172  1.00 0.37 ? 14 DC  B "H5'"  1 
ATOM   425  H "H5''" . DC  B 2 5 ? 3.666   -4.777  -6.674  1.00 0.34 ? 14 DC  B "H5''" 1 
ATOM   426  H "H4'"  . DC  B 2 5 ? 4.860   -2.210  -7.957  1.00 0.30 ? 14 DC  B "H4'"  1 
ATOM   427  H "H3'"  . DC  B 2 5 ? 6.088   -4.205  -6.659  1.00 0.31 ? 14 DC  B "H3'"  1 
ATOM   428  H "H2'"  . DC  B 2 5 ? 4.721   -3.997  -4.756  1.00 0.22 ? 14 DC  B "H2'"  1 
ATOM   429  H "H2''" . DC  B 2 5 ? 6.002   -2.704  -4.320  1.00 0.27 ? 14 DC  B "H2''" 1 
ATOM   430  H "H1'"  . DC  B 2 5 ? 4.668   -0.895  -5.125  1.00 0.25 ? 14 DC  B "H1'"  1 
ATOM   431  H H41    . DC  B 2 5 ? -0.171  -1.151  -1.098  1.00 0.28 ? 14 DC  B H41    1 
ATOM   432  H H42    . DC  B 2 5 ? -0.854  -2.561  -1.888  1.00 0.27 ? 14 DC  B H42    1 
ATOM   433  H H5     . DC  B 2 5 ? 0.359   -3.737  -3.754  1.00 0.21 ? 14 DC  B H5     1 
ATOM   434  H H6     . DC  B 2 5 ? 2.423   -3.700  -5.062  1.00 0.22 ? 14 DC  B H6     1 
ATOM   435  P P      . DG  B 2 6 ? 8.312   -2.658  -6.293  1.00 0.29 ? 15 DG  B P      1 
ATOM   436  O OP1    . DG  B 2 6 ? 9.237   -1.722  -6.972  1.00 0.36 ? 15 DG  B OP1    1 
ATOM   437  O OP2    . DG  B 2 6 ? 8.510   -4.120  -6.422  1.00 0.37 ? 15 DG  B OP2    1 
ATOM   438  O "O5'"  . DG  B 2 6 ? 8.235   -2.288  -4.731  1.00 0.30 ? 15 DG  B "O5'"  1 
ATOM   439  C "C5'"  . DG  B 2 6 ? 8.337   -0.916  -4.345  1.00 0.27 ? 15 DG  B "C5'"  1 
ATOM   440  C "C4'"  . DG  B 2 6 ? 8.023   -0.678  -2.879  1.00 0.25 ? 15 DG  B "C4'"  1 
ATOM   441  O "O4'"  . DG  B 2 6 ? 6.647   -0.843  -2.469  1.00 0.21 ? 15 DG  B "O4'"  1 
ATOM   442  C "C3'"  . DG  B 2 6 ? 8.835   -1.566  -1.922  1.00 0.26 ? 15 DG  B "C3'"  1 
ATOM   443  O "O3'"  . DG  B 2 6 ? 9.661   -0.789  -1.054  1.00 0.32 ? 15 DG  B "O3'"  1 
ATOM   444  C "C2'"  . DG  B 2 6 ? 7.722   -2.276  -1.102  1.00 0.28 ? 15 DG  B "C2'"  1 
ATOM   445  C "C1'"  . DG  B 2 6 ? 6.643   -1.196  -1.078  1.00 0.25 ? 15 DG  B "C1'"  1 
ATOM   446  N N9     . DG  B 2 6 ? 5.325   -1.693  -0.671  1.00 0.21 ? 15 DG  B N9     1 
ATOM   447  C C8     . DG  B 2 6 ? 4.578   -2.707  -1.188  1.00 0.23 ? 15 DG  B C8     1 
ATOM   448  N N7     . DG  B 2 6 ? 3.427   -2.874  -0.607  1.00 0.23 ? 15 DG  B N7     1 
ATOM   449  C C5     . DG  B 2 6 ? 3.420   -1.889  0.376   1.00 0.20 ? 15 DG  B C5     1 
ATOM   450  C C6     . DG  B 2 6 ? 2.437   -1.567  1.331   1.00 0.21 ? 15 DG  B C6     1 
ATOM   451  O O6     . DG  B 2 6 ? 1.344   -2.090  1.515   1.00 0.26 ? 15 DG  B O6     1 
ATOM   452  N N1     . DG  B 2 6 ? 2.832   -0.513  2.123   1.00 0.21 ? 15 DG  B N1     1 
ATOM   453  C C2     . DG  B 2 6 ? 4.012   0.157   2.026   1.00 0.20 ? 15 DG  B C2     1 
ATOM   454  N N2     . DG  B 2 6 ? 4.179   1.113   2.920   1.00 0.23 ? 15 DG  B N2     1 
ATOM   455  N N3     . DG  B 2 6 ? 4.948   -0.129  1.131   1.00 0.20 ? 15 DG  B N3     1 
ATOM   456  C C4     . DG  B 2 6 ? 4.579   -1.165  0.340   1.00 0.20 ? 15 DG  B C4     1 
ATOM   457  H "H5'"  . DG  B 2 6 ? 7.671   -0.290  -4.939  1.00 0.31 ? 15 DG  B "H5'"  1 
ATOM   458  H "H5''" . DG  B 2 6 ? 9.365   -0.601  -4.527  1.00 0.35 ? 15 DG  B "H5''" 1 
ATOM   459  H "H4'"  . DG  B 2 6 ? 8.348   0.362   -2.827  1.00 0.28 ? 15 DG  B "H4'"  1 
ATOM   460  H "H3'"  . DG  B 2 6 ? 9.465   -2.246  -2.497  1.00 0.28 ? 15 DG  B "H3'"  1 
ATOM   461  H "H2'"  . DG  B 2 6 ? 7.344   -3.150  -1.629  1.00 0.29 ? 15 DG  B "H2'"  1 
ATOM   462  H "H2''" . DG  B 2 6 ? 8.019   -2.549  -0.088  1.00 0.33 ? 15 DG  B "H2''" 1 
ATOM   463  H "H1'"  . DG  B 2 6 ? 6.795   -0.386  -0.365  1.00 0.27 ? 15 DG  B "H1'"  1 
ATOM   464  H H8     . DG  B 2 6 ? 4.934   -3.324  -2.014  1.00 0.26 ? 15 DG  B H8     1 
ATOM   465  H H1     . DG  B 2 6 ? 2.180   -0.213  2.822   1.00 0.25 ? 15 DG  B H1     1 
ATOM   466  H H21    . DG  B 2 6 ? 3.439   1.311   3.578   1.00 0.31 ? 15 DG  B H21    1 
ATOM   467  H H22    . DG  B 2 6 ? 5.048   1.622   2.941   1.00 0.31 ? 15 DG  B H22    1 
ATOM   468  P P      . DT  B 2 7 ? 10.974  -1.460  -0.397  1.00 0.27 ? 16 DT  B P      1 
ATOM   469  O OP1    . DT  B 2 7 ? 12.167  -0.956  -1.105  1.00 0.42 ? 16 DT  B OP1    1 
ATOM   470  O OP2    . DT  B 2 7 ? 10.763  -2.923  -0.282  1.00 0.43 ? 16 DT  B OP2    1 
ATOM   471  O "O5'"  . DT  B 2 7 ? 10.947  -0.815  1.078   1.00 0.26 ? 16 DT  B "O5'"  1 
ATOM   472  C "C5'"  . DT  B 2 7 ? 10.784  -1.632  2.243   1.00 0.28 ? 16 DT  B "C5'"  1 
ATOM   473  C "C4'"  . DT  B 2 7 ? 9.581   -1.209  3.076   1.00 0.23 ? 16 DT  B "C4'"  1 
ATOM   474  O "O4'"  . DT  B 2 7 ? 8.303   -1.392  2.411   1.00 0.20 ? 16 DT  B "O4'"  1 
ATOM   475  C "C3'"  . DT  B 2 7 ? 9.481   -2.151  4.254   1.00 0.25 ? 16 DT  B "C3'"  1 
ATOM   476  O "O3'"  . DT  B 2 7 ? 10.277  -1.600  5.310   1.00 0.30 ? 16 DT  B "O3'"  1 
ATOM   477  C "C2'"  . DT  B 2 7 ? 7.980   -1.958  4.623   1.00 0.25 ? 16 DT  B "C2'"  1 
ATOM   478  C "C1'"  . DT  B 2 7 ? 7.252   -1.363  3.408   1.00 0.22 ? 16 DT  B "C1'"  1 
ATOM   479  N N1     . DT  B 2 7 ? 6.125   -2.330  3.234   1.00 0.21 ? 16 DT  B N1     1 
ATOM   480  C C2     . DT  B 2 7 ? 4.921   -2.050  3.864   1.00 0.22 ? 16 DT  B C2     1 
ATOM   481  O O2     . DT  B 2 7 ? 4.732   -1.061  4.564   1.00 0.24 ? 16 DT  B O2     1 
ATOM   482  N N3     . DT  B 2 7 ? 3.914   -2.959  3.677   1.00 0.26 ? 16 DT  B N3     1 
ATOM   483  C C4     . DT  B 2 7 ? 3.976   -4.100  2.932   1.00 0.27 ? 16 DT  B C4     1 
ATOM   484  O O4     . DT  B 2 7 ? 2.980   -4.808  2.846   1.00 0.32 ? 16 DT  B O4     1 
ATOM   485  C C5     . DT  B 2 7 ? 5.257   -4.329  2.307   1.00 0.26 ? 16 DT  B C5     1 
ATOM   486  C C7     . DT  B 2 7 ? 5.446   -5.558  1.425   1.00 0.34 ? 16 DT  B C7     1 
ATOM   487  C C6     . DT  B 2 7 ? 6.271   -3.458  2.480   1.00 0.24 ? 16 DT  B C6     1 
ATOM   488  H "H5'"  . DT  B 2 7 ? 11.674  -1.531  2.863   1.00 0.37 ? 16 DT  B "H5'"  1 
ATOM   489  H "H5''" . DT  B 2 7 ? 10.674  -2.683  1.974   1.00 0.40 ? 16 DT  B "H5''" 1 
ATOM   490  H "H4'"  . DT  B 2 7 ? 9.844   -0.218  3.448   1.00 0.23 ? 16 DT  B "H4'"  1 
ATOM   491  H "H3'"  . DT  B 2 7 ? 9.810   -3.157  3.995   1.00 0.31 ? 16 DT  B "H3'"  1 
ATOM   492  H "H2'"  . DT  B 2 7 ? 7.522   -2.947  4.649   1.00 0.31 ? 16 DT  B "H2'"  1 
ATOM   493  H "H2''" . DT  B 2 7 ? 7.865   -1.296  5.481   1.00 0.29 ? 16 DT  B "H2''" 1 
ATOM   494  H "H1'"  . DT  B 2 7 ? 6.790   -0.381  3.514   1.00 0.20 ? 16 DT  B "H1'"  1 
ATOM   495  H H3     . DT  B 2 7 ? 3.041   -2.786  4.152   1.00 0.29 ? 16 DT  B H3     1 
ATOM   496  H H71    . DT  B 2 7 ? 5.675   -5.225  0.413   1.00 0.37 ? 16 DT  B H71    1 
ATOM   497  H H72    . DT  B 2 7 ? 4.517   -6.128  1.406   1.00 0.38 ? 16 DT  B H72    1 
ATOM   498  H H73    . DT  B 2 7 ? 6.255   -6.177  1.813   1.00 0.40 ? 16 DT  B H73    1 
ATOM   499  H H6     . DT  B 2 7 ? 7.255   -3.668  2.063   1.00 0.28 ? 16 DT  B H6     1 
ATOM   500  P P      . DG  B 2 8 ? 10.841  -2.516  6.515   1.00 0.33 ? 17 DG  B P      1 
ATOM   501  O OP1    . DG  B 2 8 ? 11.819  -1.715  7.287   1.00 0.42 ? 17 DG  B OP1    1 
ATOM   502  O OP2    . DG  B 2 8 ? 11.248  -3.828  5.959   1.00 0.46 ? 17 DG  B OP2    1 
ATOM   503  O "O5'"  . DG  B 2 8 ? 9.538   -2.757  7.433   1.00 0.28 ? 17 DG  B "O5'"  1 
ATOM   504  C "C5'"  . DG  B 2 8 ? 9.038   -1.762  8.340   1.00 0.20 ? 17 DG  B "C5'"  1 
ATOM   505  C "C4'"  . DG  B 2 8 ? 7.816   -2.262  9.112   1.00 0.16 ? 17 DG  B "C4'"  1 
ATOM   506  O "O4'"  . DG  B 2 8 ? 6.700   -2.576  8.253   1.00 0.17 ? 17 DG  B "O4'"  1 
ATOM   507  C "C3'"  . DG  B 2 8 ? 8.106   -3.545  9.908   1.00 0.18 ? 17 DG  B "C3'"  1 
ATOM   508  O "O3'"  . DG  B 2 8 ? 7.465   -3.552  11.198  1.00 0.26 ? 17 DG  B "O3'"  1 
ATOM   509  C "C2'"  . DG  B 2 8 ? 7.517   -4.580  8.985   1.00 0.14 ? 17 DG  B "C2'"  1 
ATOM   510  C "C1'"  . DG  B 2 8 ? 6.235   -3.872  8.624   1.00 0.12 ? 17 DG  B "C1'"  1 
ATOM   511  N N9     . DG  B 2 8 ? 5.534   -4.582  7.551   1.00 0.15 ? 17 DG  B N9     1 
ATOM   512  C C8     . DG  B 2 8 ? 6.032   -5.121  6.399   1.00 0.16 ? 17 DG  B C8     1 
ATOM   513  N N7     . DG  B 2 8 ? 5.122   -5.686  5.651   1.00 0.19 ? 17 DG  B N7     1 
ATOM   514  C C5     . DG  B 2 8 ? 3.941   -5.503  6.371   1.00 0.20 ? 17 DG  B C5     1 
ATOM   515  C C6     . DG  B 2 8 ? 2.610   -5.896  6.080   1.00 0.25 ? 17 DG  B C6     1 
ATOM   516  O O6     . DG  B 2 8 ? 2.170   -6.495  5.106   1.00 0.28 ? 17 DG  B O6     1 
ATOM   517  N N1     . DG  B 2 8 ? 1.736   -5.514  7.074   1.00 0.28 ? 17 DG  B N1     1 
ATOM   518  C C2     . DG  B 2 8 ? 2.080   -4.836  8.215   1.00 0.28 ? 17 DG  B C2     1 
ATOM   519  N N2     . DG  B 2 8 ? 1.113   -4.553  9.068   1.00 0.35 ? 17 DG  B N2     1 
ATOM   520  N N3     . DG  B 2 8 ? 3.320   -4.461  8.498   1.00 0.22 ? 17 DG  B N3     1 
ATOM   521  C C4     . DG  B 2 8 ? 4.193   -4.829  7.534   1.00 0.18 ? 17 DG  B C4     1 
ATOM   522  H "H5'"  . DG  B 2 8 ? 8.758   -0.861  7.792   1.00 0.26 ? 17 DG  B "H5'"  1 
ATOM   523  H "H5''" . DG  B 2 8 ? 9.817   -1.518  9.061   1.00 0.28 ? 17 DG  B "H5''" 1 
ATOM   524  H "H4'"  . DG  B 2 8 ? 7.542   -1.493  9.835   1.00 0.21 ? 17 DG  B "H4'"  1 
ATOM   525  H "H3'"  . DG  B 2 8 ? 9.178   -3.716  10.005  1.00 0.24 ? 17 DG  B "H3'"  1 
ATOM   526  H "H2'"  . DG  B 2 8 ? 8.145   -4.732  8.107   1.00 0.18 ? 17 DG  B "H2'"  1 
ATOM   527  H "H2''" . DG  B 2 8 ? 7.334   -5.521  9.503   1.00 0.20 ? 17 DG  B "H2''" 1 
ATOM   528  H "H1'"  . DG  B 2 8 ? 5.558   -3.825  9.477   1.00 0.18 ? 17 DG  B "H1'"  1 
ATOM   529  H H8     . DG  B 2 8 ? 7.097   -5.085  6.176   1.00 0.17 ? 17 DG  B H8     1 
ATOM   530  H H1     . DG  B 2 8 ? 0.775   -5.773  6.910   1.00 0.32 ? 17 DG  B H1     1 
ATOM   531  H H21    . DG  B 2 8 ? 0.165   -4.862  8.897   1.00 0.38 ? 17 DG  B H21    1 
ATOM   532  H H22    . DG  B 2 8 ? 1.338   -4.022  9.894   1.00 0.42 ? 17 DG  B H22    1 
ATOM   533  P P      . DC  B 2 9 ? 7.743   -4.691  12.320  1.00 0.34 ? 18 DC  B P      1 
ATOM   534  O OP1    . DC  B 2 9 ? 7.950   -4.004  13.615  1.00 0.45 ? 18 DC  B OP1    1 
ATOM   535  O OP2    . DC  B 2 9 ? 8.781   -5.616  11.813  1.00 0.39 ? 18 DC  B OP2    1 
ATOM   536  O "O5'"  . DC  B 2 9 ? 6.353   -5.521  12.407  1.00 0.35 ? 18 DC  B "O5'"  1 
ATOM   537  C "C5'"  . DC  B 2 9 ? 5.238   -5.099  13.218  1.00 0.37 ? 18 DC  B "C5'"  1 
ATOM   538  C "C4'"  . DC  B 2 9 ? 3.966   -5.891  12.892  1.00 0.33 ? 18 DC  B "C4'"  1 
ATOM   539  O "O4'"  . DC  B 2 9 ? 3.635   -5.738  11.512  1.00 0.31 ? 18 DC  B "O4'"  1 
ATOM   540  C "C3'"  . DC  B 2 9 ? 4.072   -7.416  13.128  1.00 0.43 ? 18 DC  B "C3'"  1 
ATOM   541  O "O3'"  . DC  B 2 9 ? 3.905   -7.794  14.498  1.00 0.57 ? 18 DC  B "O3'"  1 
ATOM   542  C "C2'"  . DC  B 2 9 ? 2.825   -7.814  12.348  1.00 0.46 ? 18 DC  B "C2'"  1 
ATOM   543  C "C1'"  . DC  B 2 9 ? 2.873   -6.879  11.119  1.00 0.36 ? 18 DC  B "C1'"  1 
ATOM   544  N N1     . DC  B 2 9 ? 3.302   -7.470  9.828   1.00 0.30 ? 18 DC  B N1     1 
ATOM   545  C C2     . DC  B 2 9 ? 2.325   -8.074  9.056   1.00 0.34 ? 18 DC  B C2     1 
ATOM   546  O O2     . DC  B 2 9 ? 1.155   -8.138  9.424   1.00 0.44 ? 18 DC  B O2     1 
ATOM   547  N N3     . DC  B 2 9 ? 2.682   -8.604  7.866   1.00 0.33 ? 18 DC  B N3     1 
ATOM   548  C C4     . DC  B 2 9 ? 3.936   -8.556  7.429   1.00 0.28 ? 18 DC  B C4     1 
ATOM   549  N N4     . DC  B 2 9 ? 4.191   -9.092  6.241   1.00 0.32 ? 18 DC  B N4     1 
ATOM   550  C C5     . DC  B 2 9 ? 4.964   -7.942  8.206   1.00 0.24 ? 18 DC  B C5     1 
ATOM   551  C C6     . DC  B 2 9 ? 4.600   -7.412  9.394   1.00 0.24 ? 18 DC  B C6     1 
ATOM   552  H "H5'"  . DC  B 2 9 ? 5.040   -4.043  13.031  1.00 0.48 ? 18 DC  B "H5'"  1 
ATOM   553  H "H5''" . DC  B 2 9 ? 5.490   -5.232  14.270  1.00 0.51 ? 18 DC  B "H5''" 1 
ATOM   554  H "H4'"  . DC  B 2 9 ? 3.129   -5.512  13.479  1.00 0.36 ? 18 DC  B "H4'"  1 
ATOM   555  H "H3'"  . DC  B 2 9 ? 4.982   -7.885  12.758  1.00 0.49 ? 18 DC  B "H3'"  1 
ATOM   556  H "HO3'" . DC  B 2 9 ? 4.058   -7.020  15.043  1.00 1.13 ? 18 DC  B "HO3'" 1 
ATOM   557  H "H2'"  . DC  B 2 9 ? 2.722   -8.868  12.088  1.00 0.59 ? 18 DC  B "H2'"  1 
ATOM   558  H "H2''" . DC  B 2 9 ? 2.023   -7.546  13.036  1.00 0.54 ? 18 DC  B "H2''" 1 
ATOM   559  H "H1'"  . DC  B 2 9 ? 1.858   -6.515  10.954  1.00 0.44 ? 18 DC  B "H1'"  1 
ATOM   560  H H41    . DC  B 2 9 ? 3.409   -9.418  5.684   1.00 0.36 ? 18 DC  B H41    1 
ATOM   561  H H42    . DC  B 2 9 ? 5.135   -9.170  5.900   1.00 0.34 ? 18 DC  B H42    1 
ATOM   562  H H5     . DC  B 2 9 ? 5.996   -7.903  7.857   1.00 0.24 ? 18 DC  B H5     1 
ATOM   563  H H6     . DC  B 2 9 ? 5.364   -6.926  9.999   1.00 0.28 ? 18 DC  B H6     1 
HETATM 564  C C1     . MOC C 3 . ? 5.068   2.948   -1.330  1.00 0.16 ? 19 MOC A C1     1 
HETATM 565  C C2     . MOC C 3 . ? 5.470   3.267   -2.804  1.00 0.23 ? 19 MOC A C2     1 
HETATM 566  N N2     . MOC C 3 . ? 5.867   4.667   -2.957  1.00 0.28 ? 19 MOC A N2     1 
HETATM 567  C C3     . MOC C 3 . ? 6.701   2.335   -2.905  1.00 0.23 ? 19 MOC A C3     1 
HETATM 568  N N4     . MOC C 3 . ? 7.273   2.560   -1.557  1.00 0.19 ? 19 MOC A N4     1 
HETATM 569  C C4A    . MOC C 3 . ? 8.447   2.532   -1.156  1.00 0.21 ? 19 MOC A C4A    1 
HETATM 570  C C5     . MOC C 3 . ? 9.709   2.305   -1.727  1.00 0.28 ? 19 MOC A C5     1 
HETATM 571  O O5     . MOC C 3 . ? 9.801   2.088   -2.915  1.00 0.33 ? 19 MOC A O5     1 
HETATM 572  C C6     . MOC C 3 . ? 10.877  2.346   -0.898  1.00 0.31 ? 19 MOC A C6     1 
HETATM 573  C CM6    . MOC C 3 . ? 12.263  2.131   -1.498  1.00 0.46 ? 19 MOC A CM6    1 
HETATM 574  C C7     . MOC C 3 . ? 10.746  2.620   0.501   1.00 0.30 ? 19 MOC A C7     1 
HETATM 575  N N7     . MOC C 3 . ? 11.849  2.651   1.275   1.00 0.36 ? 19 MOC A N7     1 
HETATM 576  C C8     . MOC C 3 . ? 9.462   2.858   1.086   1.00 0.25 ? 19 MOC A C8     1 
HETATM 577  O O8     . MOC C 3 . ? 9.334   3.109   2.263   1.00 0.30 ? 19 MOC A O8     1 
HETATM 578  C C8A    . MOC C 3 . ? 8.318   2.804   0.231   1.00 0.18 ? 19 MOC A C8A    1 
HETATM 579  C C9     . MOC C 3 . ? 6.941   2.988   0.514   1.00 0.15 ? 19 MOC A C9     1 
HETATM 580  C C9A    . MOC C 3 . ? 6.430   2.822   -0.714  1.00 0.16 ? 19 MOC A C9A    1 
HETATM 581  C C10    . MOC C 3 . ? 6.235   3.276   1.821   1.00 0.17 ? 19 MOC A C10    1 
HETATM 582  O O10    . MOC C 3 . ? 6.698   2.232   2.760   1.00 0.22 ? 19 MOC A O10    1 
HETATM 583  C C11    . MOC C 3 . ? 7.110   2.477   4.104   1.00 0.36 ? 19 MOC A C11    1 
HETATM 584  O O11    . MOC C 3 . ? 6.688   3.421   4.723   1.00 0.48 ? 19 MOC A O11    1 
HETATM 585  N N12    . MOC C 3 . ? 7.947   1.609   4.673   1.00 0.52 ? 19 MOC A N12    1 
HETATM 586  H H11    . MOC C 3 . ? 4.673   3.874   -0.850  1.00 0.21 ? 19 MOC A H11    1 
HETATM 587  H H2     . MOC C 3 . ? 4.729   2.990   -3.592  1.00 0.29 ? 19 MOC A H2     1 
HETATM 588  H HN21   . MOC C 3 . ? 5.463   5.072   -3.810  1.00 0.35 ? 19 MOC A HN21   1 
HETATM 589  H HN22   . MOC C 3 . ? 6.886   4.784   -2.991  1.00 0.39 ? 19 MOC A HN22   1 
HETATM 590  H H31    . MOC C 3 . ? 7.435   2.636   -3.689  1.00 0.28 ? 19 MOC A H31    1 
HETATM 591  H H32    . MOC C 3 . ? 6.322   1.287   -2.960  1.00 0.23 ? 19 MOC A H32    1 
HETATM 592  H HM61   . MOC C 3 . ? 12.930  2.960   -1.170  1.00 1.31 ? 19 MOC A HM61   1 
HETATM 593  H HM62   . MOC C 3 . ? 12.726  1.179   -1.152  1.00 0.75 ? 19 MOC A HM62   1 
HETATM 594  H HM63   . MOC C 3 . ? 12.224  2.132   -2.612  1.00 0.95 ? 19 MOC A HM63   1 
HETATM 595  H HN71   . MOC C 3 . ? 11.754  2.854   2.278   1.00 0.43 ? 19 MOC A HN71   1 
HETATM 596  H HN72   . MOC C 3 . ? 12.774  2.476   0.869   1.00 0.44 ? 19 MOC A HN72   1 
HETATM 597  H H101   . MOC C 3 . ? 5.126   3.164   1.763   1.00 0.20 ? 19 MOC A H101   1 
HETATM 598  H H102   . MOC C 3 . ? 6.609   4.266   2.174   1.00 0.26 ? 19 MOC A H102   1 
HETATM 599  H H121   . MOC C 3 . ? 8.210   1.722   5.654   1.00 0.74 ? 19 MOC A H121   1 
HETATM 600  H H122   . MOC C 3 . ? 8.265   0.824   4.101   1.00 0.56 ? 19 MOC A H122   1 
ATOM   601  O "O5'"  . DI  A 1 1 ? -5.113  -13.906 3.353   1.00 1.31 ? 1  DI  A "O5'"  2 
ATOM   602  C "C5'"  . DI  A 1 1 ? -5.525  -14.500 4.588   1.00 1.18 ? 1  DI  A "C5'"  2 
ATOM   603  C "C4'"  . DI  A 1 1 ? -5.297  -13.531 5.745   1.00 1.00 ? 1  DI  A "C4'"  2 
ATOM   604  O "O4'"  . DI  A 1 1 ? -3.924  -13.136 5.868   1.00 0.92 ? 1  DI  A "O4'"  2 
ATOM   605  C "C3'"  . DI  A 1 1 ? -6.139  -12.279 5.660   1.00 0.93 ? 1  DI  A "C3'"  2 
ATOM   606  O "O3'"  . DI  A 1 1 ? -6.520  -11.893 6.986   1.00 0.81 ? 1  DI  A "O3'"  2 
ATOM   607  C "C2'"  . DI  A 1 1 ? -5.116  -11.327 5.041   1.00 0.91 ? 1  DI  A "C2'"  2 
ATOM   608  C "C1'"  . DI  A 1 1 ? -3.857  -11.710 5.841   1.00 0.82 ? 1  DI  A "C1'"  2 
ATOM   609  N N9     . DI  A 1 1 ? -2.549  -11.353 5.266   1.00 0.76 ? 1  DI  A N9     2 
ATOM   610  C C8     . DI  A 1 1 ? -1.994  -11.592 4.036   1.00 0.81 ? 1  DI  A C8     2 
ATOM   611  N N7     . DI  A 1 1 ? -0.772  -11.144 3.914   1.00 0.75 ? 1  DI  A N7     2 
ATOM   612  C C5     . DI  A 1 1 ? -0.507  -10.568 5.154   1.00 0.63 ? 1  DI  A C5     2 
ATOM   613  C C6     . DI  A 1 1 ? 0.649   -9.911  5.651   1.00 0.53 ? 1  DI  A C6     2 
ATOM   614  O O6     . DI  A 1 1 ? 1.735   -9.688  5.123   1.00 0.53 ? 1  DI  A O6     2 
ATOM   615  N N1     . DI  A 1 1 ? 0.461   -9.496  6.948   1.00 0.44 ? 1  DI  A N1     2 
ATOM   616  C C2     . DI  A 1 1 ? -0.678  -9.670  7.702   1.00 0.47 ? 1  DI  A C2     2 
ATOM   617  N N3     . DI  A 1 1 ? -1.750  -10.277 7.247   1.00 0.56 ? 1  DI  A N3     2 
ATOM   618  C C4     . DI  A 1 1 ? -1.593  -10.696 5.974   1.00 0.64 ? 1  DI  A C4     2 
ATOM   619  H "H5'"  . DI  A 1 1 ? -4.947  -15.408 4.763   1.00 1.22 ? 1  DI  A "H5'"  2 
ATOM   620  H "H5''" . DI  A 1 1 ? -6.586  -14.746 4.547   1.00 1.35 ? 1  DI  A "H5''" 2 
ATOM   621  H "H4'"  . DI  A 1 1 ? -5.633  -13.939 6.697   1.00 0.98 ? 1  DI  A "H4'"  2 
ATOM   622  H "H3'"  . DI  A 1 1 ? -7.042  -12.526 5.101   1.00 1.11 ? 1  DI  A "H3'"  2 
ATOM   623  H "H2'"  . DI  A 1 1 ? -5.018  -11.589 3.987   1.00 0.99 ? 1  DI  A "H2'"  2 
ATOM   624  H "H2''" . DI  A 1 1 ? -5.410  -10.289 5.200   1.00 0.89 ? 1  DI  A "H2''" 2 
ATOM   625  H "H1'"  . DI  A 1 1 ? -3.822  -11.264 6.834   1.00 0.73 ? 1  DI  A "H1'"  2 
ATOM   626  H H8     . DI  A 1 1 ? -2.512  -12.110 3.228   1.00 0.90 ? 1  DI  A H8     2 
ATOM   627  H H1     . DI  A 1 1 ? 1.260   -9.028  7.344   1.00 0.41 ? 1  DI  A H1     2 
ATOM   628  H H2     . DI  A 1 1 ? -0.717  -9.296  8.724   1.00 0.44 ? 1  DI  A H2     2 
ATOM   629  H "HO5'" . DI  A 1 1 ? -4.257  -13.506 3.522   1.00 1.20 ? 1  DI  A "HO5'" 2 
ATOM   630  P P      . DC  A 1 2 ? -7.460  -10.619 7.289   1.00 0.83 ? 2  DC  A P      2 
ATOM   631  O OP1    . DC  A 1 2 ? -8.415  -10.997 8.356   1.00 0.86 ? 2  DC  A OP1    2 
ATOM   632  O OP2    . DC  A 1 2 ? -7.964  -10.074 6.008   1.00 1.04 ? 2  DC  A OP2    2 
ATOM   633  O "O5'"  . DC  A 1 2 ? -6.399  -9.573  7.891   1.00 0.73 ? 2  DC  A "O5'"  2 
ATOM   634  C "C5'"  . DC  A 1 2 ? -5.996  -9.620  9.267   1.00 0.69 ? 2  DC  A "C5'"  2 
ATOM   635  C "C4'"  . DC  A 1 2 ? -5.211  -8.361  9.634   1.00 0.54 ? 2  DC  A "C4'"  2 
ATOM   636  O "O4'"  . DC  A 1 2 ? -3.914  -8.269  9.031   1.00 0.53 ? 2  DC  A "O4'"  2 
ATOM   637  C "C3'"  . DC  A 1 2 ? -5.974  -7.088  9.392   1.00 0.51 ? 2  DC  A "C3'"  2 
ATOM   638  O "O3'"  . DC  A 1 2 ? -5.880  -6.290  10.578  1.00 0.47 ? 2  DC  A "O3'"  2 
ATOM   639  C "C2'"  . DC  A 1 2 ? -5.175  -6.545  8.231   1.00 0.53 ? 2  DC  A "C2'"  2 
ATOM   640  C "C1'"  . DC  A 1 2 ? -3.727  -6.931  8.586   1.00 0.47 ? 2  DC  A "C1'"  2 
ATOM   641  N N1     . DC  A 1 2 ? -2.846  -6.999  7.400   1.00 0.47 ? 2  DC  A N1     2 
ATOM   642  C C2     . DC  A 1 2 ? -1.606  -6.382  7.444   1.00 0.39 ? 2  DC  A C2     2 
ATOM   643  O O2     . DC  A 1 2 ? -1.221  -5.765  8.431   1.00 0.33 ? 2  DC  A O2     2 
ATOM   644  N N3     . DC  A 1 2 ? -0.803  -6.463  6.356   1.00 0.39 ? 2  DC  A N3     2 
ATOM   645  C C4     . DC  A 1 2 ? -1.187  -7.121  5.262   1.00 0.49 ? 2  DC  A C4     2 
ATOM   646  N N4     . DC  A 1 2 ? -0.358  -7.162  4.227   1.00 0.50 ? 2  DC  A N4     2 
ATOM   647  C C5     . DC  A 1 2 ? -2.459  -7.763  5.205   1.00 0.59 ? 2  DC  A C5     2 
ATOM   648  C C6     . DC  A 1 2 ? -3.246  -7.674  6.287   1.00 0.58 ? 2  DC  A C6     2 
ATOM   649  H "H5'"  . DC  A 1 2 ? -5.369  -10.493 9.440   1.00 0.73 ? 2  DC  A "H5'"  2 
ATOM   650  H "H5''" . DC  A 1 2 ? -6.886  -9.683  9.892   1.00 0.72 ? 2  DC  A "H5''" 2 
ATOM   651  H "H4'"  . DC  A 1 2 ? -5.102  -8.188  10.706  1.00 0.54 ? 2  DC  A "H4'"  2 
ATOM   652  H "H3'"  . DC  A 1 2 ? -7.019  -7.322  9.184   1.00 0.58 ? 2  DC  A "H3'"  2 
ATOM   653  H "H2'"  . DC  A 1 2 ? -5.541  -7.085  7.358   1.00 0.63 ? 2  DC  A "H2'"  2 
ATOM   654  H "H2''" . DC  A 1 2 ? -5.291  -5.462  8.170   1.00 0.55 ? 2  DC  A "H2''" 2 
ATOM   655  H "H1'"  . DC  A 1 2 ? -3.261  -6.292  9.336   1.00 0.40 ? 2  DC  A "H1'"  2 
ATOM   656  H H41    . DC  A 1 2 ? 0.565   -6.760  4.317   1.00 0.44 ? 2  DC  A H41    2 
ATOM   657  H H42    . DC  A 1 2 ? -0.630  -7.583  3.354   1.00 0.60 ? 2  DC  A H42    2 
ATOM   658  H H5     . DC  A 1 2 ? -2.822  -8.324  4.344   1.00 0.72 ? 2  DC  A H5     2 
ATOM   659  H H6     . DC  A 1 2 ? -4.224  -8.156  6.251   1.00 0.67 ? 2  DC  A H6     2 
ATOM   660  P P      . DA  A 1 3 ? -6.480  -4.801  10.689  1.00 0.47 ? 3  DA  A P      2 
ATOM   661  O OP1    . DA  A 1 3 ? -6.826  -4.546  12.106  1.00 0.54 ? 3  DA  A OP1    2 
ATOM   662  O OP2    . DA  A 1 3 ? -7.502  -4.606  9.633   1.00 0.59 ? 3  DA  A OP2    2 
ATOM   663  O "O5'"  . DA  A 1 3 ? -5.186  -3.933  10.300  1.00 0.46 ? 3  DA  A "O5'"  2 
ATOM   664  C "C5'"  . DA  A 1 3 ? -4.123  -3.709  11.238  1.00 0.43 ? 3  DA  A "C5'"  2 
ATOM   665  C "C4'"  . DA  A 1 3 ? -3.104  -2.732  10.673  1.00 0.37 ? 3  DA  A "C4'"  2 
ATOM   666  O "O4'"  . DA  A 1 3 ? -2.373  -3.235  9.555   1.00 0.37 ? 3  DA  A "O4'"  2 
ATOM   667  C "C3'"  . DA  A 1 3 ? -3.753  -1.430  10.225  1.00 0.37 ? 3  DA  A "C3'"  2 
ATOM   668  O "O3'"  . DA  A 1 3 ? -3.230  -0.352  11.005  1.00 0.39 ? 3  DA  A "O3'"  2 
ATOM   669  C "C2'"  . DA  A 1 3 ? -3.411  -1.376  8.741   1.00 0.35 ? 3  DA  A "C2'"  2 
ATOM   670  C "C1'"  . DA  A 1 3 ? -2.093  -2.130  8.703   1.00 0.29 ? 3  DA  A "C1'"  2 
ATOM   671  N N9     . DA  A 1 3 ? -1.772  -2.743  7.408   1.00 0.27 ? 3  DA  A N9     2 
ATOM   672  C C8     . DA  A 1 3 ? -2.582  -3.469  6.578   1.00 0.30 ? 3  DA  A C8     2 
ATOM   673  N N7     . DA  A 1 3 ? -1.989  -3.901  5.504   1.00 0.29 ? 3  DA  A N7     2 
ATOM   674  C C5     . DA  A 1 3 ? -0.689  -3.423  5.639   1.00 0.24 ? 3  DA  A C5     2 
ATOM   675  C C6     . DA  A 1 3 ? 0.448   -3.534  4.838   1.00 0.23 ? 3  DA  A C6     2 
ATOM   676  N N6     . DA  A 1 3 ? 0.444   -4.199  3.689   1.00 0.27 ? 3  DA  A N6     2 
ATOM   677  N N1     . DA  A 1 3 ? 1.571   -2.940  5.268   1.00 0.21 ? 3  DA  A N1     2 
ATOM   678  C C2     . DA  A 1 3 ? 1.576   -2.276  6.423   1.00 0.20 ? 3  DA  A C2     2 
ATOM   679  N N3     . DA  A 1 3 ? 0.564   -2.108  7.258   1.00 0.22 ? 3  DA  A N3     2 
ATOM   680  C C4     . DA  A 1 3 ? -0.550  -2.716  6.797   1.00 0.23 ? 3  DA  A C4     2 
ATOM   681  H "H5'"  . DA  A 1 3 ? -3.615  -4.641  11.480  1.00 0.48 ? 3  DA  A "H5'"  2 
ATOM   682  H "H5''" . DA  A 1 3 ? -4.537  -3.280  12.151  1.00 0.48 ? 3  DA  A "H5''" 2 
ATOM   683  H "H4'"  . DA  A 1 3 ? -2.403  -2.443  11.457  1.00 0.43 ? 3  DA  A "H4'"  2 
ATOM   684  H "H3'"  . DA  A 1 3 ? -4.837  -1.472  10.333  1.00 0.43 ? 3  DA  A "H3'"  2 
ATOM   685  H "H2'"  . DA  A 1 3 ? -4.166  -1.878  8.137   1.00 0.39 ? 3  DA  A "H2'"  2 
ATOM   686  H "H2''" . DA  A 1 3 ? -3.322  -0.328  8.452   1.00 0.39 ? 3  DA  A "H2''" 2 
ATOM   687  H "H1'"  . DA  A 1 3 ? -1.280  -1.464  8.997   1.00 0.29 ? 3  DA  A "H1'"  2 
ATOM   688  H H8     . DA  A 1 3 ? -3.629  -3.675  6.807   1.00 0.33 ? 3  DA  A H8     2 
ATOM   689  H H61    . DA  A 1 3 ? 1.298   -4.327  3.165   1.00 0.25 ? 3  DA  A H61    2 
ATOM   690  H H62    . DA  A 1 3 ? -0.426  -4.577  3.344   1.00 0.38 ? 3  DA  A H62    2 
ATOM   691  H H2     . DA  A 1 3 ? 2.508   -1.812  6.746   1.00 0.22 ? 3  DA  A H2     2 
ATOM   692  P P      . DC  A 1 4 ? -3.699  1.182   10.838  1.00 0.41 ? 4  DC  A P      2 
ATOM   693  O OP1    . DC  A 1 4 ? -3.630  1.840   12.162  1.00 0.53 ? 4  DC  A OP1    2 
ATOM   694  O OP2    . DC  A 1 4 ? -4.950  1.231   10.048  1.00 0.46 ? 4  DC  A OP2    2 
ATOM   695  O "O5'"  . DC  A 1 4 ? -2.501  1.732   9.921   1.00 0.40 ? 4  DC  A "O5'"  2 
ATOM   696  C "C5'"  . DC  A 1 4 ? -1.151  1.714   10.408  1.00 0.34 ? 4  DC  A "C5'"  2 
ATOM   697  C "C4'"  . DC  A 1 4 ? -0.154  1.912   9.263   1.00 0.27 ? 4  DC  A "C4'"  2 
ATOM   698  O "O4'"  . DC  A 1 4 ? -0.179  0.907   8.225   1.00 0.28 ? 4  DC  A "O4'"  2 
ATOM   699  C "C3'"  . DC  A 1 4 ? -0.333  3.252   8.615   1.00 0.28 ? 4  DC  A "C3'"  2 
ATOM   700  O "O3'"  . DC  A 1 4 ? 0.915   3.943   8.539   1.00 0.27 ? 4  DC  A "O3'"  2 
ATOM   701  C "C2'"  . DC  A 1 4 ? -0.860  2.821   7.272   1.00 0.29 ? 4  DC  A "C2'"  2 
ATOM   702  C "C1'"  . DC  A 1 4 ? 0.016   1.586   6.981   1.00 0.24 ? 4  DC  A "C1'"  2 
ATOM   703  N N1     . DC  A 1 4 ? -0.351  0.751   5.803   1.00 0.24 ? 4  DC  A N1     2 
ATOM   704  C C2     . DC  A 1 4 ? 0.646   0.424   4.880   1.00 0.21 ? 4  DC  A C2     2 
ATOM   705  O O2     . DC  A 1 4 ? 1.794   0.850   4.968   1.00 0.24 ? 4  DC  A O2     2 
ATOM   706  N N3     . DC  A 1 4 ? 0.327   -0.378  3.835   1.00 0.23 ? 4  DC  A N3     2 
ATOM   707  C C4     . DC  A 1 4 ? -0.915  -0.848  3.691   1.00 0.25 ? 4  DC  A C4     2 
ATOM   708  N N4     . DC  A 1 4 ? -1.165  -1.633  2.653   1.00 0.29 ? 4  DC  A N4     2 
ATOM   709  C C5     . DC  A 1 4 ? -1.955  -0.524  4.620   1.00 0.29 ? 4  DC  A C5     2 
ATOM   710  C C6     . DC  A 1 4 ? -1.620  0.280   5.651   1.00 0.27 ? 4  DC  A C6     2 
ATOM   711  H "H5'"  . DC  A 1 4 ? -0.954  0.780   10.933  1.00 0.38 ? 4  DC  A "H5'"  2 
ATOM   712  H "H5''" . DC  A 1 4 ? -1.038  2.546   11.103  1.00 0.41 ? 4  DC  A "H5''" 2 
ATOM   713  H "H4'"  . DC  A 1 4 ? 0.860   2.128   9.602   1.00 0.29 ? 4  DC  A "H4'"  2 
ATOM   714  H "H3'"  . DC  A 1 4 ? -1.003  3.819   9.260   1.00 0.33 ? 4  DC  A "H3'"  2 
ATOM   715  H "H2'"  . DC  A 1 4 ? -1.869  2.511   7.547   1.00 0.37 ? 4  DC  A "H2'"  2 
ATOM   716  H "H2''" . DC  A 1 4 ? -0.715  3.620   6.546   1.00 0.36 ? 4  DC  A "H2''" 2 
ATOM   717  H "H1'"  . DC  A 1 4 ? 1.083   1.780   6.882   1.00 0.23 ? 4  DC  A "H1'"  2 
ATOM   718  H H41    . DC  A 1 4 ? -0.391  -1.878  2.050   1.00 0.29 ? 4  DC  A H41    2 
ATOM   719  H H42    . DC  A 1 4 ? -2.097  -1.973  2.470   1.00 0.34 ? 4  DC  A H42    2 
ATOM   720  H H5     . DC  A 1 4 ? -2.962  -0.926  4.515   1.00 0.32 ? 4  DC  A H5     2 
ATOM   721  H H6     . DC  A 1 4 ? -2.377  0.593   6.371   1.00 0.32 ? 4  DC  A H6     2 
ATOM   722  P P      . DG  A 1 5 ? 0.999   5.459   8.000   1.00 0.30 ? 5  DG  A P      2 
ATOM   723  O OP1    . DG  A 1 5 ? 1.907   6.220   8.890   1.00 0.39 ? 5  DG  A OP1    2 
ATOM   724  O OP2    . DG  A 1 5 ? -0.363  5.968   7.729   1.00 0.45 ? 5  DG  A OP2    2 
ATOM   725  O "O5'"  . DG  A 1 5 ? 1.727   5.220   6.590   1.00 0.32 ? 5  DG  A "O5'"  2 
ATOM   726  C "C5'"  . DG  A 1 5 ? 3.148   5.058   6.524   1.00 0.27 ? 5  DG  A "C5'"  2 
ATOM   727  C "C4'"  . DG  A 1 5 ? 3.651   5.130   5.092   1.00 0.22 ? 5  DG  A "C4'"  2 
ATOM   728  O "O4'"  . DG  A 1 5 ? 3.295   4.012   4.249   1.00 0.23 ? 5  DG  A "O4'"  2 
ATOM   729  C "C3'"  . DG  A 1 5 ? 3.162   6.378   4.316   1.00 0.21 ? 5  DG  A "C3'"  2 
ATOM   730  O "O3'"  . DG  A 1 5 ? 4.078   6.767   3.275   1.00 0.25 ? 5  DG  A "O3'"  2 
ATOM   731  C "C2'"  . DG  A 1 5 ? 1.948   5.757   3.666   1.00 0.19 ? 5  DG  A "C2'"  2 
ATOM   732  C "C1'"  . DG  A 1 5 ? 2.631   4.522   3.086   1.00 0.18 ? 5  DG  A "C1'"  2 
ATOM   733  N N9     . DG  A 1 5 ? 1.731   3.490   2.530   1.00 0.19 ? 5  DG  A N9     2 
ATOM   734  C C8     . DG  A 1 5 ? 0.535   3.054   3.021   1.00 0.21 ? 5  DG  A C8     2 
ATOM   735  N N7     . DG  A 1 5 ? -0.022  2.106   2.316   1.00 0.23 ? 5  DG  A N7     2 
ATOM   736  C C5     . DG  A 1 5 ? 0.879   1.898   1.274   1.00 0.21 ? 5  DG  A C5     2 
ATOM   737  C C6     . DG  A 1 5 ? 0.833   0.990   0.176   1.00 0.23 ? 5  DG  A C6     2 
ATOM   738  O O6     . DG  A 1 5 ? -0.018  0.157   -0.116  1.00 0.28 ? 5  DG  A O6     2 
ATOM   739  N N1     . DG  A 1 5 ? 1.944   1.114   -0.637  1.00 0.22 ? 5  DG  A N1     2 
ATOM   740  C C2     . DG  A 1 5 ? 2.969   1.987   -0.433  1.00 0.20 ? 5  DG  A C2     2 
ATOM   741  N N2     . DG  A 1 5 ? 3.921   1.947   -1.353  1.00 0.20 ? 5  DG  A N2     2 
ATOM   742  N N3     . DG  A 1 5 ? 3.025   2.843   0.592   1.00 0.18 ? 5  DG  A N3     2 
ATOM   743  C C4     . DG  A 1 5 ? 1.950   2.743   1.402   1.00 0.18 ? 5  DG  A C4     2 
ATOM   744  H "H5'"  . DG  A 1 5 ? 3.454   4.100   6.941   1.00 0.40 ? 5  DG  A "H5'"  2 
ATOM   745  H "H5''" . DG  A 1 5 ? 3.627   5.850   7.101   1.00 0.36 ? 5  DG  A "H5''" 2 
ATOM   746  H "H4'"  . DG  A 1 5 ? 4.734   5.165   5.215   1.00 0.26 ? 5  DG  A "H4'"  2 
ATOM   747  H "H3'"  . DG  A 1 5 ? 2.809   7.253   4.862   1.00 0.30 ? 5  DG  A "H3'"  2 
ATOM   748  H "H2'"  . DG  A 1 5 ? 1.142   5.509   4.358   1.00 0.24 ? 5  DG  A "H2'"  2 
ATOM   749  H "H2''" . DG  A 1 5 ? 1.559   6.505   2.976   1.00 0.20 ? 5  DG  A "H2''" 2 
ATOM   750  H "H1'"  . DG  A 1 5 ? 3.350   4.863   2.340   1.00 0.19 ? 5  DG  A "H1'"  2 
ATOM   751  H H8     . DG  A 1 5 ? 0.106   3.480   3.928   1.00 0.24 ? 5  DG  A H8     2 
ATOM   752  H H1     . DG  A 1 5 ? 1.991   0.506   -1.442  1.00 0.24 ? 5  DG  A H1     2 
ATOM   753  H H21    . DG  A 1 5 ? 3.862   1.236   -2.078  1.00 0.23 ? 5  DG  A H21    2 
ATOM   754  P P      . DT  A 1 6 ? 5.657   7.057   3.454   1.00 0.27 ? 6  DT  A P      2 
ATOM   755  O OP1    . DT  A 1 6 ? 6.296   5.915   4.136   1.00 0.46 ? 6  DT  A OP1    2 
ATOM   756  O OP2    . DT  A 1 6 ? 5.836   8.435   3.965   1.00 0.33 ? 6  DT  A OP2    2 
ATOM   757  O "O5'"  . DT  A 1 6 ? 6.104   7.005   1.907   1.00 0.31 ? 6  DT  A "O5'"  2 
ATOM   758  C "C5'"  . DT  A 1 6 ? 5.587   7.960   0.972   1.00 0.30 ? 6  DT  A "C5'"  2 
ATOM   759  C "C4'"  . DT  A 1 6 ? 5.361   7.342   -0.408  1.00 0.32 ? 6  DT  A "C4'"  2 
ATOM   760  O "O4'"  . DT  A 1 6 ? 4.421   6.241   -0.426  1.00 0.30 ? 6  DT  A "O4'"  2 
ATOM   761  C "C3'"  . DT  A 1 6 ? 4.789   8.405   -1.366  1.00 0.34 ? 6  DT  A "C3'"  2 
ATOM   762  O "O3'"  . DT  A 1 6 ? 5.061   8.093   -2.739  1.00 0.38 ? 6  DT  A "O3'"  2 
ATOM   763  C "C2'"  . DT  A 1 6 ? 3.297   8.140   -1.121  1.00 0.27 ? 6  DT  A "C2'"  2 
ATOM   764  C "C1'"  . DT  A 1 6 ? 3.321   6.598   -1.277  1.00 0.23 ? 6  DT  A "C1'"  2 
ATOM   765  N N1     . DT  A 1 6 ? 2.090   5.819   -1.004  1.00 0.22 ? 6  DT  A N1     2 
ATOM   766  C C2     . DT  A 1 6 ? 1.902   4.670   -1.749  1.00 0.24 ? 6  DT  A C2     2 
ATOM   767  O O2     . DT  A 1 6 ? 2.674   4.291   -2.622  1.00 0.29 ? 6  DT  A O2     2 
ATOM   768  N N3     . DT  A 1 6 ? 0.776   3.951   -1.485  1.00 0.25 ? 6  DT  A N3     2 
ATOM   769  C C4     . DT  A 1 6 ? -0.183  4.248   -0.558  1.00 0.25 ? 6  DT  A C4     2 
ATOM   770  O O4     . DT  A 1 6 ? -1.140  3.489   -0.439  1.00 0.28 ? 6  DT  A O4     2 
ATOM   771  C C5     . DT  A 1 6 ? 0.069   5.462   0.189   1.00 0.22 ? 6  DT  A C5     2 
ATOM   772  C C7     . DT  A 1 6 ? -0.940  5.900   1.264   1.00 0.30 ? 6  DT  A C7     2 
ATOM   773  C C6     . DT  A 1 6 ? 1.185   6.194   -0.061  1.00 0.20 ? 6  DT  A C6     2 
ATOM   774  H "H5'"  . DT  A 1 6 ? 6.298   8.779   0.874   1.00 0.40 ? 6  DT  A "H5'"  2 
ATOM   775  H "H5''" . DT  A 1 6 ? 4.644   8.363   1.342   1.00 0.29 ? 6  DT  A "H5''" 2 
ATOM   776  H "H4'"  . DT  A 1 6 ? 6.323   6.980   -0.773  1.00 0.41 ? 6  DT  A "H4'"  2 
ATOM   777  H "H3'"  . DT  A 1 6 ? 5.163   9.399   -1.121  1.00 0.43 ? 6  DT  A "H3'"  2 
ATOM   778  H "H2'"  . DT  A 1 6 ? 2.985   8.465   -0.128  1.00 0.29 ? 6  DT  A "H2'"  2 
ATOM   779  H "H2''" . DT  A 1 6 ? 2.642   8.696   -1.791  1.00 0.27 ? 6  DT  A "H2''" 2 
ATOM   780  H "H1'"  . DT  A 1 6 ? 3.538   6.295   -2.302  1.00 0.24 ? 6  DT  A "H1'"  2 
ATOM   781  H H3     . DT  A 1 6 ? 0.654   3.123   -2.046  1.00 0.29 ? 6  DT  A H3     2 
ATOM   782  H H71    . DT  A 1 6 ? -1.311  6.903   1.056   1.00 0.42 ? 6  DT  A H71    2 
ATOM   783  H H72    . DT  A 1 6 ? -0.485  5.871   2.254   1.00 0.40 ? 6  DT  A H72    2 
ATOM   784  H H73    . DT  A 1 6 ? -1.785  5.212   1.266   1.00 0.36 ? 6  DT  A H73    2 
ATOM   785  H H6     . DT  A 1 6 ? 1.415   7.126   0.457   1.00 0.22 ? 6  DT  A H6     2 
ATOM   786  P P      . DC  A 1 7 ? 6.519   8.150   -3.416  1.00 0.43 ? 7  DC  A P      2 
ATOM   787  O OP1    . DC  A 1 7 ? 7.426   7.243   -2.676  1.00 0.53 ? 7  DC  A OP1    2 
ATOM   788  O OP2    . DC  A 1 7 ? 6.887   9.567   -3.625  1.00 0.57 ? 7  DC  A OP2    2 
ATOM   789  O "O5'"  . DC  A 1 7 ? 6.191   7.474   -4.838  1.00 0.44 ? 7  DC  A "O5'"  2 
ATOM   790  C "C5'"  . DC  A 1 7 ? 5.334   8.092   -5.810  1.00 0.41 ? 7  DC  A "C5'"  2 
ATOM   791  C "C4'"  . DC  A 1 7 ? 4.627   7.026   -6.637  1.00 0.39 ? 7  DC  A "C4'"  2 
ATOM   792  O "O4'"  . DC  A 1 7 ? 3.732   6.247   -5.811  1.00 0.36 ? 7  DC  A "O4'"  2 
ATOM   793  C "C3'"  . DC  A 1 7 ? 3.774   7.658   -7.752  1.00 0.40 ? 7  DC  A "C3'"  2 
ATOM   794  O "O3'"  . DC  A 1 7 ? 3.685   6.846   -8.936  1.00 0.45 ? 7  DC  A "O3'"  2 
ATOM   795  C "C2'"  . DC  A 1 7 ? 2.398   7.698   -7.058  1.00 0.31 ? 7  DC  A "C2'"  2 
ATOM   796  C "C1'"  . DC  A 1 7 ? 2.418   6.301   -6.382  1.00 0.30 ? 7  DC  A "C1'"  2 
ATOM   797  N N1     . DC  A 1 7 ? 1.357   6.197   -5.347  1.00 0.23 ? 7  DC  A N1     2 
ATOM   798  C C2     . DC  A 1 7 ? 0.400   5.210   -5.520  1.00 0.25 ? 7  DC  A C2     2 
ATOM   799  O O2     . DC  A 1 7 ? 0.418   4.467   -6.493  1.00 0.34 ? 7  DC  A O2     2 
ATOM   800  N N3     . DC  A 1 7 ? -0.574  5.074   -4.593  1.00 0.23 ? 7  DC  A N3     2 
ATOM   801  C C4     . DC  A 1 7 ? -0.625  5.868   -3.529  1.00 0.20 ? 7  DC  A C4     2 
ATOM   802  N N4     . DC  A 1 7 ? -1.615  5.683   -2.665  1.00 0.24 ? 7  DC  A N4     2 
ATOM   803  C C5     . DC  A 1 7 ? 0.347   6.895   -3.323  1.00 0.19 ? 7  DC  A C5     2 
ATOM   804  C C6     . DC  A 1 7 ? 1.318   7.027   -4.258  1.00 0.19 ? 7  DC  A C6     2 
ATOM   805  H "H5'"  . DC  A 1 7 ? 5.934   8.707   -6.481  1.00 0.51 ? 7  DC  A "H5'"  2 
ATOM   806  H "H5''" . DC  A 1 7 ? 4.577   8.717   -5.339  1.00 0.41 ? 7  DC  A "H5''" 2 
ATOM   807  H "H4'"  . DC  A 1 7 ? 5.403   6.397   -7.075  1.00 0.50 ? 7  DC  A "H4'"  2 
ATOM   808  H "H3'"  . DC  A 1 7 ? 4.244   8.597   -8.046  1.00 0.46 ? 7  DC  A "H3'"  2 
ATOM   809  H "H2'"  . DC  A 1 7 ? 2.331   8.502   -6.324  1.00 0.33 ? 7  DC  A "H2'"  2 
ATOM   810  H "H2''" . DC  A 1 7 ? 1.582   7.764   -7.777  1.00 0.33 ? 7  DC  A "H2''" 2 
ATOM   811  H "H1'"  . DC  A 1 7 ? 2.285   5.438   -7.034  1.00 0.32 ? 7  DC  A "H1'"  2 
ATOM   812  H H41    . DC  A 1 7 ? -2.240  4.896   -2.802  1.00 0.28 ? 7  DC  A H41    2 
ATOM   813  H H42    . DC  A 1 7 ? -1.748  6.309   -1.886  1.00 0.31 ? 7  DC  A H42    2 
ATOM   814  H H5     . DC  A 1 7 ? 0.283   7.509   -2.425  1.00 0.22 ? 7  DC  A H5     2 
ATOM   815  H H6     . DC  A 1 7 ? 2.076   7.806   -4.169  1.00 0.22 ? 7  DC  A H6     2 
ATOM   816  P P      . DI  A 1 8 ? 3.014   7.424   -10.296 1.00 0.54 ? 8  DI  A P      2 
ATOM   817  O OP1    . DI  A 1 8 ? 3.759   6.851   -11.440 1.00 0.67 ? 8  DI  A OP1    2 
ATOM   818  O OP2    . DI  A 1 8 ? 2.894   8.894   -10.171 1.00 0.60 ? 8  DI  A OP2    2 
ATOM   819  O "O5'"  . DI  A 1 8 ? 1.517   6.808   -10.295 1.00 0.48 ? 8  DI  A "O5'"  2 
ATOM   820  C "C5'"  . DI  A 1 8 ? 1.235   5.563   -10.952 1.00 0.49 ? 8  DI  A "C5'"  2 
ATOM   821  C "C4'"  . DI  A 1 8 ? -0.258  5.297   -11.128 1.00 0.42 ? 8  DI  A "C4'"  2 
ATOM   822  O "O4'"  . DI  A 1 8 ? -0.962  5.042   -9.908  1.00 0.32 ? 8  DI  A "O4'"  2 
ATOM   823  C "C3'"  . DI  A 1 8 ? -1.028  6.406   -11.859 1.00 0.46 ? 8  DI  A "C3'"  2 
ATOM   824  O "O3'"  . DI  A 1 8 ? -1.818  5.823   -12.905 1.00 0.45 ? 8  DI  A "O3'"  2 
ATOM   825  C "C2'"  . DI  A 1 8 ? -1.872  6.991   -10.730 1.00 0.42 ? 8  DI  A "C2'"  2 
ATOM   826  C "C1'"  . DI  A 1 8 ? -2.217  5.718   -9.961  1.00 0.30 ? 8  DI  A "C1'"  2 
ATOM   827  N N9     . DI  A 1 8 ? -2.599  5.948   -8.559  1.00 0.25 ? 8  DI  A N9     2 
ATOM   828  C C8     . DI  A 1 8 ? -2.053  6.788   -7.619  1.00 0.27 ? 8  DI  A C8     2 
ATOM   829  N N7     . DI  A 1 8 ? -2.623  6.717   -6.450  1.00 0.26 ? 8  DI  A N7     2 
ATOM   830  C C5     . DI  A 1 8 ? -3.616  5.764   -6.633  1.00 0.25 ? 8  DI  A C5     2 
ATOM   831  C C6     . DI  A 1 8 ? -4.570  5.252   -5.731  1.00 0.27 ? 8  DI  A C6     2 
ATOM   832  O O6     . DI  A 1 8 ? -4.764  5.503   -4.545  1.00 0.31 ? 8  DI  A O6     2 
ATOM   833  N N1     . DI  A 1 8 ? -5.365  4.319   -6.338  1.00 0.28 ? 8  DI  A N1     2 
ATOM   834  C C2     . DI  A 1 8 ? -5.301  3.890   -7.639  1.00 0.28 ? 8  DI  A C2     2 
ATOM   835  N N3     . DI  A 1 8 ? -4.410  4.365   -8.489  1.00 0.25 ? 8  DI  A N3     2 
ATOM   836  C C4     . DI  A 1 8 ? -3.605  5.294   -7.919  1.00 0.23 ? 8  DI  A C4     2 
ATOM   837  H "H5'"  . DI  A 1 8 ? 1.660   4.742   -10.374 1.00 0.50 ? 8  DI  A "H5'"  2 
ATOM   838  H "H5''" . DI  A 1 8 ? 1.688   5.570   -11.943 1.00 0.58 ? 8  DI  A "H5''" 2 
ATOM   839  H "H4'"  . DI  A 1 8 ? -0.336  4.418   -11.769 1.00 0.46 ? 8  DI  A "H4'"  2 
ATOM   840  H "H3'"  . DI  A 1 8 ? -0.355  7.156   -12.274 1.00 0.60 ? 8  DI  A "H3'"  2 
ATOM   841  H "H2'"  . DI  A 1 8 ? -1.257  7.671   -10.143 1.00 0.50 ? 8  DI  A "H2'"  2 
ATOM   842  H "H2''" . DI  A 1 8 ? -2.769  7.491   -11.098 1.00 0.50 ? 8  DI  A "H2''" 2 
ATOM   843  H "H1'"  . DI  A 1 8 ? -3.002  5.150   -10.461 1.00 0.29 ? 8  DI  A "H1'"  2 
ATOM   844  H H8     . DI  A 1 8 ? -1.216  7.459   -7.813  1.00 0.31 ? 8  DI  A H8     2 
ATOM   845  H H1     . DI  A 1 8 ? -6.057  3.927   -5.727  1.00 0.32 ? 8  DI  A H1     2 
ATOM   846  H H2     . DI  A 1 8 ? -6.017  3.128   -7.948  1.00 0.33 ? 8  DI  A H2     2 
ATOM   847  P P      . DT  A 1 9 ? -2.502  6.701   -14.076 1.00 0.64 ? 9  DT  A P      2 
ATOM   848  O OP1    . DT  A 1 9 ? -2.403  5.940   -15.341 1.00 0.73 ? 9  DT  A OP1    2 
ATOM   849  O OP2    . DT  A 1 9 ? -1.979  8.085   -14.009 1.00 0.79 ? 9  DT  A OP2    2 
ATOM   850  O "O5'"  . DT  A 1 9 ? -4.047  6.735   -13.621 1.00 0.61 ? 9  DT  A "O5'"  2 
ATOM   851  C "C5'"  . DT  A 1 9 ? -4.930  5.615   -13.804 1.00 0.55 ? 9  DT  A "C5'"  2 
ATOM   852  C "C4'"  . DT  A 1 9 ? -6.187  5.764   -12.948 1.00 0.56 ? 9  DT  A "C4'"  2 
ATOM   853  O "O4'"  . DT  A 1 9 ? -5.874  5.877   -11.562 1.00 0.52 ? 9  DT  A "O4'"  2 
ATOM   854  C "C3'"  . DT  A 1 9 ? -6.911  7.079   -13.224 1.00 0.63 ? 9  DT  A "C3'"  2 
ATOM   855  O "O3'"  . DT  A 1 9 ? -7.765  6.991   -14.368 1.00 0.76 ? 9  DT  A "O3'"  2 
ATOM   856  C "C2'"  . DT  A 1 9 ? -7.704  7.329   -11.900 1.00 0.61 ? 9  DT  A "C2'"  2 
ATOM   857  C "C1'"  . DT  A 1 9 ? -7.108  6.266   -10.953 1.00 0.55 ? 9  DT  A "C1'"  2 
ATOM   858  N N1     . DT  A 1 9 ? -6.811  6.782   -9.596  1.00 0.52 ? 9  DT  A N1     2 
ATOM   859  C C2     . DT  A 1 9 ? -7.528  6.269   -8.527  1.00 0.52 ? 9  DT  A C2     2 
ATOM   860  O O2     . DT  A 1 9 ? -8.400  5.414   -8.642  1.00 0.56 ? 9  DT  A O2     2 
ATOM   861  N N3     . DT  A 1 9 ? -7.210  6.776   -7.291  1.00 0.49 ? 9  DT  A N3     2 
ATOM   862  C C4     . DT  A 1 9 ? -6.261  7.729   -7.024  1.00 0.45 ? 9  DT  A C4     2 
ATOM   863  O O4     . DT  A 1 9 ? -6.087  8.085   -5.865  1.00 0.43 ? 9  DT  A O4     2 
ATOM   864  C C5     . DT  A 1 9 ? -5.553  8.219   -8.187  1.00 0.46 ? 9  DT  A C5     2 
ATOM   865  C C7     . DT  A 1 9 ? -4.467  9.292   -8.024  1.00 0.48 ? 9  DT  A C7     2 
ATOM   866  C C6     . DT  A 1 9 ? -5.846  7.737   -9.410  1.00 0.50 ? 9  DT  A C6     2 
ATOM   867  H "H5'"  . DT  A 1 9 ? -4.426  4.686   -13.534 1.00 0.48 ? 9  DT  A "H5'"  2 
ATOM   868  H "H5''" . DT  A 1 9 ? -5.218  5.574   -14.854 1.00 0.62 ? 9  DT  A "H5''" 2 
ATOM   869  H "H4'"  . DT  A 1 9 ? -6.842  4.925   -13.183 1.00 0.58 ? 9  DT  A "H4'"  2 
ATOM   870  H "H3'"  . DT  A 1 9 ? -6.112  7.800   -13.400 1.00 0.63 ? 9  DT  A "H3'"  2 
ATOM   871  H "HO3'" . DT  A 1 9 ? -7.216  6.727   -15.111 1.00 0.85 ? 9  DT  A "HO3'" 2 
ATOM   872  H "H2'"  . DT  A 1 9 ? -7.561  8.319   -11.468 1.00 0.60 ? 9  DT  A "H2'"  2 
ATOM   873  H "H2''" . DT  A 1 9 ? -8.779  7.205   -12.031 1.00 0.70 ? 9  DT  A "H2''" 2 
ATOM   874  H "H1'"  . DT  A 1 9 ? -7.800  5.427   -10.892 1.00 0.58 ? 9  DT  A "H1'"  2 
ATOM   875  H H3     . DT  A 1 9 ? -7.716  6.415   -6.495  1.00 0.50 ? 9  DT  A H3     2 
ATOM   876  H H71    . DT  A 1 9 ? -4.765  10.204  -8.543  1.00 0.60 ? 9  DT  A H71    2 
ATOM   877  H H72    . DT  A 1 9 ? -3.525  8.934   -8.440  1.00 0.55 ? 9  DT  A H72    2 
ATOM   878  H H73    . DT  A 1 9 ? -4.325  9.518   -6.968  1.00 0.62 ? 9  DT  A H73    2 
ATOM   879  H H6     . DT  A 1 9 ? -5.304  8.107   -10.281 1.00 0.53 ? 9  DT  A H6     2 
ATOM   880  O "O5'"  . DA  B 2 1 ? -15.495 4.523   -0.307  1.00 1.41 ? 10 DA  B "O5'"  2 
ATOM   881  C "C5'"  . DA  B 2 1 ? -14.699 3.451   0.215   1.00 1.27 ? 10 DA  B "C5'"  2 
ATOM   882  C "C4'"  . DA  B 2 1 ? -13.435 3.208   -0.619  1.00 1.03 ? 10 DA  B "C4'"  2 
ATOM   883  O "O4'"  . DA  B 2 1 ? -12.518 4.308   -0.618  1.00 0.94 ? 10 DA  B "O4'"  2 
ATOM   884  C "C3'"  . DA  B 2 1 ? -12.652 1.978   -0.158  1.00 0.98 ? 10 DA  B "C3'"  2 
ATOM   885  O "O3'"  . DA  B 2 1 ? -12.991 0.957   -1.114  1.00 0.92 ? 10 DA  B "O3'"  2 
ATOM   886  C "C2'"  . DA  B 2 1 ? -11.194 2.494   -0.268  1.00 0.84 ? 10 DA  B "C2'"  2 
ATOM   887  C "C1'"  . DA  B 2 1 ? -11.368 3.697   -1.188  1.00 0.78 ? 10 DA  B "C1'"  2 
ATOM   888  N N9     . DA  B 2 1 ? -10.267 4.620   -1.487  1.00 0.68 ? 10 DA  B N9     2 
ATOM   889  C C8     . DA  B 2 1 ? -9.539  5.305   -0.605  1.00 0.66 ? 10 DA  B C8     2 
ATOM   890  N N7     . DA  B 2 1 ? -8.614  6.070   -1.107  1.00 0.58 ? 10 DA  B N7     2 
ATOM   891  C C5     . DA  B 2 1 ? -8.757  5.863   -2.476  1.00 0.55 ? 10 DA  B C5     2 
ATOM   892  C C6     . DA  B 2 1 ? -8.083  6.377   -3.590  1.00 0.49 ? 10 DA  B C6     2 
ATOM   893  N N6     . DA  B 2 1 ? -7.085  7.247   -3.487  1.00 0.47 ? 10 DA  B N6     2 
ATOM   894  N N1     . DA  B 2 1 ? -8.476  5.964   -4.805  1.00 0.50 ? 10 DA  B N1     2 
ATOM   895  C C2     . DA  B 2 1 ? -9.477  5.095   -4.902  1.00 0.55 ? 10 DA  B C2     2 
ATOM   896  N N3     . DA  B 2 1 ? -10.188 4.540   -3.930  1.00 0.60 ? 10 DA  B N3     2 
ATOM   897  C C4     . DA  B 2 1 ? -9.768  4.977   -2.722  1.00 0.60 ? 10 DA  B C4     2 
ATOM   898  H "H5'"  . DA  B 2 1 ? -15.304 2.544   0.222   1.00 1.35 ? 10 DA  B "H5'"  2 
ATOM   899  H "H5''" . DA  B 2 1 ? -14.402 3.683   1.238   1.00 1.39 ? 10 DA  B "H5''" 2 
ATOM   900  H "H4'"  . DA  B 2 1 ? -13.647 2.982   -1.665  1.00 0.98 ? 10 DA  B "H4'"  2 
ATOM   901  H "H3'"  . DA  B 2 1 ? -12.952 1.682   0.847   1.00 1.15 ? 10 DA  B "H3'"  2 
ATOM   902  H "H2'"  . DA  B 2 1 ? -10.861 2.741   0.741   1.00 0.90 ? 10 DA  B "H2'"  2 
ATOM   903  H "H2''" . DA  B 2 1 ? -10.527 1.780   -0.749  1.00 0.78 ? 10 DA  B "H2''" 2 
ATOM   904  H "H1'"  . DA  B 2 1 ? -11.522 3.269   -2.178  1.00 0.74 ? 10 DA  B "H1'"  2 
ATOM   905  H H8     . DA  B 2 1 ? -9.822  5.142   0.435   1.00 0.72 ? 10 DA  B H8     2 
ATOM   906  H H61    . DA  B 2 1 ? -6.627  7.588   -4.324  1.00 0.51 ? 10 DA  B H61    2 
ATOM   907  H H62    . DA  B 2 1 ? -6.788  7.562   -2.577  1.00 0.46 ? 10 DA  B H62    2 
ATOM   908  H H2     . DA  B 2 1 ? -9.748  4.803   -5.916  1.00 0.57 ? 10 DA  B H2     2 
ATOM   909  H "HO5'" . DA  B 2 1 ? -14.965 5.322   -0.274  1.00 1.45 ? 10 DA  B "HO5'" 2 
ATOM   910  P P      . DC  B 2 2 ? -12.181 -0.398  -1.469  1.00 0.87 ? 11 DC  B P      2 
ATOM   911  O OP1    . DC  B 2 2 ? -13.145 -1.521  -1.479  1.00 0.95 ? 11 DC  B OP1    2 
ATOM   912  O OP2    . DC  B 2 2 ? -10.970 -0.471  -0.620  1.00 0.92 ? 11 DC  B OP2    2 
ATOM   913  O "O5'"  . DC  B 2 2 ? -11.712 -0.119  -2.987  1.00 0.76 ? 11 DC  B "O5'"  2 
ATOM   914  C "C5'"  . DC  B 2 2 ? -12.667 0.077   -4.050  1.00 0.74 ? 11 DC  B "C5'"  2 
ATOM   915  C "C4'"  . DC  B 2 2 ? -11.960 0.288   -5.395  1.00 0.61 ? 11 DC  B "C4'"  2 
ATOM   916  O "O4'"  . DC  B 2 2 ? -11.058 1.386   -5.297  1.00 0.58 ? 11 DC  B "O4'"  2 
ATOM   917  C "C3'"  . DC  B 2 2 ? -11.162 -0.936  -5.855  1.00 0.59 ? 11 DC  B "C3'"  2 
ATOM   918  O "O3'"  . DC  B 2 2 ? -11.233 -1.112  -7.275  1.00 0.59 ? 11 DC  B "O3'"  2 
ATOM   919  C "C2'"  . DC  B 2 2 ? -9.753  -0.574  -5.425  1.00 0.52 ? 11 DC  B "C2'"  2 
ATOM   920  C "C1'"  . DC  B 2 2 ? -9.776  0.947   -5.721  1.00 0.48 ? 11 DC  B "C1'"  2 
ATOM   921  N N1     . DC  B 2 2 ? -8.824  1.669   -4.850  1.00 0.47 ? 11 DC  B N1     2 
ATOM   922  C C2     . DC  B 2 2 ? -7.899  2.485   -5.449  1.00 0.41 ? 11 DC  B C2     2 
ATOM   923  O O2     . DC  B 2 2 ? -7.833  2.622   -6.669  1.00 0.39 ? 11 DC  B O2     2 
ATOM   924  N N3     . DC  B 2 2 ? -7.041  3.158   -4.652  1.00 0.41 ? 11 DC  B N3     2 
ATOM   925  C C4     . DC  B 2 2 ? -7.064  3.054   -3.329  1.00 0.44 ? 11 DC  B C4     2 
ATOM   926  N N4     . DC  B 2 2 ? -6.172  3.766   -2.651  1.00 0.42 ? 11 DC  B N4     2 
ATOM   927  C C5     . DC  B 2 2 ? -8.015  2.210   -2.686  1.00 0.52 ? 11 DC  B C5     2 
ATOM   928  C C6     . DC  B 2 2 ? -8.872  1.540   -3.487  1.00 0.53 ? 11 DC  B C6     2 
ATOM   929  H "H5'"  . DC  B 2 2 ? -13.265 0.959   -3.819  1.00 0.81 ? 11 DC  B "H5'"  2 
ATOM   930  H "H5''" . DC  B 2 2 ? -13.323 -0.790  -4.119  1.00 0.79 ? 11 DC  B "H5''" 2 
ATOM   931  H "H4'"  . DC  B 2 2 ? -12.624 0.543   -6.221  1.00 0.63 ? 11 DC  B "H4'"  2 
ATOM   932  H "H3'"  . DC  B 2 2 ? -11.541 -1.832  -5.363  1.00 0.67 ? 11 DC  B "H3'"  2 
ATOM   933  H "H2'"  . DC  B 2 2 ? -9.640  -0.851  -4.377  1.00 0.60 ? 11 DC  B "H2'"  2 
ATOM   934  H "H2''" . DC  B 2 2 ? -9.033  -1.070  -6.075  1.00 0.47 ? 11 DC  B "H2''" 2 
ATOM   935  H "H1'"  . DC  B 2 2 ? -9.659  1.211   -6.771  1.00 0.45 ? 11 DC  B "H1'"  2 
ATOM   936  H H41    . DC  B 2 2 ? -5.554  4.381   -3.168  1.00 0.38 ? 11 DC  B H41    2 
ATOM   937  H H42    . DC  B 2 2 ? -6.106  3.697   -1.647  1.00 0.50 ? 11 DC  B H42    2 
ATOM   938  H H5     . DC  B 2 2 ? -8.045  2.111   -1.600  1.00 0.57 ? 11 DC  B H5     2 
ATOM   939  H H6     . DC  B 2 2 ? -9.625  0.883   -3.051  1.00 0.59 ? 11 DC  B H6     2 
ATOM   940  P P      . DG  B 2 3 ? -10.564 -2.406  -7.974  1.00 0.63 ? 12 DG  B P      2 
ATOM   941  O OP1    . DG  B 2 3 ? -11.007 -2.444  -9.387  1.00 0.67 ? 12 DG  B OP1    2 
ATOM   942  O OP2    . DG  B 2 3 ? -10.786 -3.583  -7.104  1.00 0.75 ? 12 DG  B OP2    2 
ATOM   943  O "O5'"  . DG  B 2 3 ? -8.994  -2.036  -7.927  1.00 0.59 ? 12 DG  B "O5'"  2 
ATOM   944  C "C5'"  . DG  B 2 3 ? -8.395  -1.273  -8.981  1.00 0.54 ? 12 DG  B "C5'"  2 
ATOM   945  C "C4'"  . DG  B 2 3 ? -6.908  -1.023  -8.777  1.00 0.46 ? 12 DG  B "C4'"  2 
ATOM   946  O "O4'"  . DG  B 2 3 ? -6.513  -0.103  -7.752  1.00 0.45 ? 12 DG  B "O4'"  2 
ATOM   947  C "C3'"  . DG  B 2 3 ? -6.065  -2.286  -8.529  1.00 0.44 ? 12 DG  B "C3'"  2 
ATOM   948  O "O3'"  . DG  B 2 3 ? -5.123  -2.591  -9.582  1.00 0.48 ? 12 DG  B "O3'"  2 
ATOM   949  C "C2'"  . DG  B 2 3 ? -5.450  -1.990  -7.168  1.00 0.43 ? 12 DG  B "C2'"  2 
ATOM   950  C "C1'"  . DG  B 2 3 ? -5.228  -0.527  -7.274  1.00 0.40 ? 12 DG  B "C1'"  2 
ATOM   951  N N9     . DG  B 2 3 ? -4.927  0.197   -6.035  1.00 0.40 ? 12 DG  B N9     2 
ATOM   952  C C8     . DG  B 2 3 ? -5.475  0.107   -4.788  1.00 0.48 ? 12 DG  B C8     2 
ATOM   953  N N7     . DG  B 2 3 ? -4.977  0.961   -3.930  1.00 0.45 ? 12 DG  B N7     2 
ATOM   954  C C5     . DG  B 2 3 ? -4.029  1.657   -4.678  1.00 0.36 ? 12 DG  B C5     2 
ATOM   955  C C6     . DG  B 2 3 ? -3.149  2.714   -4.316  1.00 0.31 ? 12 DG  B C6     2 
ATOM   956  O O6     . DG  B 2 3 ? -3.017  3.308   -3.251  1.00 0.33 ? 12 DG  B O6     2 
ATOM   957  N N1     . DG  B 2 3 ? -2.369  3.105   -5.382  1.00 0.29 ? 12 DG  B N1     2 
ATOM   958  C C2     . DG  B 2 3 ? -2.415  2.565   -6.642  1.00 0.32 ? 12 DG  B C2     2 
ATOM   959  N N2     . DG  B 2 3 ? -1.592  3.054   -7.546  1.00 0.37 ? 12 DG  B N2     2 
ATOM   960  N N3     . DG  B 2 3 ? -3.229  1.585   -6.991  1.00 0.33 ? 12 DG  B N3     2 
ATOM   961  C C4     . DG  B 2 3 ? -4.001  1.185   -5.960  1.00 0.35 ? 12 DG  B C4     2 
ATOM   962  H "H5'"  . DG  B 2 3 ? -8.896  -0.311  -9.088  1.00 0.57 ? 12 DG  B "H5'"  2 
ATOM   963  H "H5''" . DG  B 2 3 ? -8.510  -1.829  -9.912  1.00 0.54 ? 12 DG  B "H5''" 2 
ATOM   964  H "H4'"  . DG  B 2 3 ? -6.600  -0.607  -9.737  1.00 0.42 ? 12 DG  B "H4'"  2 
ATOM   965  H "H3'"  . DG  B 2 3 ? -6.681  -3.165  -8.340  1.00 0.57 ? 12 DG  B "H3'"  2 
ATOM   966  H "H2'"  . DG  B 2 3 ? -6.134  -2.176  -6.340  1.00 0.45 ? 12 DG  B "H2'"  2 
ATOM   967  H "H2''" . DG  B 2 3 ? -4.558  -2.577  -6.944  1.00 0.44 ? 12 DG  B "H2''" 2 
ATOM   968  H "H1'"  . DG  B 2 3 ? -4.361  -0.433  -7.928  1.00 0.34 ? 12 DG  B "H1'"  2 
ATOM   969  H H8     . DG  B 2 3 ? -6.245  -0.626  -4.546  1.00 0.55 ? 12 DG  B H8     2 
ATOM   970  H H1     . DG  B 2 3 ? -1.721  3.852   -5.175  1.00 0.29 ? 12 DG  B H1     2 
ATOM   971  H H21    . DG  B 2 3 ? -0.898  3.739   -7.281  1.00 0.41 ? 12 DG  B H21    2 
ATOM   972  H H22    . DG  B 2 3 ? -1.670  2.733   -8.499  1.00 0.44 ? 12 DG  B H22    2 
ATOM   973  P P      . DA  B 2 4 ? -4.407  -1.611  -10.674 1.00 0.43 ? 13 DA  B P      2 
ATOM   974  O OP1    . DA  B 2 4 ? -5.196  -0.369  -10.830 1.00 0.57 ? 13 DA  B OP1    2 
ATOM   975  O OP2    . DA  B 2 4 ? -4.095  -2.431  -11.866 1.00 0.59 ? 13 DA  B OP2    2 
ATOM   976  O "O5'"  . DA  B 2 4 ? -3.027  -1.233  -9.945  1.00 0.43 ? 13 DA  B "O5'"  2 
ATOM   977  C "C5'"  . DA  B 2 4 ? -2.116  -2.274  -9.585  1.00 0.46 ? 13 DA  B "C5'"  2 
ATOM   978  C "C4'"  . DA  B 2 4 ? -0.692  -1.740  -9.372  1.00 0.45 ? 13 DA  B "C4'"  2 
ATOM   979  O "O4'"  . DA  B 2 4 ? -0.534  -0.744  -8.339  1.00 0.48 ? 13 DA  B "O4'"  2 
ATOM   980  C "C3'"  . DA  B 2 4 ? 0.230   -2.885  -8.944  1.00 0.54 ? 13 DA  B "C3'"  2 
ATOM   981  O "O3'"  . DA  B 2 4 ? 1.511   -2.722  -9.564  1.00 0.61 ? 13 DA  B "O3'"  2 
ATOM   982  C "C2'"  . DA  B 2 4 ? 0.234   -2.752  -7.450  1.00 0.50 ? 13 DA  B "C2'"  2 
ATOM   983  C "C1'"  . DA  B 2 4 ? 0.246   -1.252  -7.239  1.00 0.45 ? 13 DA  B "C1'"  2 
ATOM   984  N N9     . DA  B 2 4 ? -0.462  -0.842  -6.016  1.00 0.44 ? 13 DA  B N9     2 
ATOM   985  C C8     . DA  B 2 4 ? -1.646  -1.288  -5.482  1.00 0.46 ? 13 DA  B C8     2 
ATOM   986  N N7     . DA  B 2 4 ? -1.977  -0.690  -4.372  1.00 0.44 ? 13 DA  B N7     2 
ATOM   987  C C5     . DA  B 2 4 ? -0.941  0.213   -4.161  1.00 0.40 ? 13 DA  B C5     2 
ATOM   988  C C6     . DA  B 2 4 ? -0.685  1.152   -3.157  1.00 0.37 ? 13 DA  B C6     2 
ATOM   989  N N6     . DA  B 2 4 ? -1.506  1.348   -2.131  1.00 0.37 ? 13 DA  B N6     2 
ATOM   990  N N1     . DA  B 2 4 ? 0.436   1.877   -3.263  1.00 0.33 ? 13 DA  B N1     2 
ATOM   991  C C2     . DA  B 2 4 ? 1.256   1.686   -4.295  1.00 0.35 ? 13 DA  B C2     2 
ATOM   992  N N3     . DA  B 2 4 ? 1.119   0.836   -5.295  1.00 0.39 ? 13 DA  B N3     2 
ATOM   993  C C4     . DA  B 2 4 ? -0.017  0.122   -5.161  1.00 0.41 ? 13 DA  B C4     2 
ATOM   994  H "H5'"  . DA  B 2 4 ? -2.105  -3.023  -10.377 1.00 0.56 ? 13 DA  B "H5'"  2 
ATOM   995  H "H5''" . DA  B 2 4 ? -2.490  -2.748  -8.679  1.00 0.56 ? 13 DA  B "H5''" 2 
ATOM   996  H "H4'"  . DA  B 2 4 ? -0.359  -1.288  -10.307 1.00 0.47 ? 13 DA  B "H4'"  2 
ATOM   997  H "H3'"  . DA  B 2 4 ? -0.163  -3.897  -9.058  1.00 0.57 ? 13 DA  B "H3'"  2 
ATOM   998  H "H2'"  . DA  B 2 4 ? -0.596  -3.303  -7.010  1.00 0.50 ? 13 DA  B "H2'"  2 
ATOM   999  H "H2''" . DA  B 2 4 ? 1.167   -3.207  -7.117  1.00 0.50 ? 13 DA  B "H2''" 2 
ATOM   1000 H "H1'"  . DA  B 2 4 ? 1.281   -0.944  -7.103  1.00 0.46 ? 13 DA  B "H1'"  2 
ATOM   1001 H H8     . DA  B 2 4 ? -2.262  -2.065  -5.935  1.00 0.46 ? 13 DA  B H8     2 
ATOM   1002 H H61    . DA  B 2 4 ? -1.274  1.988   -1.381  1.00 0.40 ? 13 DA  B H61    2 
ATOM   1003 H H62    . DA  B 2 4 ? -2.383  0.848   -2.111  1.00 0.43 ? 13 DA  B H62    2 
ATOM   1004 H H2     . DA  B 2 4 ? 2.158   2.293   -4.352  1.00 0.35 ? 13 DA  B H2     2 
ATOM   1005 P P      . DC  B 2 5 ? 2.551   -3.932  -9.783  1.00 0.75 ? 14 DC  B P      2 
ATOM   1006 O OP1    . DC  B 2 5 ? 3.197   -3.751  -11.103 1.00 1.02 ? 14 DC  B OP1    2 
ATOM   1007 O OP2    . DC  B 2 5 ? 1.878   -5.211  -9.460  1.00 0.94 ? 14 DC  B OP2    2 
ATOM   1008 O "O5'"  . DC  B 2 5 ? 3.627   -3.629  -8.637  1.00 0.57 ? 14 DC  B "O5'"  2 
ATOM   1009 C "C5'"  . DC  B 2 5 ? 4.448   -2.451  -8.679  1.00 0.55 ? 14 DC  B "C5'"  2 
ATOM   1010 C "C4'"  . DC  B 2 5 ? 4.842   -2.029  -7.268  1.00 0.42 ? 14 DC  B "C4'"  2 
ATOM   1011 O "O4'"  . DC  B 2 5 ? 3.680   -1.816  -6.455  1.00 0.36 ? 14 DC  B "O4'"  2 
ATOM   1012 C "C3'"  . DC  B 2 5 ? 5.559   -3.172  -6.573  1.00 0.33 ? 14 DC  B "C3'"  2 
ATOM   1013 O "O3'"  . DC  B 2 5 ? 6.965   -2.946  -6.764  1.00 0.44 ? 14 DC  B "O3'"  2 
ATOM   1014 C "C2'"  . DC  B 2 5 ? 5.137   -3.019  -5.084  1.00 0.26 ? 14 DC  B "C2'"  2 
ATOM   1015 C "C1'"  . DC  B 2 5 ? 4.126   -1.855  -5.096  1.00 0.27 ? 14 DC  B "C1'"  2 
ATOM   1016 N N1     . DC  B 2 5 ? 2.950   -1.966  -4.225  1.00 0.26 ? 14 DC  B N1     2 
ATOM   1017 C C2     . DC  B 2 5 ? 2.707   -0.943  -3.315  1.00 0.25 ? 14 DC  B C2     2 
ATOM   1018 O O2     . DC  B 2 5 ? 3.487   -0.005  -3.168  1.00 0.24 ? 14 DC  B O2     2 
ATOM   1019 N N3     . DC  B 2 5 ? 1.589   -0.981  -2.570  1.00 0.25 ? 14 DC  B N3     2 
ATOM   1020 C C4     . DC  B 2 5 ? 0.726   -1.986  -2.705  1.00 0.28 ? 14 DC  B C4     2 
ATOM   1021 N N4     . DC  B 2 5 ? -0.352  -1.951  -1.935  1.00 0.31 ? 14 DC  B N4     2 
ATOM   1022 C C5     . DC  B 2 5 ? 0.962   -3.053  -3.637  1.00 0.29 ? 14 DC  B C5     2 
ATOM   1023 C C6     . DC  B 2 5 ? 2.094   -2.998  -4.363  1.00 0.27 ? 14 DC  B C6     2 
ATOM   1024 H "H5'"  . DC  B 2 5 ? 3.928   -1.626  -9.166  1.00 0.74 ? 14 DC  B "H5'"  2 
ATOM   1025 H "H5''" . DC  B 2 5 ? 5.352   -2.689  -9.237  1.00 0.65 ? 14 DC  B "H5''" 2 
ATOM   1026 H "H4'"  . DC  B 2 5 ? 5.530   -1.189  -7.358  1.00 0.49 ? 14 DC  B "H4'"  2 
ATOM   1027 H "H3'"  . DC  B 2 5 ? 5.207   -4.108  -7.008  1.00 0.34 ? 14 DC  B "H3'"  2 
ATOM   1028 H "H2'"  . DC  B 2 5 ? 4.693   -3.966  -4.779  1.00 0.29 ? 14 DC  B "H2'"  2 
ATOM   1029 H "H2''" . DC  B 2 5 ? 6.007   -2.706  -4.508  1.00 0.25 ? 14 DC  B "H2''" 2 
ATOM   1030 H "H1'"  . DC  B 2 5 ? 4.482   -0.882  -4.757  1.00 0.27 ? 14 DC  B "H1'"  2 
ATOM   1031 H H41    . DC  B 2 5 ? -0.399  -1.226  -1.226  1.00 0.31 ? 14 DC  B H41    2 
ATOM   1032 H H42    . DC  B 2 5 ? -1.098  -2.617  -2.050  1.00 0.34 ? 14 DC  B H42    2 
ATOM   1033 H H5     . DC  B 2 5 ? 0.257   -3.861  -3.826  1.00 0.32 ? 14 DC  B H5     2 
ATOM   1034 H H6     . DC  B 2 5 ? 2.392   -3.804  -5.034  1.00 0.29 ? 14 DC  B H6     2 
ATOM   1035 P P      . DG  B 2 6 ? 8.130   -3.671  -5.916  1.00 0.46 ? 15 DG  B P      2 
ATOM   1036 O OP1    . DG  B 2 6 ? 9.432   -3.310  -6.521  1.00 0.67 ? 15 DG  B OP1    2 
ATOM   1037 O OP2    . DG  B 2 6 ? 7.768   -5.094  -5.726  1.00 0.54 ? 15 DG  B OP2    2 
ATOM   1038 O "O5'"  . DG  B 2 6 ? 7.986   -2.908  -4.500  1.00 0.40 ? 15 DG  B "O5'"  2 
ATOM   1039 C "C5'"  . DG  B 2 6 ? 8.343   -1.525  -4.351  1.00 0.42 ? 15 DG  B "C5'"  2 
ATOM   1040 C "C4'"  . DG  B 2 6 ? 8.089   -1.021  -2.927  1.00 0.31 ? 15 DG  B "C4'"  2 
ATOM   1041 O "O4'"  . DG  B 2 6 ? 6.695   -0.986  -2.526  1.00 0.25 ? 15 DG  B "O4'"  2 
ATOM   1042 C "C3'"  . DG  B 2 6 ? 8.798   -1.903  -1.879  1.00 0.27 ? 15 DG  B "C3'"  2 
ATOM   1043 O "O3'"  . DG  B 2 6 ? 9.876   -1.229  -1.218  1.00 0.35 ? 15 DG  B "O3'"  2 
ATOM   1044 C "C2'"  . DG  B 2 6 ? 7.651   -2.234  -0.885  1.00 0.24 ? 15 DG  B "C2'"  2 
ATOM   1045 C "C1'"  . DG  B 2 6 ? 6.611   -1.131  -1.095  1.00 0.21 ? 15 DG  B "C1'"  2 
ATOM   1046 N N9     . DG  B 2 6 ? 5.279   -1.623  -0.705  1.00 0.20 ? 15 DG  B N9     2 
ATOM   1047 C C8     . DG  B 2 6 ? 4.555   -2.628  -1.268  1.00 0.22 ? 15 DG  B C8     2 
ATOM   1048 N N7     . DG  B 2 6 ? 3.393   -2.829  -0.719  1.00 0.23 ? 15 DG  B N7     2 
ATOM   1049 C C5     . DG  B 2 6 ? 3.347   -1.877  0.294   1.00 0.19 ? 15 DG  B C5     2 
ATOM   1050 C C6     . DG  B 2 6 ? 2.332   -1.602  1.238   1.00 0.21 ? 15 DG  B C6     2 
ATOM   1051 O O6     . DG  B 2 6 ? 1.240   -2.138  1.386   1.00 0.25 ? 15 DG  B O6     2 
ATOM   1052 N N1     . DG  B 2 6 ? 2.687   -0.571  2.074   1.00 0.20 ? 15 DG  B N1     2 
ATOM   1053 C C2     . DG  B 2 6 ? 3.860   0.121   2.031   1.00 0.18 ? 15 DG  B C2     2 
ATOM   1054 N N2     . DG  B 2 6 ? 3.986   1.049   2.963   1.00 0.20 ? 15 DG  B N2     2 
ATOM   1055 N N3     . DG  B 2 6 ? 4.827   -0.119  1.148   1.00 0.17 ? 15 DG  B N3     2 
ATOM   1056 C C4     . DG  B 2 6 ? 4.499   -1.133  0.311   1.00 0.18 ? 15 DG  B C4     2 
ATOM   1057 H "H5'"  . DG  B 2 6 ? 7.787   -0.899  -5.048  1.00 0.51 ? 15 DG  B "H5'"  2 
ATOM   1058 H "H5''" . DG  B 2 6 ? 9.405   -1.416  -4.574  1.00 0.57 ? 15 DG  B "H5''" 2 
ATOM   1059 H "H4'"  . DG  B 2 6 ? 8.554   -0.035  -2.965  1.00 0.42 ? 15 DG  B "H4'"  2 
ATOM   1060 H "H3'"  . DG  B 2 6 ? 9.223   -2.786  -2.357  1.00 0.33 ? 15 DG  B "H3'"  2 
ATOM   1061 H "H2'"  . DG  B 2 6 ? 7.185   -3.190  -1.126  1.00 0.35 ? 15 DG  B "H2'"  2 
ATOM   1062 H "H2''" . DG  B 2 6 ? 7.991   -2.211  0.151   1.00 0.28 ? 15 DG  B "H2''" 2 
ATOM   1063 H "H1'"  . DG  B 2 6 ? 6.693   -0.238  -0.473  1.00 0.19 ? 15 DG  B "H1'"  2 
ATOM   1064 H H8     . DG  B 2 6 ? 4.955   -3.208  -2.101  1.00 0.25 ? 15 DG  B H8     2 
ATOM   1065 H H1     . DG  B 2 6 ? 2.006   -0.318  2.763   1.00 0.20 ? 15 DG  B H1     2 
ATOM   1066 H H21    . DG  B 2 6 ? 3.231   1.211   3.614   1.00 0.23 ? 15 DG  B H21    2 
ATOM   1067 H H22    . DG  B 2 6 ? 4.841   1.578   3.022   1.00 0.30 ? 15 DG  B H22    2 
ATOM   1068 P P      . DT  B 2 7 ? 11.035  -2.087  -0.471  1.00 0.38 ? 16 DT  B P      2 
ATOM   1069 O OP1    . DT  B 2 7 ? 12.265  -1.264  -0.443  1.00 0.52 ? 16 DT  B OP1    2 
ATOM   1070 O OP2    . DT  B 2 7 ? 11.078  -3.449  -1.054  1.00 0.45 ? 16 DT  B OP2    2 
ATOM   1071 O "O5'"  . DT  B 2 7 ? 10.466  -2.209  1.033   1.00 0.36 ? 16 DT  B "O5'"  2 
ATOM   1072 C "C5'"  . DT  B 2 7 ? 10.481  -1.058  1.886   1.00 0.30 ? 16 DT  B "C5'"  2 
ATOM   1073 C "C4'"  . DT  B 2 7 ? 9.332   -1.029  2.879   1.00 0.25 ? 16 DT  B "C4'"  2 
ATOM   1074 O "O4'"  . DT  B 2 7 ? 8.040   -1.266  2.252   1.00 0.22 ? 16 DT  B "O4'"  2 
ATOM   1075 C "C3'"  . DT  B 2 7 ? 9.401   -2.127  3.903   1.00 0.24 ? 16 DT  B "C3'"  2 
ATOM   1076 O "O3'"  . DT  B 2 7 ? 10.255  -1.668  4.956   1.00 0.29 ? 16 DT  B "O3'"  2 
ATOM   1077 C "C2'"  . DT  B 2 7 ? 7.924   -2.083  4.400   1.00 0.22 ? 16 DT  B "C2'"  2 
ATOM   1078 C "C1'"  . DT  B 2 7 ? 7.066   -1.461  3.295   1.00 0.20 ? 16 DT  B "C1'"  2 
ATOM   1079 N N1     . DT  B 2 7 ? 5.959   -2.452  3.121   1.00 0.18 ? 16 DT  B N1     2 
ATOM   1080 C C2     . DT  B 2 7 ? 4.760   -2.193  3.770   1.00 0.20 ? 16 DT  B C2     2 
ATOM   1081 O O2     . DT  B 2 7 ? 4.568   -1.217  4.486   1.00 0.25 ? 16 DT  B O2     2 
ATOM   1082 N N3     . DT  B 2 7 ? 3.760   -3.107  3.585   1.00 0.20 ? 16 DT  B N3     2 
ATOM   1083 C C4     . DT  B 2 7 ? 3.823   -4.240  2.826   1.00 0.20 ? 16 DT  B C4     2 
ATOM   1084 O O4     . DT  B 2 7 ? 2.834   -4.961  2.743   1.00 0.24 ? 16 DT  B O4     2 
ATOM   1085 C C5     . DT  B 2 7 ? 5.095   -4.446  2.184   1.00 0.20 ? 16 DT  B C5     2 
ATOM   1086 C C7     . DT  B 2 7 ? 5.296   -5.658  1.284   1.00 0.26 ? 16 DT  B C7     2 
ATOM   1087 C C6     . DT  B 2 7 ? 6.101   -3.572  2.352   1.00 0.20 ? 16 DT  B C6     2 
ATOM   1088 H "H5'"  . DT  B 2 7 ? 10.440  -0.147  1.291   1.00 0.33 ? 16 DT  B "H5'"  2 
ATOM   1089 H "H5''" . DT  B 2 7 ? 11.406  -1.055  2.462   1.00 0.32 ? 16 DT  B "H5''" 2 
ATOM   1090 H "H4'"  . DT  B 2 7 ? 9.515   -0.107  3.430   1.00 0.30 ? 16 DT  B "H4'"  2 
ATOM   1091 H "H3'"  . DT  B 2 7 ? 9.791   -3.059  3.496   1.00 0.31 ? 16 DT  B "H3'"  2 
ATOM   1092 H "H2'"  . DT  B 2 7 ? 7.549   -3.106  4.390   1.00 0.25 ? 16 DT  B "H2'"  2 
ATOM   1093 H "H2''" . DT  B 2 7 ? 7.805   -1.485  5.302   1.00 0.27 ? 16 DT  B "H2''" 2 
ATOM   1094 H "H1'"  . DT  B 2 7 ? 6.555   -0.516  3.487   1.00 0.23 ? 16 DT  B "H1'"  2 
ATOM   1095 H H3     . DT  B 2 7 ? 2.895   -2.937  4.074   1.00 0.23 ? 16 DT  B H3     2 
ATOM   1096 H H71    . DT  B 2 7 ? 5.525   -5.294  0.283   1.00 0.38 ? 16 DT  B H71    2 
ATOM   1097 H H72    . DT  B 2 7 ? 4.374   -6.240  1.251   1.00 0.40 ? 16 DT  B H72    2 
ATOM   1098 H H73    . DT  B 2 7 ? 6.115   -6.266  1.665   1.00 0.42 ? 16 DT  B H73    2 
ATOM   1099 H H6     . DT  B 2 7 ? 7.067   -3.802  1.902   1.00 0.24 ? 16 DT  B H6     2 
ATOM   1100 P P      . DG  B 2 8 ? 10.849  -2.667  6.079   1.00 0.34 ? 17 DG  B P      2 
ATOM   1101 O OP1    . DG  B 2 8 ? 11.909  -1.951  6.825   1.00 0.49 ? 17 DG  B OP1    2 
ATOM   1102 O OP2    . DG  B 2 8 ? 11.150  -3.971  5.445   1.00 0.46 ? 17 DG  B OP2    2 
ATOM   1103 O "O5'"  . DG  B 2 8 ? 9.587   -2.878  7.061   1.00 0.30 ? 17 DG  B "O5'"  2 
ATOM   1104 C "C5'"  . DG  B 2 8 ? 9.104   -1.822  7.904   1.00 0.32 ? 17 DG  B "C5'"  2 
ATOM   1105 C "C4'"  . DG  B 2 8 ? 7.869   -2.247  8.701   1.00 0.31 ? 17 DG  B "C4'"  2 
ATOM   1106 O "O4'"  . DG  B 2 8 ? 6.737   -2.589  7.880   1.00 0.25 ? 17 DG  B "O4'"  2 
ATOM   1107 C "C3'"  . DG  B 2 8 ? 8.096   -3.454  9.608   1.00 0.38 ? 17 DG  B "C3'"  2 
ATOM   1108 O "O3'"  . DG  B 2 8 ? 7.430   -3.237  10.866  1.00 0.49 ? 17 DG  B "O3'"  2 
ATOM   1109 C "C2'"  . DG  B 2 8 ? 7.482   -4.553  8.786   1.00 0.33 ? 17 DG  B "C2'"  2 
ATOM   1110 C "C1'"  . DG  B 2 8 ? 6.238   -3.842  8.353   1.00 0.27 ? 17 DG  B "C1'"  2 
ATOM   1111 N N9     . DG  B 2 8 ? 5.553   -4.608  7.317   1.00 0.24 ? 17 DG  B N9     2 
ATOM   1112 C C8     . DG  B 2 8 ? 6.057   -5.179  6.187   1.00 0.28 ? 17 DG  B C8     2 
ATOM   1113 N N7     . DG  B 2 8 ? 5.153   -5.778  5.457   1.00 0.30 ? 17 DG  B N7     2 
ATOM   1114 C C5     . DG  B 2 8 ? 3.971   -5.582  6.177   1.00 0.26 ? 17 DG  B C5     2 
ATOM   1115 C C6     . DG  B 2 8 ? 2.640   -5.993  5.911   1.00 0.29 ? 17 DG  B C6     2 
ATOM   1116 O O6     . DG  B 2 8 ? 2.194   -6.627  4.963   1.00 0.35 ? 17 DG  B O6     2 
ATOM   1117 N N1     . DG  B 2 8 ? 1.773   -5.584  6.902   1.00 0.26 ? 17 DG  B N1     2 
ATOM   1118 C C2     . DG  B 2 8 ? 2.125   -4.865  8.016   1.00 0.23 ? 17 DG  B C2     2 
ATOM   1119 N N2     . DG  B 2 8 ? 1.177   -4.564  8.883   1.00 0.26 ? 17 DG  B N2     2 
ATOM   1120 N N3     . DG  B 2 8 ? 3.362   -4.474  8.271   1.00 0.20 ? 17 DG  B N3     2 
ATOM   1121 C C4     . DG  B 2 8 ? 4.223   -4.867  7.313   1.00 0.21 ? 17 DG  B C4     2 
ATOM   1122 H "H5'"  . DG  B 2 8 ? 8.835   -0.957  7.296   1.00 0.36 ? 17 DG  B "H5'"  2 
ATOM   1123 H "H5''" . DG  B 2 8 ? 9.886   -1.531  8.604   1.00 0.45 ? 17 DG  B "H5''" 2 
ATOM   1124 H "H4'"  . DG  B 2 8 ? 7.610   -1.439  9.386   1.00 0.43 ? 17 DG  B "H4'"  2 
ATOM   1125 H "H3'"  . DG  B 2 8 ? 9.155   -3.675  9.745   1.00 0.45 ? 17 DG  B "H3'"  2 
ATOM   1126 H "H2'"  . DG  B 2 8 ? 8.109   -4.807  7.930   1.00 0.34 ? 17 DG  B "H2'"  2 
ATOM   1127 H "H2''" . DG  B 2 8 ? 7.241   -5.428  9.390   1.00 0.40 ? 17 DG  B "H2''" 2 
ATOM   1128 H "H1'"  . DG  B 2 8 ? 5.553   -3.746  9.195   1.00 0.31 ? 17 DG  B "H1'"  2 
ATOM   1129 H H8     . DG  B 2 8 ? 7.126   -5.133  5.988   1.00 0.34 ? 17 DG  B H8     2 
ATOM   1130 H H1     . DG  B 2 8 ? 0.809   -5.852  6.761   1.00 0.29 ? 17 DG  B H1     2 
ATOM   1131 H H21    . DG  B 2 8 ? 0.214   -4.816  8.712   1.00 0.31 ? 17 DG  B H21    2 
ATOM   1132 H H22    . DG  B 2 8 ? 1.449   -4.079  9.724   1.00 0.33 ? 17 DG  B H22    2 
ATOM   1133 P P      . DC  B 2 9 ? 7.387   -4.311  12.073  1.00 0.64 ? 18 DC  B P      2 
ATOM   1134 O OP1    . DC  B 2 9 ? 7.598   -3.579  13.341  1.00 0.81 ? 18 DC  B OP1    2 
ATOM   1135 O OP2    . DC  B 2 9 ? 8.264   -5.453  11.730  1.00 0.76 ? 18 DC  B OP2    2 
ATOM   1136 O "O5'"  . DC  B 2 9 ? 5.863   -4.839  12.038  1.00 0.59 ? 18 DC  B "O5'"  2 
ATOM   1137 C "C5'"  . DC  B 2 9 ? 4.750   -4.080  12.552  1.00 0.53 ? 18 DC  B "C5'"  2 
ATOM   1138 C "C4'"  . DC  B 2 9 ? 3.465   -4.930  12.543  1.00 0.40 ? 18 DC  B "C4'"  2 
ATOM   1139 O "O4'"  . DC  B 2 9 ? 3.186   -5.320  11.200  1.00 0.37 ? 18 DC  B "O4'"  2 
ATOM   1140 C "C3'"  . DC  B 2 9 ? 3.570   -6.225  13.382  1.00 0.43 ? 18 DC  B "C3'"  2 
ATOM   1141 O "O3'"  . DC  B 2 9 ? 2.323   -6.705  13.902  1.00 0.49 ? 18 DC  B "O3'"  2 
ATOM   1142 C "C2'"  . DC  B 2 9 ? 3.996   -7.187  12.305  1.00 0.40 ? 18 DC  B "C2'"  2 
ATOM   1143 C "C1'"  . DC  B 2 9 ? 3.052   -6.726  11.227  1.00 0.29 ? 18 DC  B "C1'"  2 
ATOM   1144 N N1     . DC  B 2 9 ? 3.412   -7.301  9.920   1.00 0.29 ? 18 DC  B N1     2 
ATOM   1145 C C2     . DC  B 2 9 ? 2.409   -7.859  9.154   1.00 0.32 ? 18 DC  B C2     2 
ATOM   1146 O O2     . DC  B 2 9 ? 1.238   -7.886  9.527   1.00 0.35 ? 18 DC  B O2     2 
ATOM   1147 N N3     . DC  B 2 9 ? 2.744   -8.387  7.956   1.00 0.37 ? 18 DC  B N3     2 
ATOM   1148 C C4     . DC  B 2 9 ? 3.999   -8.376  7.516   1.00 0.39 ? 18 DC  B C4     2 
ATOM   1149 N N4     . DC  B 2 9 ? 4.230   -8.911  6.325   1.00 0.47 ? 18 DC  B N4     2 
ATOM   1150 C C5     . DC  B 2 9 ? 5.053   -7.803  8.294   1.00 0.36 ? 18 DC  B C5     2 
ATOM   1151 C C6     . DC  B 2 9 ? 4.711   -7.279  9.487   1.00 0.33 ? 18 DC  B C6     2 
ATOM   1152 H "H5'"  . DC  B 2 9 ? 4.603   -3.195  11.936  1.00 0.57 ? 18 DC  B "H5'"  2 
ATOM   1153 H "H5''" . DC  B 2 9 ? 4.974   -3.765  13.571  1.00 0.61 ? 18 DC  B "H5''" 2 
ATOM   1154 H "H4'"  . DC  B 2 9 ? 2.551   -4.434  12.872  1.00 0.44 ? 18 DC  B "H4'"  2 
ATOM   1155 H "H3'"  . DC  B 2 9 ? 4.313   -6.112  14.172  1.00 0.55 ? 18 DC  B "H3'"  2 
ATOM   1156 H "HO3'" . DC  B 2 9 ? 2.001   -6.067  14.541  1.00 0.96 ? 18 DC  B "HO3'" 2 
ATOM   1157 H "H2'"  . DC  B 2 9 ? 5.042   -7.052  12.026  1.00 0.46 ? 18 DC  B "H2'"  2 
ATOM   1158 H "H2''" . DC  B 2 9 ? 3.762   -8.234  12.500  1.00 0.45 ? 18 DC  B "H2''" 2 
ATOM   1159 H "H1'"  . DC  B 2 9 ? 2.059   -6.993  11.593  1.00 0.32 ? 18 DC  B "H1'"  2 
ATOM   1160 H H41    . DC  B 2 9 ? 3.440   -9.254  5.790   1.00 0.49 ? 18 DC  B H41    2 
ATOM   1161 H H42    . DC  B 2 9 ? 5.168   -8.975  5.957   1.00 0.54 ? 18 DC  B H42    2 
ATOM   1162 H H5     . DC  B 2 9 ? 6.087   -7.789  7.948   1.00 0.43 ? 18 DC  B H5     2 
ATOM   1163 H H6     . DC  B 2 9 ? 5.473   -6.823  10.120  1.00 0.36 ? 18 DC  B H6     2 
HETATM 1164 C C1     . MOC C 3 . ? 4.993   2.897   -1.328  1.00 0.20 ? 19 MOC A C1     2 
HETATM 1165 C C2     . MOC C 3 . ? 5.439   3.251   -2.780  1.00 0.24 ? 19 MOC A C2     2 
HETATM 1166 N N2     . MOC C 3 . ? 5.875   4.643   -2.876  1.00 0.26 ? 19 MOC A N2     2 
HETATM 1167 C C3     . MOC C 3 . ? 6.645   2.290   -2.887  1.00 0.22 ? 19 MOC A C3     2 
HETATM 1168 N N4     . MOC C 3 . ? 7.191   2.459   -1.524  1.00 0.18 ? 19 MOC A N4     2 
HETATM 1169 C C4A    . MOC C 3 . ? 8.351   2.378   -1.103  1.00 0.18 ? 19 MOC A C4A    2 
HETATM 1170 C C5     . MOC C 3 . ? 9.607   2.114   -1.668  1.00 0.24 ? 19 MOC A C5     2 
HETATM 1171 O O5     . MOC C 3 . ? 9.703   1.924   -2.861  1.00 0.28 ? 19 MOC A O5     2 
HETATM 1172 C C6     . MOC C 3 . ? 10.759  2.090   -0.820  1.00 0.28 ? 19 MOC A C6     2 
HETATM 1173 C CM6    . MOC C 3 . ? 12.121  1.793   -1.437  1.00 0.38 ? 19 MOC A CM6    2 
HETATM 1174 C C7     . MOC C 3 . ? 10.627  2.341   0.583   1.00 0.28 ? 19 MOC A C7     2 
HETATM 1175 N N7     . MOC C 3 . ? 11.722  2.324   1.370   1.00 0.37 ? 19 MOC A N7     2 
HETATM 1176 C C8     . MOC C 3 . ? 9.345   2.615   1.158   1.00 0.22 ? 19 MOC A C8     2 
HETATM 1177 O O8     . MOC C 3 . ? 9.210   2.845   2.338   1.00 0.28 ? 19 MOC A O8     2 
HETATM 1178 C C8A    . MOC C 3 . ? 8.212   2.623   0.286   1.00 0.17 ? 19 MOC A C8A    2 
HETATM 1179 C C9     . MOC C 3 . ? 6.837   2.850   0.547   1.00 0.16 ? 19 MOC A C9     2 
HETATM 1180 C C9A    . MOC C 3 . ? 6.342   2.729   -0.691  1.00 0.16 ? 19 MOC A C9A    2 
HETATM 1181 C C10    . MOC C 3 . ? 6.112   3.135   1.842   1.00 0.16 ? 19 MOC A C10    2 
HETATM 1182 O O10    . MOC C 3 . ? 6.534   2.079   2.793   1.00 0.16 ? 19 MOC A O10    2 
HETATM 1183 C C11    . MOC C 3 . ? 6.907   2.333   4.146   1.00 0.28 ? 19 MOC A C11    2 
HETATM 1184 O O11    . MOC C 3 . ? 6.304   3.140   4.805   1.00 0.71 ? 19 MOC A O11    2 
HETATM 1185 N N12    . MOC C 3 . ? 7.714   1.459   4.745   1.00 0.35 ? 19 MOC A N12    2 
HETATM 1186 H H11    . MOC C 3 . ? 4.593   3.816   -0.834  1.00 0.23 ? 19 MOC A H11    2 
HETATM 1187 H H2     . MOC C 3 . ? 4.700   3.023   -3.584  1.00 0.27 ? 19 MOC A H2     2 
HETATM 1188 H HN21   . MOC C 3 . ? 5.503   5.087   -3.724  1.00 0.39 ? 19 MOC A HN21   2 
HETATM 1189 H HN22   . MOC C 3 . ? 6.897   4.739   -2.873  1.00 0.37 ? 19 MOC A HN22   2 
HETATM 1190 H H31    . MOC C 3 . ? 7.387   2.630   -3.647  1.00 0.29 ? 19 MOC A H31    2 
HETATM 1191 H H32    . MOC C 3 . ? 6.253   1.248   -2.954  1.00 0.23 ? 19 MOC A H32    2 
HETATM 1192 H HM61   . MOC C 3 . ? 12.524  2.718   -1.910  1.00 0.96 ? 19 MOC A HM61   2 
HETATM 1193 H HM62   . MOC C 3 . ? 12.015  1.003   -2.216  1.00 0.83 ? 19 MOC A HM62   2 
HETATM 1194 H HM63   . MOC C 3 . ? 12.841  1.430   -0.670  1.00 0.71 ? 19 MOC A HM63   2 
HETATM 1195 H HN71   . MOC C 3 . ? 11.625  2.506   2.376   1.00 0.41 ? 19 MOC A HN71   2 
HETATM 1196 H HN72   . MOC C 3 . ? 12.648  2.131   0.972   1.00 0.46 ? 19 MOC A HN72   2 
HETATM 1197 H H101   . MOC C 3 . ? 5.005   3.038   1.745   1.00 0.19 ? 19 MOC A H101   2 
HETATM 1198 H H102   . MOC C 3 . ? 6.456   4.127   2.215   1.00 0.24 ? 19 MOC A H102   2 
HETATM 1199 H H121   . MOC C 3 . ? 7.816   1.497   5.762   1.00 0.55 ? 19 MOC A H121   2 
HETATM 1200 H H122   . MOC C 3 . ? 7.982   0.638   4.199   1.00 0.42 ? 19 MOC A H122   2 
ATOM   1201 O "O5'"  . DI  A 1 1 ? -7.540  -14.355 6.135   1.00 0.68 ? 1  DI  A "O5'"  3 
ATOM   1202 C "C5'"  . DI  A 1 1 ? -6.194  -14.452 5.661   1.00 0.64 ? 1  DI  A "C5'"  3 
ATOM   1203 C "C4'"  . DI  A 1 1 ? -5.595  -13.056 5.710   1.00 0.45 ? 1  DI  A "C4'"  3 
ATOM   1204 O "O4'"  . DI  A 1 1 ? -4.239  -12.949 5.273   1.00 0.41 ? 1  DI  A "O4'"  3 
ATOM   1205 C "C3'"  . DI  A 1 1 ? -6.402  -12.093 4.850   1.00 0.36 ? 1  DI  A "C3'"  3 
ATOM   1206 O "O3'"  . DI  A 1 1 ? -7.343  -11.484 5.757   1.00 0.36 ? 1  DI  A "O3'"  3 
ATOM   1207 C "C2'"  . DI  A 1 1 ? -5.266  -11.161 4.314   1.00 0.34 ? 1  DI  A "C2'"  3 
ATOM   1208 C "C1'"  . DI  A 1 1 ? -4.049  -11.537 5.173   1.00 0.33 ? 1  DI  A "C1'"  3 
ATOM   1209 N N9     . DI  A 1 1 ? -2.689  -11.279 4.665   1.00 0.32 ? 1  DI  A N9     3 
ATOM   1210 C C8     . DI  A 1 1 ? -2.063  -11.579 3.481   1.00 0.36 ? 1  DI  A C8     3 
ATOM   1211 N N7     . DI  A 1 1 ? -0.810  -11.204 3.437   1.00 0.36 ? 1  DI  A N7     3 
ATOM   1212 C C5     . DI  A 1 1 ? -0.599  -10.616 4.682   1.00 0.30 ? 1  DI  A C5     3 
ATOM   1213 C C6     . DI  A 1 1 ? 0.554   -10.018 5.249   1.00 0.30 ? 1  DI  A C6     3 
ATOM   1214 O O6     . DI  A 1 1 ? 1.685   -9.869  4.797   1.00 0.33 ? 1  DI  A O6     3 
ATOM   1215 N N1     . DI  A 1 1 ? 0.296   -9.563  6.522   1.00 0.29 ? 1  DI  A N1     3 
ATOM   1216 C C2     . DI  A 1 1 ? -0.898  -9.654  7.195   1.00 0.27 ? 1  DI  A C2     3 
ATOM   1217 N N3     . DI  A 1 1 ? -1.968  -10.208 6.674   1.00 0.27 ? 1  DI  A N3     3 
ATOM   1218 C C4     . DI  A 1 1 ? -1.745  -10.663 5.423   1.00 0.28 ? 1  DI  A C4     3 
ATOM   1219 H "H5'"  . DI  A 1 1 ? -6.196  -14.813 4.632   1.00 0.74 ? 1  DI  A "H5'"  3 
ATOM   1220 H "H5''" . DI  A 1 1 ? -5.602  -15.115 6.291   1.00 0.76 ? 1  DI  A "H5''" 3 
ATOM   1221 H "H4'"  . DI  A 1 1 ? -5.706  -12.681 6.728   1.00 0.47 ? 1  DI  A "H4'"  3 
ATOM   1222 H "H3'"  . DI  A 1 1 ? -6.949  -12.644 4.086   1.00 0.43 ? 1  DI  A "H3'"  3 
ATOM   1223 H "H2'"  . DI  A 1 1 ? -5.039  -11.401 3.276   1.00 0.37 ? 1  DI  A "H2'"  3 
ATOM   1224 H "H2''" . DI  A 1 1 ? -5.544  -10.110 4.398   1.00 0.33 ? 1  DI  A "H2''" 3 
ATOM   1225 H "H1'"  . DI  A 1 1 ? -4.013  -10.987 6.111   1.00 0.32 ? 1  DI  A "H1'"  3 
ATOM   1226 H H8     . DI  A 1 1 ? -2.551  -12.081 2.646   1.00 0.42 ? 1  DI  A H8     3 
ATOM   1227 H H1     . DI  A 1 1 ? 1.088   -9.134  6.971   1.00 0.34 ? 1  DI  A H1     3 
ATOM   1228 H H2     . DI  A 1 1 ? -0.992  -9.255  8.205   1.00 0.33 ? 1  DI  A H2     3 
ATOM   1229 H "HO5'" . DI  A 1 1 ? -7.720  -13.411 6.060   1.00 0.61 ? 1  DI  A "HO5'" 3 
ATOM   1230 P P      . DC  A 1 2 ? -7.922  -9.973  5.688   1.00 0.30 ? 2  DC  A P      3 
ATOM   1231 O OP1    . DC  A 1 2 ? -9.216  -9.948  6.406   1.00 0.40 ? 2  DC  A OP1    3 
ATOM   1232 O OP2    . DC  A 1 2 ? -7.841  -9.492  4.291   1.00 0.39 ? 2  DC  A OP2    3 
ATOM   1233 O "O5'"  . DC  A 1 2 ? -6.835  -9.167  6.559   1.00 0.26 ? 2  DC  A "O5'"  3 
ATOM   1234 C "C5'"  . DC  A 1 2 ? -6.712  -9.348  7.980   1.00 0.25 ? 2  DC  A "C5'"  3 
ATOM   1235 C "C4'"  . DC  A 1 2 ? -5.833  -8.248  8.593   1.00 0.21 ? 2  DC  A "C4'"  3 
ATOM   1236 O "O4'"  . DC  A 1 2 ? -4.459  -8.269  8.176   1.00 0.24 ? 2  DC  A "O4'"  3 
ATOM   1237 C "C3'"  . DC  A 1 2 ? -6.394  -6.868  8.386   1.00 0.21 ? 2  DC  A "C3'"  3 
ATOM   1238 O "O3'"  . DC  A 1 2 ? -6.279  -6.124  9.606   1.00 0.24 ? 2  DC  A "O3'"  3 
ATOM   1239 C "C2'"  . DC  A 1 2 ? -5.437  -6.409  7.332   1.00 0.24 ? 2  DC  A "C2'"  3 
ATOM   1240 C "C1'"  . DC  A 1 2 ? -4.086  -6.938  7.830   1.00 0.23 ? 2  DC  A "C1'"  3 
ATOM   1241 N N1     . DC  A 1 2 ? -3.084  -7.002  6.744   1.00 0.24 ? 2  DC  A N1     3 
ATOM   1242 C C2     . DC  A 1 2 ? -1.816  -6.460  6.929   1.00 0.24 ? 2  DC  A C2     3 
ATOM   1243 O O2     . DC  A 1 2 ? -1.476  -5.897  7.963   1.00 0.30 ? 2  DC  A O2     3 
ATOM   1244 N N3     . DC  A 1 2 ? -0.925  -6.556  5.912   1.00 0.25 ? 2  DC  A N3     3 
ATOM   1245 C C4     . DC  A 1 2 ? -1.249  -7.153  4.766   1.00 0.26 ? 2  DC  A C4     3 
ATOM   1246 N N4     . DC  A 1 2 ? -0.332  -7.212  3.810   1.00 0.27 ? 2  DC  A N4     3 
ATOM   1247 C C5     . DC  A 1 2 ? -2.546  -7.713  4.565   1.00 0.29 ? 2  DC  A C5     3 
ATOM   1248 C C6     . DC  A 1 2 ? -3.419  -7.611  5.577   1.00 0.29 ? 2  DC  A C6     3 
ATOM   1249 H "H5'"  . DC  A 1 2 ? -6.261  -10.322 8.173   1.00 0.30 ? 2  DC  A "H5'"  3 
ATOM   1250 H "H5''" . DC  A 1 2 ? -7.703  -9.316  8.431   1.00 0.32 ? 2  DC  A "H5''" 3 
ATOM   1251 H "H4'"  . DC  A 1 2 ? -5.839  -8.175  9.682   1.00 0.22 ? 2  DC  A "H4'"  3 
ATOM   1252 H "H3'"  . DC  A 1 2 ? -7.436  -6.943  8.074   1.00 0.24 ? 2  DC  A "H3'"  3 
ATOM   1253 H "H2'"  . DC  A 1 2 ? -5.769  -6.897  6.416   1.00 0.27 ? 2  DC  A "H2'"  3 
ATOM   1254 H "H2''" . DC  A 1 2 ? -5.442  -5.320  7.286   1.00 0.28 ? 2  DC  A "H2''" 3 
ATOM   1255 H "H1'"  . DC  A 1 2 ? -3.688  -6.375  8.675   1.00 0.26 ? 2  DC  A "H1'"  3 
ATOM   1256 H H41    . DC  A 1 2 ? 0.600   -6.881  4.021   1.00 0.30 ? 2  DC  A H41    3 
ATOM   1257 H H42    . DC  A 1 2 ? -0.541  -7.572  2.894   1.00 0.32 ? 2  DC  A H42    3 
ATOM   1258 H H5     . DC  A 1 2 ? -2.865  -8.221  3.656   1.00 0.34 ? 2  DC  A H5     3 
ATOM   1259 H H6     . DC  A 1 2 ? -4.421  -8.023  5.452   1.00 0.31 ? 2  DC  A H6     3 
ATOM   1260 P P      . DA  A 1 3 ? -6.654  -4.560  9.738   1.00 0.27 ? 3  DA  A P      3 
ATOM   1261 O OP1    . DA  A 1 3 ? -7.104  -4.315  11.127  1.00 0.35 ? 3  DA  A OP1    3 
ATOM   1262 O OP2    . DA  A 1 3 ? -7.518  -4.164  8.603   1.00 0.45 ? 3  DA  A OP2    3 
ATOM   1263 O "O5'"  . DA  A 1 3 ? -5.219  -3.869  9.525   1.00 0.28 ? 3  DA  A "O5'"  3 
ATOM   1264 C "C5'"  . DA  A 1 3 ? -4.272  -3.725  10.596  1.00 0.23 ? 3  DA  A "C5'"  3 
ATOM   1265 C "C4'"  . DA  A 1 3 ? -3.173  -2.742  10.196  1.00 0.26 ? 3  DA  A "C4'"  3 
ATOM   1266 O "O4'"  . DA  A 1 3 ? -2.342  -3.182  9.125   1.00 0.29 ? 3  DA  A "O4'"  3 
ATOM   1267 C "C3'"  . DA  A 1 3 ? -3.732  -1.390  9.791   1.00 0.30 ? 3  DA  A "C3'"  3 
ATOM   1268 O "O3'"  . DA  A 1 3 ? -3.124  -0.378  10.598  1.00 0.32 ? 3  DA  A "O3'"  3 
ATOM   1269 C "C2'"  . DA  A 1 3 ? -3.400  -1.330  8.312   1.00 0.29 ? 3  DA  A "C2'"  3 
ATOM   1270 C "C1'"  . DA  A 1 3 ? -2.074  -2.056  8.292   1.00 0.27 ? 3  DA  A "C1'"  3 
ATOM   1271 N N9     . DA  A 1 3 ? -1.719  -2.663  7.003   1.00 0.24 ? 3  DA  A N9     3 
ATOM   1272 C C8     . DA  A 1 3 ? -2.511  -3.381  6.152   1.00 0.26 ? 3  DA  A C8     3 
ATOM   1273 N N7     . DA  A 1 3 ? -1.893  -3.836  5.103   1.00 0.26 ? 3  DA  A N7     3 
ATOM   1274 C C5     . DA  A 1 3 ? -0.590  -3.381  5.277   1.00 0.23 ? 3  DA  A C5     3 
ATOM   1275 C C6     . DA  A 1 3 ? 0.569   -3.520  4.516   1.00 0.24 ? 3  DA  A C6     3 
ATOM   1276 N N6     . DA  A 1 3 ? 0.592   -4.209  3.381   1.00 0.27 ? 3  DA  A N6     3 
ATOM   1277 N N1     . DA  A 1 3 ? 1.689   -2.941  4.978   1.00 0.23 ? 3  DA  A N1     3 
ATOM   1278 C C2     . DA  A 1 3 ? 1.658   -2.267  6.127   1.00 0.24 ? 3  DA  A C2     3 
ATOM   1279 N N3     . DA  A 1 3 ? 0.625   -2.071  6.926   1.00 0.23 ? 3  DA  A N3     3 
ATOM   1280 C C4     . DA  A 1 3 ? -0.480  -2.664  6.433   1.00 0.23 ? 3  DA  A C4     3 
ATOM   1281 H "H5'"  . DA  A 1 3 ? -3.825  -4.688  10.845  1.00 0.29 ? 3  DA  A "H5'"  3 
ATOM   1282 H "H5''" . DA  A 1 3 ? -4.786  -3.338  11.475  1.00 0.25 ? 3  DA  A "H5''" 3 
ATOM   1283 H "H4'"  . DA  A 1 3 ? -2.519  -2.507  11.035  1.00 0.29 ? 3  DA  A "H4'"  3 
ATOM   1284 H "H3'"  . DA  A 1 3 ? -4.815  -1.354  9.908   1.00 0.37 ? 3  DA  A "H3'"  3 
ATOM   1285 H "H2'"  . DA  A 1 3 ? -4.153  -1.845  7.715   1.00 0.35 ? 3  DA  A "H2'"  3 
ATOM   1286 H "H2''" . DA  A 1 3 ? -3.322  -0.286  8.009   1.00 0.35 ? 3  DA  A "H2''" 3 
ATOM   1287 H "H1'"  . DA  A 1 3 ? -1.295  -1.379  8.643   1.00 0.30 ? 3  DA  A "H1'"  3 
ATOM   1288 H H8     . DA  A 1 3 ? -3.570  -3.553  6.346   1.00 0.30 ? 3  DA  A H8     3 
ATOM   1289 H H61    . DA  A 1 3 ? 1.457   -4.339  2.870   1.00 0.31 ? 3  DA  A H61    3 
ATOM   1290 H H62    . DA  A 1 3 ? -0.267  -4.606  3.031   1.00 0.35 ? 3  DA  A H62    3 
ATOM   1291 H H2     . DA  A 1 3 ? 2.576   -1.804  6.489   1.00 0.28 ? 3  DA  A H2     3 
ATOM   1292 P P      . DC  A 1 4 ? -3.508  1.185   10.517  1.00 0.40 ? 4  DC  A P      3 
ATOM   1293 O OP1    . DC  A 1 4 ? -3.416  1.763   11.876  1.00 0.49 ? 4  DC  A OP1    3 
ATOM   1294 O OP2    . DC  A 1 4 ? -4.747  1.349   9.723   1.00 0.51 ? 4  DC  A OP2    3 
ATOM   1295 O "O5'"  . DC  A 1 4 ? -2.278  1.728   9.646   1.00 0.41 ? 4  DC  A "O5'"  3 
ATOM   1296 C "C5'"  . DC  A 1 4 ? -0.943  1.674   10.168  1.00 0.40 ? 4  DC  A "C5'"  3 
ATOM   1297 C "C4'"  . DC  A 1 4 ? 0.072   1.885   9.047   1.00 0.36 ? 4  DC  A "C4'"  3 
ATOM   1298 O "O4'"  . DC  A 1 4 ? 0.043   0.897   7.993   1.00 0.32 ? 4  DC  A "O4'"  3 
ATOM   1299 C "C3'"  . DC  A 1 4 ? -0.091  3.233   8.416   1.00 0.35 ? 4  DC  A "C3'"  3 
ATOM   1300 O "O3'"  . DC  A 1 4 ? 1.190   3.845   8.245   1.00 0.32 ? 4  DC  A "O3'"  3 
ATOM   1301 C "C2'"  . DC  A 1 4 ? -0.745  2.805   7.132   1.00 0.30 ? 4  DC  A "C2'"  3 
ATOM   1302 C "C1'"  . DC  A 1 4 ? 0.146   1.605   6.759   1.00 0.25 ? 4  DC  A "C1'"  3 
ATOM   1303 N N1     . DC  A 1 4 ? -0.234  0.783   5.577   1.00 0.23 ? 4  DC  A N1     3 
ATOM   1304 C C2     . DC  A 1 4 ? 0.775   0.381   4.699   1.00 0.21 ? 4  DC  A C2     3 
ATOM   1305 O O2     . DC  A 1 4 ? 1.946   0.736   4.826   1.00 0.23 ? 4  DC  A O2     3 
ATOM   1306 N N3     . DC  A 1 4 ? 0.450   -0.415  3.654   1.00 0.23 ? 4  DC  A N3     3 
ATOM   1307 C C4     . DC  A 1 4 ? -0.810  -0.809  3.460   1.00 0.25 ? 4  DC  A C4     3 
ATOM   1308 N N4     . DC  A 1 4 ? -1.062  -1.600  2.424   1.00 0.31 ? 4  DC  A N4     3 
ATOM   1309 C C5     . DC  A 1 4 ? -1.866  -0.407  4.340   1.00 0.25 ? 4  DC  A C5     3 
ATOM   1310 C C6     . DC  A 1 4 ? -1.524  0.391   5.378   1.00 0.24 ? 4  DC  A C6     3 
ATOM   1311 H "H5'"  . DC  A 1 4 ? -0.765  0.716   10.656  1.00 0.46 ? 4  DC  A "H5'"  3 
ATOM   1312 H "H5''" . DC  A 1 4 ? -0.835  2.475   10.899  1.00 0.47 ? 4  DC  A "H5''" 3 
ATOM   1313 H "H4'"  . DC  A 1 4 ? 1.087   2.079   9.397   1.00 0.38 ? 4  DC  A "H4'"  3 
ATOM   1314 H "H3'"  . DC  A 1 4 ? -0.695  3.833   9.096   1.00 0.39 ? 4  DC  A "H3'"  3 
ATOM   1315 H "H2'"  . DC  A 1 4 ? -1.693  2.430   7.518   1.00 0.34 ? 4  DC  A "H2'"  3 
ATOM   1316 H "H2''" . DC  A 1 4 ? -0.744  3.621   6.409   1.00 0.35 ? 4  DC  A "H2''" 3 
ATOM   1317 H "H1'"  . DC  A 1 4 ? 1.211   1.815   6.657   1.00 0.25 ? 4  DC  A "H1'"  3 
ATOM   1318 H H41    . DC  A 1 4 ? -0.280  -1.915  1.863   1.00 0.32 ? 4  DC  A H41    3 
ATOM   1319 H H42    . DC  A 1 4 ? -2.007  -1.877  2.209   1.00 0.37 ? 4  DC  A H42    3 
ATOM   1320 H H5     . DC  A 1 4 ? -2.889  -0.746  4.191   1.00 0.26 ? 4  DC  A H5     3 
ATOM   1321 H H6     . DC  A 1 4 ? -2.287  0.758   6.063   1.00 0.28 ? 4  DC  A H6     3 
ATOM   1322 P P      . DG  A 1 5 ? 1.327   5.368   7.747   1.00 0.50 ? 5  DG  A P      3 
ATOM   1323 O OP1    . DG  A 1 5 ? 2.207   6.091   8.694   1.00 0.65 ? 5  DG  A OP1    3 
ATOM   1324 O OP2    . DG  A 1 5 ? -0.012  5.908   7.427   1.00 0.87 ? 5  DG  A OP2    3 
ATOM   1325 O "O5'"  . DG  A 1 5 ? 2.108   5.151   6.371   1.00 0.59 ? 5  DG  A "O5'"  3 
ATOM   1326 C "C5'"  . DG  A 1 5 ? 3.529   5.293   6.283   1.00 0.50 ? 5  DG  A "C5'"  3 
ATOM   1327 C "C4'"  . DG  A 1 5 ? 3.927   5.526   4.842   1.00 0.39 ? 5  DG  A "C4'"  3 
ATOM   1328 O "O4'"  . DG  A 1 5 ? 3.640   4.370   4.027   1.00 0.38 ? 5  DG  A "O4'"  3 
ATOM   1329 C "C3'"  . DG  A 1 5 ? 3.201   6.709   4.171   1.00 0.38 ? 5  DG  A "C3'"  3 
ATOM   1330 O "O3'"  . DG  A 1 5 ? 4.038   7.352   3.195   1.00 0.43 ? 5  DG  A "O3'"  3 
ATOM   1331 C "C2'"  . DG  A 1 5 ? 2.060   5.965   3.541   1.00 0.31 ? 5  DG  A "C2'"  3 
ATOM   1332 C "C1'"  . DG  A 1 5 ? 2.818   4.795   2.938   1.00 0.29 ? 5  DG  A "C1'"  3 
ATOM   1333 N N9     . DG  A 1 5 ? 1.936   3.691   2.480   1.00 0.27 ? 5  DG  A N9     3 
ATOM   1334 C C8     . DG  A 1 5 ? 0.749   3.247   3.002   1.00 0.27 ? 5  DG  A C8     3 
ATOM   1335 N N7     . DG  A 1 5 ? 0.222   2.237   2.366   1.00 0.24 ? 5  DG  A N7     3 
ATOM   1336 C C5     . DG  A 1 5 ? 1.128   1.987   1.343   1.00 0.23 ? 5  DG  A C5     3 
ATOM   1337 C C6     . DG  A 1 5 ? 1.111   1.005   0.312   1.00 0.24 ? 5  DG  A C6     3 
ATOM   1338 O O6     . DG  A 1 5 ? 0.284   0.130   0.082   1.00 0.27 ? 5  DG  A O6     3 
ATOM   1339 N N1     . DG  A 1 5 ? 2.220   1.108   -0.504  1.00 0.24 ? 5  DG  A N1     3 
ATOM   1340 C C2     . DG  A 1 5 ? 3.214   2.028   -0.356  1.00 0.24 ? 5  DG  A C2     3 
ATOM   1341 N N2     . DG  A 1 5 ? 4.187   1.968   -1.245  1.00 0.23 ? 5  DG  A N2     3 
ATOM   1342 N N3     . DG  A 1 5 ? 3.236   2.948   0.603   1.00 0.24 ? 5  DG  A N3     3 
ATOM   1343 C C4     . DG  A 1 5 ? 2.170   2.872   1.412   1.00 0.23 ? 5  DG  A C4     3 
ATOM   1344 H "H5'"  . DG  A 1 5 ? 4.029   4.379   6.604   1.00 0.57 ? 5  DG  A "H5'"  3 
ATOM   1345 H "H5''" . DG  A 1 5 ? 3.871   6.119   6.906   1.00 0.55 ? 5  DG  A "H5''" 3 
ATOM   1346 H "H4'"  . DG  A 1 5 ? 4.996   5.743   4.860   1.00 0.44 ? 5  DG  A "H4'"  3 
ATOM   1347 H "H3'"  . DG  A 1 5 ? 2.717   7.457   4.799   1.00 0.44 ? 5  DG  A "H3'"  3 
ATOM   1348 H "H2'"  . DG  A 1 5 ? 1.305   5.686   4.277   1.00 0.33 ? 5  DG  A "H2'"  3 
ATOM   1349 H "H2''" . DG  A 1 5 ? 1.580   6.656   2.848   1.00 0.33 ? 5  DG  A "H2''" 3 
ATOM   1350 H "H1'"  . DG  A 1 5 ? 3.454   5.185   2.143   1.00 0.30 ? 5  DG  A "H1'"  3 
ATOM   1351 H H8     . DG  A 1 5 ? 0.278   3.697   3.877   1.00 0.30 ? 5  DG  A H8     3 
ATOM   1352 H H1     . DG  A 1 5 ? 2.284   0.449   -1.266  1.00 0.26 ? 5  DG  A H1     3 
ATOM   1353 H H21    . DG  A 1 5 ? 4.181   1.191   -1.894  1.00 0.24 ? 5  DG  A H21    3 
ATOM   1354 P P      . DT  A 1 6 ? 3.506   8.681   2.442   1.00 0.48 ? 6  DT  A P      3 
ATOM   1355 O OP1    . DT  A 1 6 ? 3.273   9.707   3.483   1.00 0.55 ? 6  DT  A OP1    3 
ATOM   1356 O OP2    . DT  A 1 6 ? 2.387   8.298   1.552   1.00 0.49 ? 6  DT  A OP2    3 
ATOM   1357 O "O5'"  . DT  A 1 6 ? 4.741   9.202   1.545   1.00 0.61 ? 6  DT  A "O5'"  3 
ATOM   1358 C "C5'"  . DT  A 1 6 ? 5.729   8.401   0.875   1.00 0.56 ? 6  DT  A "C5'"  3 
ATOM   1359 C "C4'"  . DT  A 1 6 ? 5.249   7.722   -0.398  1.00 0.39 ? 6  DT  A "C4'"  3 
ATOM   1360 O "O4'"  . DT  A 1 6 ? 4.292   6.658   -0.223  1.00 0.38 ? 6  DT  A "O4'"  3 
ATOM   1361 C "C3'"  . DT  A 1 6 ? 4.645   8.731   -1.373  1.00 0.32 ? 6  DT  A "C3'"  3 
ATOM   1362 O "O3'"  . DT  A 1 6 ? 5.135   8.429   -2.681  1.00 0.30 ? 6  DT  A "O3'"  3 
ATOM   1363 C "C2'"  . DT  A 1 6 ? 3.165   8.342   -1.252  1.00 0.28 ? 6  DT  A "C2'"  3 
ATOM   1364 C "C1'"  . DT  A 1 6 ? 3.297   6.802   -1.237  1.00 0.25 ? 6  DT  A "C1'"  3 
ATOM   1365 N N1     . DT  A 1 6 ? 2.105   5.968   -0.958  1.00 0.22 ? 6  DT  A N1     3 
ATOM   1366 C C2     . DT  A 1 6 ? 1.996   4.764   -1.630  1.00 0.21 ? 6  DT  A C2     3 
ATOM   1367 O O2     . DT  A 1 6 ? 2.812   4.364   -2.455  1.00 0.24 ? 6  DT  A O2     3 
ATOM   1368 N N3     . DT  A 1 6 ? 0.896   4.013   -1.338  1.00 0.21 ? 6  DT  A N3     3 
ATOM   1369 C C4     . DT  A 1 6 ? -0.102  4.329   -0.453  1.00 0.22 ? 6  DT  A C4     3 
ATOM   1370 O O4     . DT  A 1 6 ? -1.027  3.540   -0.295  1.00 0.25 ? 6  DT  A O4     3 
ATOM   1371 C C5     . DT  A 1 6 ? 0.076   5.602   0.210   1.00 0.25 ? 6  DT  A C5     3 
ATOM   1372 C C7     . DT  A 1 6 ? -0.970  6.083   1.233   1.00 0.31 ? 6  DT  A C7     3 
ATOM   1373 C C6     . DT  A 1 6 ? 1.159   6.361   -0.068  1.00 0.23 ? 6  DT  A C6     3 
ATOM   1374 H "H5'"  . DT  A 1 6 ? 6.091   7.610   1.532   1.00 0.64 ? 6  DT  A "H5'"  3 
ATOM   1375 H "H5''" . DT  A 1 6 ? 6.555   9.063   0.617   1.00 0.61 ? 6  DT  A "H5''" 3 
ATOM   1376 H "H4'"  . DT  A 1 6 ? 6.124   7.299   -0.892  1.00 0.46 ? 6  DT  A "H4'"  3 
ATOM   1377 H "H3'"  . DT  A 1 6 ? 4.895   9.757   -1.106  1.00 0.43 ? 6  DT  A "H3'"  3 
ATOM   1378 H "H2'"  . DT  A 1 6 ? 2.754   8.753   -0.331  1.00 0.39 ? 6  DT  A "H2'"  3 
ATOM   1379 H "H2''" . DT  A 1 6 ? 2.542   8.772   -2.037  1.00 0.31 ? 6  DT  A "H2''" 3 
ATOM   1380 H "H1'"  . DT  A 1 6 ? 3.640   6.398   -2.190  1.00 0.23 ? 6  DT  A "H1'"  3 
ATOM   1381 H H3     . DT  A 1 6 ? 0.827   3.145   -1.847  1.00 0.23 ? 6  DT  A H3     3 
ATOM   1382 H H71    . DT  A 1 6 ? -1.348  7.065   0.953   1.00 0.45 ? 6  DT  A H71    3 
ATOM   1383 H H72    . DT  A 1 6 ? -0.534  6.130   2.230   1.00 0.47 ? 6  DT  A H72    3 
ATOM   1384 H H73    . DT  A 1 6 ? -1.804  5.381   1.264   1.00 0.41 ? 6  DT  A H73    3 
ATOM   1385 H H6     . DT  A 1 6 ? 1.336   7.334   0.388   1.00 0.29 ? 6  DT  A H6     3 
ATOM   1386 P P      . DC  A 1 7 ? 4.767   9.355   -3.946  1.00 0.56 ? 7  DC  A P      3 
ATOM   1387 O OP1    . DC  A 1 7 ? 5.980   10.093  -4.362  1.00 0.73 ? 7  DC  A OP1    3 
ATOM   1388 O OP2    . DC  A 1 7 ? 3.510   10.087  -3.669  1.00 0.76 ? 7  DC  A OP2    3 
ATOM   1389 O "O5'"  . DC  A 1 7 ? 4.431   8.252   -5.047  1.00 0.85 ? 7  DC  A "O5'"  3 
ATOM   1390 C "C5'"  . DC  A 1 7 ? 5.397   7.406   -5.679  1.00 0.70 ? 7  DC  A "C5'"  3 
ATOM   1391 C "C4'"  . DC  A 1 7 ? 4.651   6.444   -6.580  1.00 0.53 ? 7  DC  A "C4'"  3 
ATOM   1392 O "O4'"  . DC  A 1 7 ? 3.683   5.716   -5.797  1.00 0.55 ? 7  DC  A "O4'"  3 
ATOM   1393 C "C3'"  . DC  A 1 7 ? 3.883   7.192   -7.685  1.00 0.41 ? 7  DC  A "C3'"  3 
ATOM   1394 O "O3'"  . DC  A 1 7 ? 3.875   6.467   -8.919  1.00 0.39 ? 7  DC  A "O3'"  3 
ATOM   1395 C "C2'"  . DC  A 1 7 ? 2.454   7.235   -7.104  1.00 0.32 ? 7  DC  A "C2'"  3 
ATOM   1396 C "C1'"  . DC  A 1 7 ? 2.395   5.847   -6.408  1.00 0.38 ? 7  DC  A "C1'"  3 
ATOM   1397 N N1     . DC  A 1 7 ? 1.323   5.822   -5.374  1.00 0.35 ? 7  DC  A N1     3 
ATOM   1398 C C2     . DC  A 1 7 ? 0.330   4.865   -5.507  1.00 0.36 ? 7  DC  A C2     3 
ATOM   1399 O O2     . DC  A 1 7 ? 0.313   4.081   -6.451  1.00 0.42 ? 7  DC  A O2     3 
ATOM   1400 N N3     . DC  A 1 7 ? -0.648  4.805   -4.575  1.00 0.35 ? 7  DC  A N3     3 
ATOM   1401 C C4     . DC  A 1 7 ? -0.666  5.644   -3.544  1.00 0.33 ? 7  DC  A C4     3 
ATOM   1402 N N4     . DC  A 1 7 ? -1.652  5.544   -2.660  1.00 0.35 ? 7  DC  A N4     3 
ATOM   1403 C C5     . DC  A 1 7 ? 0.340   6.637   -3.380  1.00 0.35 ? 7  DC  A C5     3 
ATOM   1404 C C6     . DC  A 1 7 ? 1.315   6.696   -4.316  1.00 0.36 ? 7  DC  A C6     3 
ATOM   1405 H "H5'"  . DC  A 1 7 ? 5.960   6.824   -4.947  1.00 0.93 ? 7  DC  A "H5'"  3 
ATOM   1406 H "H5''" . DC  A 1 7 ? 6.078   8.005   -6.282  1.00 0.67 ? 7  DC  A "H5''" 3 
ATOM   1407 H "H4'"  . DC  A 1 7 ? 5.367   5.766   -7.044  1.00 0.59 ? 7  DC  A "H4'"  3 
ATOM   1408 H "H3'"  . DC  A 1 7 ? 4.391   8.137   -7.877  1.00 0.47 ? 7  DC  A "H3'"  3 
ATOM   1409 H "H2'"  . DC  A 1 7 ? 2.340   8.060   -6.404  1.00 0.37 ? 7  DC  A "H2'"  3 
ATOM   1410 H "H2''" . DC  A 1 7 ? 1.712   7.283   -7.902  1.00 0.28 ? 7  DC  A "H2''" 3 
ATOM   1411 H "H1'"  . DC  A 1 7 ? 2.245   4.981   -7.052  1.00 0.42 ? 7  DC  A "H1'"  3 
ATOM   1412 H H41    . DC  A 1 7 ? -2.308  4.778   -2.736  1.00 0.38 ? 7  DC  A H41    3 
ATOM   1413 H H42    . DC  A 1 7 ? -1.751  6.225   -1.923  1.00 0.43 ? 7  DC  A H42    3 
ATOM   1414 H H5     . DC  A 1 7 ? 0.296   7.287   -2.506  1.00 0.39 ? 7  DC  A H5     3 
ATOM   1415 H H6     . DC  A 1 7 ? 2.093   7.455   -4.239  1.00 0.39 ? 7  DC  A H6     3 
ATOM   1416 P P      . DI  A 1 8 ? 3.295   7.143   -10.270 1.00 0.29 ? 8  DI  A P      3 
ATOM   1417 O OP1    . DI  A 1 8 ? 3.975   6.501   -11.418 1.00 0.34 ? 8  DI  A OP1    3 
ATOM   1418 O OP2    . DI  A 1 8 ? 3.341   8.616   -10.126 1.00 0.41 ? 8  DI  A OP2    3 
ATOM   1419 O "O5'"  . DI  A 1 8 ? 1.743   6.699   -10.268 1.00 0.32 ? 8  DI  A "O5'"  3 
ATOM   1420 C "C5'"  . DI  A 1 8 ? 1.345   5.471   -10.890 1.00 0.43 ? 8  DI  A "C5'"  3 
ATOM   1421 C "C4'"  . DI  A 1 8 ? -0.165  5.287   -10.952 1.00 0.44 ? 8  DI  A "C4'"  3 
ATOM   1422 O "O4'"  . DI  A 1 8 ? -0.792  5.069   -9.684  1.00 0.43 ? 8  DI  A "O4'"  3 
ATOM   1423 C "C3'"  . DI  A 1 8 ? -0.937  6.417   -11.635 1.00 0.38 ? 8  DI  A "C3'"  3 
ATOM   1424 O "O3'"  . DI  A 1 8 ? -1.720  5.849   -12.692 1.00 0.53 ? 8  DI  A "O3'"  3 
ATOM   1425 C "C2'"  . DI  A 1 8 ? -1.780  6.968   -10.487 1.00 0.36 ? 8  DI  A "C2'"  3 
ATOM   1426 C "C1'"  . DI  A 1 8 ? -2.076  5.694   -9.713  1.00 0.37 ? 8  DI  A "C1'"  3 
ATOM   1427 N N9     . DI  A 1 8 ? -2.447  5.924   -8.309  1.00 0.32 ? 8  DI  A N9     3 
ATOM   1428 C C8     . DI  A 1 8 ? -1.908  6.775   -7.381  1.00 0.30 ? 8  DI  A C8     3 
ATOM   1429 N N7     . DI  A 1 8 ? -2.459  6.701   -6.204  1.00 0.30 ? 8  DI  A N7     3 
ATOM   1430 C C5     . DI  A 1 8 ? -3.439  5.728   -6.371  1.00 0.30 ? 8  DI  A C5     3 
ATOM   1431 C C6     . DI  A 1 8 ? -4.373  5.204   -5.455  1.00 0.31 ? 8  DI  A C6     3 
ATOM   1432 O O6     . DI  A 1 8 ? -4.562  5.454   -4.268  1.00 0.34 ? 8  DI  A O6     3 
ATOM   1433 N N1     . DI  A 1 8 ? -5.155  4.256   -6.053  1.00 0.33 ? 8  DI  A N1     3 
ATOM   1434 C C2     . DI  A 1 8 ? -5.096  3.823   -7.351  1.00 0.33 ? 8  DI  A C2     3 
ATOM   1435 N N3     . DI  A 1 8 ? -4.226  4.309   -8.214  1.00 0.33 ? 8  DI  A N3     3 
ATOM   1436 C C4     . DI  A 1 8 ? -3.434  5.253   -7.656  1.00 0.30 ? 8  DI  A C4     3 
ATOM   1437 H "H5'"  . DI  A 1 8 ? 1.754   4.631   -10.328 1.00 0.55 ? 8  DI  A "H5'"  3 
ATOM   1438 H "H5''" . DI  A 1 8 ? 1.735   5.447   -11.907 1.00 0.52 ? 8  DI  A "H5''" 3 
ATOM   1439 H "H4'"  . DI  A 1 8 ? -0.323  4.424   -11.599 1.00 0.53 ? 8  DI  A "H4'"  3 
ATOM   1440 H "H3'"  . DI  A 1 8 ? -0.270  7.189   -12.020 1.00 0.38 ? 8  DI  A "H3'"  3 
ATOM   1441 H "H2'"  . DI  A 1 8 ? -1.174  7.666   -9.909  1.00 0.33 ? 8  DI  A "H2'"  3 
ATOM   1442 H "H2''" . DI  A 1 8 ? -2.701  7.434   -10.839 1.00 0.42 ? 8  DI  A "H2''" 3 
ATOM   1443 H "H1'"  . DI  A 1 8 ? -2.862  5.114   -10.195 1.00 0.40 ? 8  DI  A "H1'"  3 
ATOM   1444 H H8     . DI  A 1 8 ? -1.091  7.463   -7.601  1.00 0.31 ? 8  DI  A H8     3 
ATOM   1445 H H1     . DI  A 1 8 ? -5.836  3.850   -5.437  1.00 0.36 ? 8  DI  A H1     3 
ATOM   1446 H H2     . DI  A 1 8 ? -5.803  3.051   -7.655  1.00 0.37 ? 8  DI  A H2     3 
ATOM   1447 P P      . DT  A 1 9 ? -2.447  6.728   -13.833 1.00 0.59 ? 9  DT  A P      3 
ATOM   1448 O OP1    . DT  A 1 9 ? -2.377  5.979   -15.106 1.00 0.87 ? 9  DT  A OP1    3 
ATOM   1449 O OP2    . DT  A 1 9 ? -1.950  8.122   -13.767 1.00 0.68 ? 9  DT  A OP2    3 
ATOM   1450 O "O5'"  . DT  A 1 9 ? -3.974  6.724   -13.328 1.00 0.50 ? 9  DT  A "O5'"  3 
ATOM   1451 C "C5'"  . DT  A 1 9 ? -4.818  5.573   -13.489 1.00 0.46 ? 9  DT  A "C5'"  3 
ATOM   1452 C "C4'"  . DT  A 1 9 ? -6.058  5.690   -12.609 1.00 0.42 ? 9  DT  A "C4'"  3 
ATOM   1453 O "O4'"  . DT  A 1 9 ? -5.721  5.827   -11.232 1.00 0.43 ? 9  DT  A "O4'"  3 
ATOM   1454 C "C3'"  . DT  A 1 9 ? -6.828  6.978   -12.879 1.00 0.42 ? 9  DT  A "C3'"  3 
ATOM   1455 O "O3'"  . DT  A 1 9 ? -7.728  6.844   -13.981 1.00 0.47 ? 9  DT  A "O3'"  3 
ATOM   1456 C "C2'"  . DT  A 1 9 ? -7.583  7.233   -11.541 1.00 0.39 ? 9  DT  A "C2'"  3 
ATOM   1457 C "C1'"  . DT  A 1 9 ? -6.957  6.181   -10.614 1.00 0.39 ? 9  DT  A "C1'"  3 
ATOM   1458 N N1     . DT  A 1 9 ? -6.673  6.708   -9.261  1.00 0.39 ? 9  DT  A N1     3 
ATOM   1459 C C2     . DT  A 1 9 ? -7.388  6.198   -8.190  1.00 0.39 ? 9  DT  A C2     3 
ATOM   1460 O O2     . DT  A 1 9 ? -8.252  5.334   -8.299  1.00 0.41 ? 9  DT  A O2     3 
ATOM   1461 N N3     . DT  A 1 9 ? -7.077  6.719   -6.961  1.00 0.43 ? 9  DT  A N3     3 
ATOM   1462 C C4     . DT  A 1 9 ? -6.135  7.684   -6.701  1.00 0.46 ? 9  DT  A C4     3 
ATOM   1463 O O4     . DT  A 1 9 ? -5.967  8.047   -5.543  1.00 0.49 ? 9  DT  A O4     3 
ATOM   1464 C C5     . DT  A 1 9 ? -5.430  8.170   -7.864  1.00 0.45 ? 9  DT  A C5     3 
ATOM   1465 C C7     . DT  A 1 9 ? -4.353  9.256   -7.704  1.00 0.51 ? 9  DT  A C7     3 
ATOM   1466 C C6     . DT  A 1 9 ? -5.718  7.674   -9.085  1.00 0.43 ? 9  DT  A C6     3 
ATOM   1467 H "H5'"  . DT  A 1 9 ? -4.274  4.666   -13.223 1.00 0.56 ? 9  DT  A "H5'"  3 
ATOM   1468 H "H5''" . DT  A 1 9 ? -5.122  5.517   -14.533 1.00 0.43 ? 9  DT  A "H5''" 3 
ATOM   1469 H "H4'"  . DT  A 1 9 ? -6.697  4.834   -12.832 1.00 0.45 ? 9  DT  A "H4'"  3 
ATOM   1470 H "H3'"  . DT  A 1 9 ? -6.057  7.721   -13.083 1.00 0.54 ? 9  DT  A "H3'"  3 
ATOM   1471 H "HO3'" . DT  A 1 9 ? -7.199  6.653   -14.759 1.00 0.60 ? 9  DT  A "HO3'" 3 
ATOM   1472 H "H2'"  . DT  A 1 9 ? -7.424  8.229   -11.125 1.00 0.43 ? 9  DT  A "H2'"  3 
ATOM   1473 H "H2''" . DT  A 1 9 ? -8.659  7.091   -11.636 1.00 0.43 ? 9  DT  A "H2''" 3 
ATOM   1474 H "H1'"  . DT  A 1 9 ? -7.633  5.328   -10.559 1.00 0.43 ? 9  DT  A "H1'"  3 
ATOM   1475 H H3     . DT  A 1 9 ? -7.586  6.356   -6.167  1.00 0.49 ? 9  DT  A H3     3 
ATOM   1476 H H71    . DT  A 1 9 ? -3.402  8.911   -8.109  1.00 0.67 ? 9  DT  A H71    3 
ATOM   1477 H H72    . DT  A 1 9 ? -4.223  9.486   -6.645  1.00 0.65 ? 9  DT  A H72    3 
ATOM   1478 H H73    . DT  A 1 9 ? -4.661  10.164  -8.225  1.00 0.66 ? 9  DT  A H73    3 
ATOM   1479 H H6     . DT  A 1 9 ? -5.192  8.031   -9.971  1.00 0.46 ? 9  DT  A H6     3 
ATOM   1480 O "O5'"  . DA  B 2 1 ? -14.146 3.763   2.020   1.00 0.99 ? 10 DA  B "O5'"  3 
ATOM   1481 C "C5'"  . DA  B 2 1 ? -14.664 3.611   0.695   1.00 0.89 ? 10 DA  B "C5'"  3 
ATOM   1482 C "C4'"  . DA  B 2 1 ? -13.524 3.343   -0.285  1.00 0.62 ? 10 DA  B "C4'"  3 
ATOM   1483 O "O4'"  . DA  B 2 1 ? -12.586 4.418   -0.345  1.00 0.59 ? 10 DA  B "O4'"  3 
ATOM   1484 C "C3'"  . DA  B 2 1 ? -12.747 2.064   0.023   1.00 0.53 ? 10 DA  B "C3'"  3 
ATOM   1485 O "O3'"  . DA  B 2 1 ? -13.115 1.149   -1.023  1.00 0.54 ? 10 DA  B "O3'"  3 
ATOM   1486 C "C2'"  . DA  B 2 1 ? -11.306 2.595   -0.095  1.00 0.47 ? 10 DA  B "C2'"  3 
ATOM   1487 C "C1'"  . DA  B 2 1 ? -11.499 3.789   -0.997  1.00 0.47 ? 10 DA  B "C1'"  3 
ATOM   1488 N N9     . DA  B 2 1 ? -10.391 4.691   -1.298  1.00 0.47 ? 10 DA  B N9     3 
ATOM   1489 C C8     . DA  B 2 1 ? -9.729  5.424   -0.409  1.00 0.55 ? 10 DA  B C8     3 
ATOM   1490 N N7     . DA  B 2 1 ? -8.777  6.169   -0.891  1.00 0.55 ? 10 DA  B N7     3 
ATOM   1491 C C5     . DA  B 2 1 ? -8.830  5.884   -2.253  1.00 0.48 ? 10 DA  B C5     3 
ATOM   1492 C C6     . DA  B 2 1 ? -8.090  6.339   -3.349  1.00 0.47 ? 10 DA  B C6     3 
ATOM   1493 N N6     . DA  B 2 1 ? -7.104  7.219   -3.232  1.00 0.54 ? 10 DA  B N6     3 
ATOM   1494 N N1     . DA  B 2 1 ? -8.405  5.855   -4.559  1.00 0.44 ? 10 DA  B N1     3 
ATOM   1495 C C2     . DA  B 2 1 ? -9.393  4.975   -4.673  1.00 0.41 ? 10 DA  B C2     3 
ATOM   1496 N N3     . DA  B 2 1 ? -10.162 4.471   -3.719  1.00 0.40 ? 10 DA  B N3     3 
ATOM   1497 C C4     . DA  B 2 1 ? -9.819  4.977   -2.514  1.00 0.43 ? 10 DA  B C4     3 
ATOM   1498 H "H5'"  . DA  B 2 1 ? -15.165 4.537   0.411   1.00 1.04 ? 10 DA  B "H5'"  3 
ATOM   1499 H "H5''" . DA  B 2 1 ? -15.375 2.786   0.673   1.00 0.96 ? 10 DA  B "H5''" 3 
ATOM   1500 H "H4'"  . DA  B 2 1 ? -13.824 3.167   -1.318  1.00 0.60 ? 10 DA  B "H4'"  3 
ATOM   1501 H "H3'"  . DA  B 2 1 ? -12.998 1.668   1.008   1.00 0.55 ? 10 DA  B "H3'"  3 
ATOM   1502 H "H2'"  . DA  B 2 1 ? -10.952 2.847   0.904   1.00 0.52 ? 10 DA  B "H2'"  3 
ATOM   1503 H "H2''" . DA  B 2 1 ? -10.638 1.909   -0.615  1.00 0.46 ? 10 DA  B "H2''" 3 
ATOM   1504 H "H1'"  . DA  B 2 1 ? -11.721 3.360   -1.974  1.00 0.43 ? 10 DA  B "H1'"  3 
ATOM   1505 H H8     . DA  B 2 1 ? -10.101 5.295   0.607   1.00 0.60 ? 10 DA  B H8     3 
ATOM   1506 H H61    . DA  B 2 1 ? -6.602  7.525   -4.057  1.00 0.58 ? 10 DA  B H61    3 
ATOM   1507 H H62    . DA  B 2 1 ? -6.860  7.580   -2.325  1.00 0.62 ? 10 DA  B H62    3 
ATOM   1508 H H2     . DA  B 2 1 ? -9.596  4.627   -5.687  1.00 0.43 ? 10 DA  B H2     3 
ATOM   1509 H "HO5'" . DA  B 2 1 ? -13.421 4.388   1.951   1.00 1.04 ? 10 DA  B "HO5'" 3 
ATOM   1510 P P      . DC  B 2 2 ? -12.359 -0.221  -1.429  1.00 0.46 ? 11 DC  B P      3 
ATOM   1511 O OP1    . DC  B 2 2 ? -13.383 -1.281  -1.566  1.00 0.66 ? 11 DC  B OP1    3 
ATOM   1512 O OP2    . DC  B 2 2 ? -11.207 -0.422  -0.522  1.00 0.44 ? 11 DC  B OP2    3 
ATOM   1513 O "O5'"  . DC  B 2 2 ? -11.788 0.132   -2.891  1.00 0.39 ? 11 DC  B "O5'"  3 
ATOM   1514 C "C5'"  . DC  B 2 2 ? -12.650 0.262   -4.040  1.00 0.38 ? 11 DC  B "C5'"  3 
ATOM   1515 C "C4'"  . DC  B 2 2 ? -11.817 0.312   -5.324  1.00 0.30 ? 11 DC  B "C4'"  3 
ATOM   1516 O "O4'"  . DC  B 2 2 ? -10.888 1.389   -5.237  1.00 0.31 ? 11 DC  B "O4'"  3 
ATOM   1517 C "C3'"  . DC  B 2 2 ? -11.030 -0.985  -5.530  1.00 0.31 ? 11 DC  B "C3'"  3 
ATOM   1518 O "O3'"  . DC  B 2 2 ? -11.054 -1.448  -6.882  1.00 0.44 ? 11 DC  B "O3'"  3 
ATOM   1519 C "C2'"  . DC  B 2 2 ? -9.622  -0.593  -5.139  1.00 0.27 ? 11 DC  B "C2'"  3 
ATOM   1520 C "C1'"  . DC  B 2 2 ? -9.596  0.892   -5.550  1.00 0.28 ? 11 DC  B "C1'"  3 
ATOM   1521 N N1     . DC  B 2 2 ? -8.680  1.643   -4.660  1.00 0.24 ? 11 DC  B N1     3 
ATOM   1522 C C2     . DC  B 2 2 ? -7.663  2.357   -5.239  1.00 0.33 ? 11 DC  B C2     3 
ATOM   1523 O O2     . DC  B 2 2 ? -7.483  2.364   -6.454  1.00 0.41 ? 11 DC  B O2     3 
ATOM   1524 N N3     . DC  B 2 2 ? -6.846  3.064   -4.422  1.00 0.36 ? 11 DC  B N3     3 
ATOM   1525 C C4     . DC  B 2 2 ? -6.993  3.088   -3.103  1.00 0.29 ? 11 DC  B C4     3 
ATOM   1526 N N4     . DC  B 2 2 ? -6.147  3.826   -2.388  1.00 0.37 ? 11 DC  B N4     3 
ATOM   1527 C C5     . DC  B 2 2 ? -8.042  2.350   -2.484  1.00 0.23 ? 11 DC  B C5     3 
ATOM   1528 C C6     . DC  B 2 2 ? -8.855  1.648   -3.300  1.00 0.22 ? 11 DC  B C6     3 
ATOM   1529 H "H5'"  . DC  B 2 2 ? -13.231 1.181   -3.959  1.00 0.52 ? 11 DC  B "H5'"  3 
ATOM   1530 H "H5''" . DC  B 2 2 ? -13.324 -0.592  -4.080  1.00 0.47 ? 11 DC  B "H5''" 3 
ATOM   1531 H "H4'"  . DC  B 2 2 ? -12.386 0.479   -6.240  1.00 0.36 ? 11 DC  B "H4'"  3 
ATOM   1532 H "H3'"  . DC  B 2 2 ? -11.435 -1.764  -4.883  1.00 0.43 ? 11 DC  B "H3'"  3 
ATOM   1533 H "H2'"  . DC  B 2 2 ? -9.554  -0.762  -4.065  1.00 0.31 ? 11 DC  B "H2'"  3 
ATOM   1534 H "H2''" . DC  B 2 2 ? -8.902  -1.144  -5.744  1.00 0.32 ? 11 DC  B "H2''" 3 
ATOM   1535 H "H1'"  . DC  B 2 2 ? -9.402  1.081   -6.606  1.00 0.32 ? 11 DC  B "H1'"  3 
ATOM   1536 H H41    . DC  B 2 2 ? -5.440  4.375   -2.865  1.00 0.39 ? 11 DC  B H41    3 
ATOM   1537 H H42    . DC  B 2 2 ? -6.210  3.836   -1.382  1.00 0.45 ? 11 DC  B H42    3 
ATOM   1538 H H5     . DC  B 2 2 ? -8.186  2.352   -1.403  1.00 0.28 ? 11 DC  B H5     3 
ATOM   1539 H H6     . DC  B 2 2 ? -9.673  1.067   -2.873  1.00 0.27 ? 11 DC  B H6     3 
ATOM   1540 P P      . DG  B 2 3 ? -10.577 -2.956  -7.208  1.00 0.61 ? 12 DG  B P      3 
ATOM   1541 O OP1    . DG  B 2 3 ? -10.963 -3.257  -8.606  1.00 0.83 ? 12 DG  B OP1    3 
ATOM   1542 O OP2    . DG  B 2 3 ? -11.032 -3.847  -6.115  1.00 0.77 ? 12 DG  B OP2    3 
ATOM   1543 O "O5'"  . DG  B 2 3 ? -8.968  -2.853  -7.124  1.00 0.47 ? 12 DG  B "O5'"  3 
ATOM   1544 C "C5'"  . DG  B 2 3 ? -8.228  -2.384  -8.257  1.00 0.49 ? 12 DG  B "C5'"  3 
ATOM   1545 C "C4'"  . DG  B 2 3 ? -6.781  -2.042  -7.953  1.00 0.40 ? 12 DG  B "C4'"  3 
ATOM   1546 O "O4'"  . DG  B 2 3 ? -6.600  -0.886  -7.107  1.00 0.36 ? 12 DG  B "O4'"  3 
ATOM   1547 C "C3'"  . DG  B 2 3 ? -5.892  -3.153  -7.364  1.00 0.33 ? 12 DG  B "C3'"  3 
ATOM   1548 O "O3'"  . DG  B 2 3 ? -4.839  -3.444  -8.304  1.00 0.32 ? 12 DG  B "O3'"  3 
ATOM   1549 C "C2'"  . DG  B 2 3 ? -5.446  -2.503  -6.068  1.00 0.32 ? 12 DG  B "C2'"  3 
ATOM   1550 C "C1'"  . DG  B 2 3 ? -5.340  -1.082  -6.463  1.00 0.32 ? 12 DG  B "C1'"  3 
ATOM   1551 N N9     . DG  B 2 3 ? -5.042  -0.188  -5.339  1.00 0.30 ? 12 DG  B N9     3 
ATOM   1552 C C8     . DG  B 2 3 ? -5.572  -0.130  -4.084  1.00 0.33 ? 12 DG  B C8     3 
ATOM   1553 N N7     . DG  B 2 3 ? -5.066  0.810   -3.333  1.00 0.32 ? 12 DG  B N7     3 
ATOM   1554 C C5     . DG  B 2 3 ? -4.124  1.413   -4.165  1.00 0.29 ? 12 DG  B C5     3 
ATOM   1555 C C6     . DG  B 2 3 ? -3.242  2.497   -3.932  1.00 0.31 ? 12 DG  B C6     3 
ATOM   1556 O O6     . DG  B 2 3 ? -3.099  3.190   -2.930  1.00 0.35 ? 12 DG  B O6     3 
ATOM   1557 N N1     . DG  B 2 3 ? -2.471  2.769   -5.039  1.00 0.36 ? 12 DG  B N1     3 
ATOM   1558 C C2     . DG  B 2 3 ? -2.528  2.093   -6.231  1.00 0.38 ? 12 DG  B C2     3 
ATOM   1559 N N2     . DG  B 2 3 ? -1.705  2.471   -7.191  1.00 0.46 ? 12 DG  B N2     3 
ATOM   1560 N N3     . DG  B 2 3 ? -3.348  1.083   -6.463  1.00 0.36 ? 12 DG  B N3     3 
ATOM   1561 C C4     . DG  B 2 3 ? -4.112  0.801   -5.388  1.00 0.31 ? 12 DG  B C4     3 
ATOM   1562 H "H5'"  . DG  B 2 3 ? -8.683  -1.465  -8.625  1.00 0.60 ? 12 DG  B "H5'"  3 
ATOM   1563 H "H5''" . DG  B 2 3 ? -8.245  -3.135  -9.046  1.00 0.49 ? 12 DG  B "H5''" 3 
ATOM   1564 H "H4'"  . DG  B 2 3 ? -6.390  -1.870  -8.956  1.00 0.48 ? 12 DG  B "H4'"  3 
ATOM   1565 H "H3'"  . DG  B 2 3 ? -6.413  -4.058  -7.055  1.00 0.43 ? 12 DG  B "H3'"  3 
ATOM   1566 H "H2'"  . DG  B 2 3 ? -6.165  -2.635  -5.260  1.00 0.34 ? 12 DG  B "H2'"  3 
ATOM   1567 H "H2''" . DG  B 2 3 ? -4.509  -2.893  -5.671  1.00 0.36 ? 12 DG  B "H2''" 3 
ATOM   1568 H "H1'"  . DG  B 2 3 ? -4.465  -1.050  -7.112  1.00 0.37 ? 12 DG  B "H1'"  3 
ATOM   1569 H H8     . DG  B 2 3 ? -6.337  -0.831  -3.747  1.00 0.36 ? 12 DG  B H8     3 
ATOM   1570 H H1     . DG  B 2 3 ? -1.819  3.532   -4.926  1.00 0.40 ? 12 DG  B H1     3 
ATOM   1571 H H21    . DG  B 2 3 ? -1.068  3.241   -7.048  1.00 0.52 ? 12 DG  B H21    3 
ATOM   1572 H H22    . DG  B 2 3 ? -1.729  1.966   -8.063  1.00 0.58 ? 12 DG  B H22    3 
ATOM   1573 P P      . DA  B 2 4 ? -3.291  -3.751  -7.956  1.00 0.39 ? 13 DA  B P      3 
ATOM   1574 O OP1    . DA  B 2 4 ? -2.700  -4.471  -9.107  1.00 0.52 ? 13 DA  B OP1    3 
ATOM   1575 O OP2    . DA  B 2 4 ? -3.209  -4.335  -6.599  1.00 0.55 ? 13 DA  B OP2    3 
ATOM   1576 O "O5'"  . DA  B 2 4 ? -2.680  -2.258  -7.898  1.00 0.37 ? 13 DA  B "O5'"  3 
ATOM   1577 C "C5'"  . DA  B 2 4 ? -2.162  -1.604  -9.069  1.00 0.34 ? 13 DA  B "C5'"  3 
ATOM   1578 C "C4'"  . DA  B 2 4 ? -0.648  -1.445  -8.991  1.00 0.24 ? 13 DA  B "C4'"  3 
ATOM   1579 O "O4'"  . DA  B 2 4 ? -0.176  -0.542  -7.982  1.00 0.30 ? 13 DA  B "O4'"  3 
ATOM   1580 C "C3'"  . DA  B 2 4 ? 0.133   -2.736  -8.756  1.00 0.21 ? 13 DA  B "C3'"  3 
ATOM   1581 O "O3'"  . DA  B 2 4 ? 1.349   -2.677  -9.511  1.00 0.27 ? 13 DA  B "O3'"  3 
ATOM   1582 C "C2'"  . DA  B 2 4 ? 0.317   -2.745  -7.268  1.00 0.20 ? 13 DA  B "C2'"  3 
ATOM   1583 C "C1'"  . DA  B 2 4 ? 0.458   -1.276  -6.920  1.00 0.20 ? 13 DA  B "C1'"  3 
ATOM   1584 N N9     . DA  B 2 4 ? -0.264  -0.889  -5.701  1.00 0.17 ? 13 DA  B N9     3 
ATOM   1585 C C8     . DA  B 2 4 ? -1.456  -1.317  -5.168  1.00 0.19 ? 13 DA  B C8     3 
ATOM   1586 N N7     . DA  B 2 4 ? -1.787  -0.703  -4.066  1.00 0.20 ? 13 DA  B N7     3 
ATOM   1587 C C5     . DA  B 2 4 ? -0.737  0.186   -3.865  1.00 0.19 ? 13 DA  B C5     3 
ATOM   1588 C C6     . DA  B 2 4 ? -0.471  1.130   -2.875  1.00 0.21 ? 13 DA  B C6     3 
ATOM   1589 N N6     . DA  B 2 4 ? -1.305  1.355   -1.867  1.00 0.23 ? 13 DA  B N6     3 
ATOM   1590 N N1     . DA  B 2 4 ? 0.665   1.834   -2.985  1.00 0.20 ? 13 DA  B N1     3 
ATOM   1591 C C2     . DA  B 2 4 ? 1.483   1.618   -4.013  1.00 0.20 ? 13 DA  B C2     3 
ATOM   1592 N N3     . DA  B 2 4 ? 1.334   0.761   -4.998  1.00 0.20 ? 13 DA  B N3     3 
ATOM   1593 C C4     . DA  B 2 4 ? 0.188   0.071   -4.856  1.00 0.18 ? 13 DA  B C4     3 
ATOM   1594 H "H5'"  . DA  B 2 4 ? -2.590  -0.608  -9.178  1.00 0.46 ? 13 DA  B "H5'"  3 
ATOM   1595 H "H5''" . DA  B 2 4 ? -2.397  -2.173  -9.969  1.00 0.41 ? 13 DA  B "H5''" 3 
ATOM   1596 H "H4'"  . DA  B 2 4 ? -0.354  -1.044  -9.961  1.00 0.33 ? 13 DA  B "H4'"  3 
ATOM   1597 H "H3'"  . DA  B 2 4 ? -0.427  -3.660  -8.905  1.00 0.25 ? 13 DA  B "H3'"  3 
ATOM   1598 H "H2'"  . DA  B 2 4 ? -0.516  -3.287  -6.822  1.00 0.24 ? 13 DA  B "H2'"  3 
ATOM   1599 H "H2''" . DA  B 2 4 ? 1.233   -3.291  -7.046  1.00 0.29 ? 13 DA  B "H2''" 3 
ATOM   1600 H "H1'"  . DA  B 2 4 ? 1.504   -1.042  -6.729  1.00 0.22 ? 13 DA  B "H1'"  3 
ATOM   1601 H H8     . DA  B 2 4 ? -2.084  -2.099  -5.597  1.00 0.22 ? 13 DA  B H8     3 
ATOM   1602 H H61    . DA  B 2 4 ? -1.066  1.993   -1.118  1.00 0.27 ? 13 DA  B H61    3 
ATOM   1603 H H62    . DA  B 2 4 ? -2.194  0.881   -1.861  1.00 0.31 ? 13 DA  B H62    3 
ATOM   1604 H H2     . DA  B 2 4 ? 2.406   2.193   -4.088  1.00 0.24 ? 13 DA  B H2     3 
ATOM   1605 P P      . DC  B 2 5 ? 2.405   -3.886  -9.634  1.00 0.28 ? 14 DC  B P      3 
ATOM   1606 O OP1    . DC  B 2 5 ? 3.113   -3.742  -10.927 1.00 0.46 ? 14 DC  B OP1    3 
ATOM   1607 O OP2    . DC  B 2 5 ? 1.721   -5.158  -9.307  1.00 0.39 ? 14 DC  B OP2    3 
ATOM   1608 O "O5'"  . DC  B 2 5 ? 3.432   -3.555  -8.444  1.00 0.27 ? 14 DC  B "O5'"  3 
ATOM   1609 C "C5'"  . DC  B 2 5 ? 4.392   -2.486  -8.515  1.00 0.28 ? 14 DC  B "C5'"  3 
ATOM   1610 C "C4'"  . DC  B 2 5 ? 4.933   -2.174  -7.115  1.00 0.23 ? 14 DC  B "C4'"  3 
ATOM   1611 O "O4'"  . DC  B 2 5 ? 3.844   -1.839  -6.242  1.00 0.19 ? 14 DC  B "O4'"  3 
ATOM   1612 C "C3'"  . DC  B 2 5 ? 5.489   -3.460  -6.502  1.00 0.22 ? 14 DC  B "C3'"  3 
ATOM   1613 O "O3'"  . DC  B 2 5 ? 6.887   -3.708  -6.748  1.00 0.26 ? 14 DC  B "O3'"  3 
ATOM   1614 C "C2'"  . DC  B 2 5 ? 5.211   -3.268  -4.990  1.00 0.18 ? 14 DC  B "C2'"  3 
ATOM   1615 C "C1'"  . DC  B 2 5 ? 4.306   -2.007  -4.898  1.00 0.20 ? 14 DC  B "C1'"  3 
ATOM   1616 N N1     . DC  B 2 5 ? 3.123   -2.071  -4.024  1.00 0.17 ? 14 DC  B N1     3 
ATOM   1617 C C2     . DC  B 2 5 ? 2.943   -1.064  -3.080  1.00 0.19 ? 14 DC  B C2     3 
ATOM   1618 O O2     . DC  B 2 5 ? 3.767   -0.169  -2.904  1.00 0.23 ? 14 DC  B O2     3 
ATOM   1619 N N3     . DC  B 2 5 ? 1.824   -1.073  -2.328  1.00 0.19 ? 14 DC  B N3     3 
ATOM   1620 C C4     . DC  B 2 5 ? 0.909   -2.024  -2.489  1.00 0.19 ? 14 DC  B C4     3 
ATOM   1621 N N4     . DC  B 2 5 ? -0.164  -1.955  -1.711  1.00 0.22 ? 14 DC  B N4     3 
ATOM   1622 C C5     . DC  B 2 5 ? 1.079   -3.070  -3.457  1.00 0.17 ? 14 DC  B C5     3 
ATOM   1623 C C6     . DC  B 2 5 ? 2.207   -3.051  -4.190  1.00 0.16 ? 14 DC  B C6     3 
ATOM   1624 H "H5'"  . DC  B 2 5 ? 3.943   -1.597  -8.957  1.00 0.31 ? 14 DC  B "H5'"  3 
ATOM   1625 H "H5''" . DC  B 2 5 ? 5.219   -2.821  -9.143  1.00 0.36 ? 14 DC  B "H5''" 3 
ATOM   1626 H "H4'"  . DC  B 2 5 ? 5.704   -1.406  -7.168  1.00 0.33 ? 14 DC  B "H4'"  3 
ATOM   1627 H "H3'"  . DC  B 2 5 ? 4.947   -4.304  -6.930  1.00 0.21 ? 14 DC  B "H3'"  3 
ATOM   1628 H "H2'"  . DC  B 2 5 ? 4.726   -4.178  -4.636  1.00 0.21 ? 14 DC  B "H2'"  3 
ATOM   1629 H "H2''" . DC  B 2 5 ? 6.170   -3.049  -4.524  1.00 0.24 ? 14 DC  B "H2''" 3 
ATOM   1630 H "H1'"  . DC  B 2 5 ? 4.750   -1.093  -4.504  1.00 0.26 ? 14 DC  B "H1'"  3 
ATOM   1631 H H41    . DC  B 2 5 ? -0.160  -1.253  -0.981  1.00 0.26 ? 14 DC  B H41    3 
ATOM   1632 H H42    . DC  B 2 5 ? -0.953  -2.567  -1.842  1.00 0.29 ? 14 DC  B H42    3 
ATOM   1633 H H5     . DC  B 2 5 ? 0.335   -3.839  -3.665  1.00 0.20 ? 14 DC  B H5     3 
ATOM   1634 H H6     . DC  B 2 5 ? 2.429   -3.854  -4.893  1.00 0.19 ? 14 DC  B H6     3 
ATOM   1635 P P      . DG  B 2 6 ? 8.117   -2.703  -6.479  1.00 0.26 ? 15 DG  B P      3 
ATOM   1636 O OP1    . DG  B 2 6 ? 7.855   -1.439  -7.205  1.00 0.33 ? 15 DG  B OP1    3 
ATOM   1637 O OP2    . DG  B 2 6 ? 9.371   -3.445  -6.734  1.00 0.35 ? 15 DG  B OP2    3 
ATOM   1638 O "O5'"  . DG  B 2 6 ? 8.017   -2.418  -4.893  1.00 0.27 ? 15 DG  B "O5'"  3 
ATOM   1639 C "C5'"  . DG  B 2 6 ? 8.488   -1.170  -4.374  1.00 0.25 ? 15 DG  B "C5'"  3 
ATOM   1640 C "C4'"  . DG  B 2 6 ? 8.258   -0.999  -2.874  1.00 0.23 ? 15 DG  B "C4'"  3 
ATOM   1641 O "O4'"  . DG  B 2 6 ? 6.868   -1.050  -2.468  1.00 0.22 ? 15 DG  B "O4'"  3 
ATOM   1642 C "C3'"  . DG  B 2 6 ? 8.984   -2.028  -1.996  1.00 0.22 ? 15 DG  B "C3'"  3 
ATOM   1643 O "O3'"  . DG  B 2 6 ? 10.106  -1.445  -1.321  1.00 0.26 ? 15 DG  B "O3'"  3 
ATOM   1644 C "C2'"  . DG  B 2 6 ? 7.895   -2.423  -0.961  1.00 0.18 ? 15 DG  B "C2'"  3 
ATOM   1645 C "C1'"  . DG  B 2 6 ? 6.818   -1.330  -1.057  1.00 0.19 ? 15 DG  B "C1'"  3 
ATOM   1646 N N9     . DG  B 2 6 ? 5.488   -1.842  -0.685  1.00 0.18 ? 15 DG  B N9     3 
ATOM   1647 C C8     . DG  B 2 6 ? 4.794   -2.877  -1.230  1.00 0.20 ? 15 DG  B C8     3 
ATOM   1648 N N7     . DG  B 2 6 ? 3.624   -3.084  -0.696  1.00 0.20 ? 15 DG  B N7     3 
ATOM   1649 C C5     . DG  B 2 6 ? 3.542   -2.101  0.285   1.00 0.17 ? 15 DG  B C5     3 
ATOM   1650 C C6     . DG  B 2 6 ? 2.503   -1.818  1.203   1.00 0.20 ? 15 DG  B C6     3 
ATOM   1651 O O6     . DG  B 2 6 ? 1.413   -2.361  1.347   1.00 0.23 ? 15 DG  B O6     3 
ATOM   1652 N N1     . DG  B 2 6 ? 2.824   -0.757  2.012   1.00 0.20 ? 15 DG  B N1     3 
ATOM   1653 C C2     . DG  B 2 6 ? 3.987   -0.046  1.967   1.00 0.20 ? 15 DG  B C2     3 
ATOM   1654 N N2     . DG  B 2 6 ? 4.087   0.924   2.858   1.00 0.22 ? 15 DG  B N2     3 
ATOM   1655 N N3     . DG  B 2 6 ? 4.976   -0.290  1.111   1.00 0.17 ? 15 DG  B N3     3 
ATOM   1656 C C4     . DG  B 2 6 ? 4.680   -1.338  0.301   1.00 0.16 ? 15 DG  B C4     3 
ATOM   1657 H "H5'"  . DG  B 2 6 ? 7.974   -0.359  -4.891  1.00 0.29 ? 15 DG  B "H5'"  3 
ATOM   1658 H "H5''" . DG  B 2 6 ? 9.556   -1.079  -4.570  1.00 0.30 ? 15 DG  B "H5''" 3 
ATOM   1659 H "H4'"  . DG  B 2 6 ? 8.737   -0.029  -2.738  1.00 0.32 ? 15 DG  B "H4'"  3 
ATOM   1660 H "H3'"  . DG  B 2 6 ? 9.364   -2.851  -2.600  1.00 0.27 ? 15 DG  B "H3'"  3 
ATOM   1661 H "H2'"  . DG  B 2 6 ? 7.462   -3.387  -1.230  1.00 0.23 ? 15 DG  B "H2'"  3 
ATOM   1662 H "H2''" . DG  B 2 6 ? 8.299   -2.445  0.051   1.00 0.22 ? 15 DG  B "H2''" 3 
ATOM   1663 H "H1'"  . DG  B 2 6 ? 6.890   -0.503  -0.352  1.00 0.22 ? 15 DG  B "H1'"  3 
ATOM   1664 H H8     . DG  B 2 6 ? 5.212   -3.477  -2.038  1.00 0.23 ? 15 DG  B H8     3 
ATOM   1665 H H1     . DG  B 2 6 ? 2.120   -0.510  2.681   1.00 0.23 ? 15 DG  B H1     3 
ATOM   1666 H H21    . DG  B 2 6 ? 3.339   1.050   3.530   1.00 0.26 ? 15 DG  B H21    3 
ATOM   1667 H H22    . DG  B 2 6 ? 4.899   1.514   2.862   1.00 0.24 ? 15 DG  B H22    3 
ATOM   1668 P P      . DT  B 2 7 ? 11.226  -2.382  -0.612  1.00 0.30 ? 16 DT  B P      3 
ATOM   1669 O OP1    . DT  B 2 7 ? 12.507  -1.642  -0.604  1.00 0.38 ? 16 DT  B OP1    3 
ATOM   1670 O OP2    . DT  B 2 7 ? 11.165  -3.738  -1.207  1.00 0.39 ? 16 DT  B OP2    3 
ATOM   1671 O "O5'"  . DT  B 2 7 ? 10.683  -2.487  0.902   1.00 0.30 ? 16 DT  B "O5'"  3 
ATOM   1672 C "C5'"  . DT  B 2 7 ? 10.712  -1.339  1.760   1.00 0.29 ? 16 DT  B "C5'"  3 
ATOM   1673 C "C4'"  . DT  B 2 7 ? 9.573   -1.332  2.773   1.00 0.29 ? 16 DT  B "C4'"  3 
ATOM   1674 O "O4'"  . DT  B 2 7 ? 8.276   -1.556  2.148   1.00 0.25 ? 16 DT  B "O4'"  3 
ATOM   1675 C "C3'"  . DT  B 2 7 ? 9.661   -2.442  3.785   1.00 0.26 ? 16 DT  B "C3'"  3 
ATOM   1676 O "O3'"  . DT  B 2 7 ? 10.435  -1.964  4.894   1.00 0.26 ? 16 DT  B "O3'"  3 
ATOM   1677 C "C2'"  . DT  B 2 7 ? 8.186   -2.490  4.244   1.00 0.23 ? 16 DT  B "C2'"  3 
ATOM   1678 C "C1'"  . DT  B 2 7 ? 7.324   -1.796  3.201   1.00 0.21 ? 16 DT  B "C1'"  3 
ATOM   1679 N N1     . DT  B 2 7 ? 6.188   -2.736  2.978   1.00 0.18 ? 16 DT  B N1     3 
ATOM   1680 C C2     . DT  B 2 7 ? 4.994   -2.451  3.628   1.00 0.17 ? 16 DT  B C2     3 
ATOM   1681 O O2     . DT  B 2 7 ? 4.828   -1.488  4.370   1.00 0.21 ? 16 DT  B O2     3 
ATOM   1682 N N3     . DT  B 2 7 ? 3.961   -3.316  3.407   1.00 0.17 ? 16 DT  B N3     3 
ATOM   1683 C C4     . DT  B 2 7 ? 3.984   -4.423  2.611   1.00 0.16 ? 16 DT  B C4     3 
ATOM   1684 O O4     . DT  B 2 7 ? 2.968   -5.099  2.500   1.00 0.17 ? 16 DT  B O4     3 
ATOM   1685 C C5     . DT  B 2 7 ? 5.250   -4.662  1.968   1.00 0.17 ? 16 DT  B C5     3 
ATOM   1686 C C7     . DT  B 2 7 ? 5.378   -5.855  1.030   1.00 0.24 ? 16 DT  B C7     3 
ATOM   1687 C C6     . DT  B 2 7 ? 6.296   -3.835  2.168   1.00 0.19 ? 16 DT  B C6     3 
ATOM   1688 H "H5'"  . DT  B 2 7 ? 10.652  -0.427  1.164   1.00 0.32 ? 16 DT  B "H5'"  3 
ATOM   1689 H "H5''" . DT  B 2 7 ? 11.654  -1.327  2.304   1.00 0.36 ? 16 DT  B "H5''" 3 
ATOM   1690 H "H4'"  . DT  B 2 7 ? 9.750   -0.436  3.368   1.00 0.31 ? 16 DT  B "H4'"  3 
ATOM   1691 H "H3'"  . DT  B 2 7 ? 10.087  -3.352  3.363   1.00 0.26 ? 16 DT  B "H3'"  3 
ATOM   1692 H "H2'"  . DT  B 2 7 ? 7.856   -3.526  4.159   1.00 0.24 ? 16 DT  B "H2'"  3 
ATOM   1693 H "H2''" . DT  B 2 7 ? 8.049   -1.942  5.177   1.00 0.26 ? 16 DT  B "H2''" 3 
ATOM   1694 H "H1'"  . DT  B 2 7 ? 6.834   -0.873  3.512   1.00 0.24 ? 16 DT  B "H1'"  3 
ATOM   1695 H H3     . DT  B 2 7 ? 3.101   -3.122  3.897   1.00 0.19 ? 16 DT  B H3     3 
ATOM   1696 H H71    . DT  B 2 7 ? 4.414   -6.362  0.993   1.00 0.35 ? 16 DT  B H71    3 
ATOM   1697 H H72    . DT  B 2 7 ? 6.147   -6.538  1.391   1.00 0.34 ? 16 DT  B H72    3 
ATOM   1698 H H73    . DT  B 2 7 ? 5.618   -5.492  0.030   1.00 0.31 ? 16 DT  B H73    3 
ATOM   1699 H H6     . DT  B 2 7 ? 7.258   -4.070  1.715   1.00 0.22 ? 16 DT  B H6     3 
ATOM   1700 P P      . DG  B 2 8 ? 10.835  -2.887  6.160   1.00 0.28 ? 17 DG  B P      3 
ATOM   1701 O OP1    . DG  B 2 8 ? 11.855  -2.157  6.945   1.00 0.44 ? 17 DG  B OP1    3 
ATOM   1702 O OP2    . DG  B 2 8 ? 11.125  -4.255  5.673   1.00 0.37 ? 17 DG  B OP2    3 
ATOM   1703 O "O5'"  . DG  B 2 8 ? 9.472   -2.951  7.028   1.00 0.28 ? 17 DG  B "O5'"  3 
ATOM   1704 C "C5'"  . DG  B 2 8 ? 9.002   -1.847  7.824   1.00 0.31 ? 17 DG  B "C5'"  3 
ATOM   1705 C "C4'"  . DG  B 2 8 ? 7.718   -2.198  8.589   1.00 0.30 ? 17 DG  B "C4'"  3 
ATOM   1706 O "O4'"  . DG  B 2 8 ? 6.594   -2.544  7.752   1.00 0.27 ? 17 DG  B "O4'"  3 
ATOM   1707 C "C3'"  . DG  B 2 8 ? 7.899   -3.386  9.533   1.00 0.32 ? 17 DG  B "C3'"  3 
ATOM   1708 O "O3'"  . DG  B 2 8 ? 7.206   -3.189  10.780  1.00 0.44 ? 17 DG  B "O3'"  3 
ATOM   1709 C "C2'"  . DG  B 2 8 ? 7.301   -4.486  8.714   1.00 0.29 ? 17 DG  B "C2'"  3 
ATOM   1710 C "C1'"  . DG  B 2 8 ? 6.061   -3.774  8.254   1.00 0.26 ? 17 DG  B "C1'"  3 
ATOM   1711 N N9     . DG  B 2 8 ? 5.374   -4.565  7.232   1.00 0.22 ? 17 DG  B N9     3 
ATOM   1712 C C8     . DG  B 2 8 ? 5.910   -5.172  6.138   1.00 0.21 ? 17 DG  B C8     3 
ATOM   1713 N N7     . DG  B 2 8 ? 5.037   -5.793  5.395   1.00 0.20 ? 17 DG  B N7     3 
ATOM   1714 C C5     . DG  B 2 8 ? 3.833   -5.576  6.065   1.00 0.19 ? 17 DG  B C5     3 
ATOM   1715 C C6     . DG  B 2 8 ? 2.521   -6.002  5.752   1.00 0.19 ? 17 DG  B C6     3 
ATOM   1716 O O6     . DG  B 2 8 ? 2.127   -6.668  4.804   1.00 0.22 ? 17 DG  B O6     3 
ATOM   1717 N N1     . DG  B 2 8 ? 1.608   -5.570  6.685   1.00 0.19 ? 17 DG  B N1     3 
ATOM   1718 C C2     . DG  B 2 8 ? 1.899   -4.819  7.792   1.00 0.20 ? 17 DG  B C2     3 
ATOM   1719 N N2     . DG  B 2 8 ? 0.892   -4.512  8.589   1.00 0.25 ? 17 DG  B N2     3 
ATOM   1720 N N3     . DG  B 2 8 ? 3.125   -4.410  8.098   1.00 0.22 ? 17 DG  B N3     3 
ATOM   1721 C C4     . DG  B 2 8 ? 4.037   -4.824  7.191   1.00 0.20 ? 17 DG  B C4     3 
ATOM   1722 H "H5'"  . DG  B 2 8 ? 8.820   -0.983  7.185   1.00 0.41 ? 17 DG  B "H5'"  3 
ATOM   1723 H "H5''" . DG  B 2 8 ? 9.761   -1.588  8.560   1.00 0.43 ? 17 DG  B "H5''" 3 
ATOM   1724 H "H4'"  . DG  B 2 8 ? 7.466   -1.364  9.242   1.00 0.38 ? 17 DG  B "H4'"  3 
ATOM   1725 H "H3'"  . DG  B 2 8 ? 8.955   -3.612  9.685   1.00 0.37 ? 17 DG  B "H3'"  3 
ATOM   1726 H "H2'"  . DG  B 2 8 ? 7.949   -4.746  7.878   1.00 0.29 ? 17 DG  B "H2'"  3 
ATOM   1727 H "H2''" . DG  B 2 8 ? 7.064   -5.344  9.343   1.00 0.35 ? 17 DG  B "H2''" 3 
ATOM   1728 H "H1'"  . DG  B 2 8 ? 5.392   -3.637  9.103   1.00 0.28 ? 17 DG  B "H1'"  3 
ATOM   1729 H H8     . DG  B 2 8 ? 6.985   -5.136  5.967   1.00 0.22 ? 17 DG  B H8     3 
ATOM   1730 H H1     . DG  B 2 8 ? 0.656   -5.846  6.495   1.00 0.18 ? 17 DG  B H1     3 
ATOM   1731 H H21    . DG  B 2 8 ? -0.042  -4.842  8.382   1.00 0.26 ? 17 DG  B H21    3 
ATOM   1732 H H22    . DG  B 2 8 ? 1.078   -3.944  9.402   1.00 0.39 ? 17 DG  B H22    3 
ATOM   1733 P P      . DC  B 2 9 ? 7.333   -4.193  12.048  1.00 0.56 ? 18 DC  B P      3 
ATOM   1734 O OP1    . DC  B 2 9 ? 7.417   -3.362  13.268  1.00 0.72 ? 18 DC  B OP1    3 
ATOM   1735 O OP2    . DC  B 2 9 ? 8.401   -5.180  11.764  1.00 0.64 ? 18 DC  B OP2    3 
ATOM   1736 O "O5'"  . DC  B 2 9 ? 5.927   -4.996  12.077  1.00 0.54 ? 18 DC  B "O5'"  3 
ATOM   1737 C "C5'"  . DC  B 2 9 ? 4.764   -4.517  12.784  1.00 0.58 ? 18 DC  B "C5'"  3 
ATOM   1738 C "C4'"  . DC  B 2 9 ? 3.523   -5.366  12.475  1.00 0.53 ? 18 DC  B "C4'"  3 
ATOM   1739 O "O4'"  . DC  B 2 9 ? 3.245   -5.402  11.080  1.00 0.43 ? 18 DC  B "O4'"  3 
ATOM   1740 C "C3'"  . DC  B 2 9 ? 3.665   -6.834  12.896  1.00 0.54 ? 18 DC  B "C3'"  3 
ATOM   1741 O "O3'"  . DC  B 2 9 ? 3.369   -6.977  14.285  1.00 0.67 ? 18 DC  B "O3'"  3 
ATOM   1742 C "C2'"  . DC  B 2 9 ? 2.501   -7.412  12.133  1.00 0.46 ? 18 DC  B "C2'"  3 
ATOM   1743 C "C1'"  . DC  B 2 9 ? 2.533   -6.613  10.825  1.00 0.43 ? 18 DC  B "C1'"  3 
ATOM   1744 N N1     . DC  B 2 9 ? 3.023   -7.314  9.622   1.00 0.37 ? 18 DC  B N1     3 
ATOM   1745 C C2     . DC  B 2 9 ? 2.100   -8.043  8.894   1.00 0.43 ? 18 DC  B C2     3 
ATOM   1746 O O2     . DC  B 2 9 ? 0.925   -8.140  9.240   1.00 0.56 ? 18 DC  B O2     3 
ATOM   1747 N N3     . DC  B 2 9 ? 2.524   -8.661  7.772   1.00 0.42 ? 18 DC  B N3     3 
ATOM   1748 C C4     . DC  B 2 9 ? 3.787   -8.584  7.364   1.00 0.35 ? 18 DC  B C4     3 
ATOM   1749 N N4     . DC  B 2 9 ? 4.097   -9.209  6.238   1.00 0.38 ? 18 DC  B N4     3 
ATOM   1750 C C5     . DC  B 2 9 ? 4.757   -7.844  8.103   1.00 0.30 ? 18 DC  B C5     3 
ATOM   1751 C C6     . DC  B 2 9 ? 4.327   -7.227  9.220   1.00 0.33 ? 18 DC  B C6     3 
ATOM   1752 H "H5'"  . DC  B 2 9 ? 4.568   -3.484  12.495  1.00 0.63 ? 18 DC  B "H5'"  3 
ATOM   1753 H "H5''" . DC  B 2 9 ? 4.962   -4.553  13.855  1.00 0.68 ? 18 DC  B "H5''" 3 
ATOM   1754 H "H4'"  . DC  B 2 9 ? 2.638   -4.977  12.978  1.00 0.60 ? 18 DC  B "H4'"  3 
ATOM   1755 H "H3'"  . DC  B 2 9 ? 4.611   -7.303  12.627  1.00 0.59 ? 18 DC  B "H3'"  3 
ATOM   1756 H "HO3'" . DC  B 2 9 ? 4.184   -7.195  14.737  1.00 1.16 ? 18 DC  B "HO3'" 3 
ATOM   1757 H "H2'"  . DC  B 2 9 ? 2.499   -8.494  12.000  1.00 0.52 ? 18 DC  B "H2'"  3 
ATOM   1758 H "H2''" . DC  B 2 9 ? 1.666   -7.122  12.770  1.00 0.52 ? 18 DC  B "H2''" 3 
ATOM   1759 H "H1'"  . DC  B 2 9 ? 1.497   -6.332  10.636  1.00 0.47 ? 18 DC  B "H1'"  3 
ATOM   1760 H H41    . DC  B 2 9 ? 3.348   -9.619  5.694   1.00 0.41 ? 18 DC  B H41    3 
ATOM   1761 H H42    . DC  B 2 9 ? 5.055   -9.274  5.928   1.00 0.43 ? 18 DC  B H42    3 
ATOM   1762 H H5     . DC  B 2 9 ? 5.799   -7.765  7.792   1.00 0.31 ? 18 DC  B H5     3 
ATOM   1763 H H6     . DC  B 2 9 ? 5.047   -6.647  9.798   1.00 0.41 ? 18 DC  B H6     3 
HETATM 1764 C C1     . MOC C 3 . ? 5.200   2.983   -1.293  1.00 0.26 ? 19 MOC A C1     3 
HETATM 1765 C C2     . MOC C 3 . ? 5.701   3.191   -2.747  1.00 0.25 ? 19 MOC A C2     3 
HETATM 1766 N N2     . MOC C 3 . ? 6.121   4.566   -2.991  1.00 0.32 ? 19 MOC A N2     3 
HETATM 1767 C C3     . MOC C 3 . ? 6.908   2.224   -2.717  1.00 0.24 ? 19 MOC A C3     3 
HETATM 1768 N N4     . MOC C 3 . ? 7.396   2.471   -1.341  1.00 0.27 ? 19 MOC A N4     3 
HETATM 1769 C C4A    . MOC C 3 . ? 8.520   2.343   -0.831  1.00 0.30 ? 19 MOC A C4A    3 
HETATM 1770 C C5     . MOC C 3 . ? 9.804   1.967   -1.262  1.00 0.35 ? 19 MOC A C5     3 
HETATM 1771 O O5     . MOC C 3 . ? 9.995   1.693   -2.424  1.00 0.36 ? 19 MOC A O5     3 
HETATM 1772 C C6     . MOC C 3 . ? 10.888  1.942   -0.325  1.00 0.40 ? 19 MOC A C6     3 
HETATM 1773 C CM6    . MOC C 3 . ? 12.291  1.544   -0.776  1.00 0.45 ? 19 MOC A CM6    3 
HETATM 1774 C C7     . MOC C 3 . ? 10.654  2.298   1.041   1.00 0.42 ? 19 MOC A C7     3 
HETATM 1775 N N7     . MOC C 3 . ? 11.678  2.275   1.920   1.00 0.49 ? 19 MOC A N7     3 
HETATM 1776 C C8     . MOC C 3 . ? 9.350   2.681   1.488   1.00 0.42 ? 19 MOC A C8     3 
HETATM 1777 O O8     . MOC C 3 . ? 9.104   2.970   2.639   1.00 0.45 ? 19 MOC A O8     3 
HETATM 1778 C C8A    . MOC C 3 . ? 8.297   2.696   0.526   1.00 0.34 ? 19 MOC A C8A    3 
HETATM 1779 C C9     . MOC C 3 . ? 6.930   3.031   0.669   1.00 0.31 ? 19 MOC A C9     3 
HETATM 1780 C C9A    . MOC C 3 . ? 6.512   2.836   -0.584  1.00 0.27 ? 19 MOC A C9A    3 
HETATM 1781 C C10    . MOC C 3 . ? 6.117   3.512   1.845   1.00 0.34 ? 19 MOC A C10    3 
HETATM 1782 O O10    . MOC C 3 . ? 6.295   4.983   1.787   1.00 0.43 ? 19 MOC A O10    3 
HETATM 1783 C C11    . MOC C 3 . ? 7.275   5.689   2.548   1.00 0.42 ? 19 MOC A C11    3 
HETATM 1784 O O11    . MOC C 3 . ? 8.453   5.544   2.342   1.00 0.68 ? 19 MOC A O11    3 
HETATM 1785 N N12    . MOC C 3 . ? 6.853   6.564   3.457   1.00 0.44 ? 19 MOC A N12    3 
HETATM 1786 H H11    . MOC C 3 . ? 4.778   3.931   -0.879  1.00 0.27 ? 19 MOC A H11    3 
HETATM 1787 H H2     . MOC C 3 . ? 4.982   2.861   -3.534  1.00 0.26 ? 19 MOC A H2     3 
HETATM 1788 H HN21   . MOC C 3 . ? 7.129   4.641   -3.168  1.00 0.45 ? 19 MOC A HN21   3 
HETATM 1789 H HN22   . MOC C 3 . ? 5.869   5.186   -2.212  1.00 0.40 ? 19 MOC A HN22   3 
HETATM 1790 H H31    . MOC C 3 . ? 7.686   2.497   -3.469  1.00 0.28 ? 19 MOC A H31    3 
HETATM 1791 H H32    . MOC C 3 . ? 6.512   1.182   -2.771  1.00 0.25 ? 19 MOC A H32    3 
HETATM 1792 H HM61   . MOC C 3 . ? 12.797  0.940   0.012   1.00 0.57 ? 19 MOC A HM61   3 
HETATM 1793 H HM62   . MOC C 3 . ? 12.893  2.463   -0.961  1.00 0.63 ? 19 MOC A HM62   3 
HETATM 1794 H HM63   . MOC C 3 . ? 12.261  0.944   -1.714  1.00 0.58 ? 19 MOC A HM63   3 
HETATM 1795 H HN71   . MOC C 3 . ? 11.504  2.525   2.900   1.00 0.54 ? 19 MOC A HN71   3 
HETATM 1796 H HN72   . MOC C 3 . ? 12.621  2.008   1.618   1.00 0.53 ? 19 MOC A HN72   3 
HETATM 1797 H H101   . MOC C 3 . ? 6.545   3.125   2.801   1.00 0.37 ? 19 MOC A H101   3 
HETATM 1798 H H102   . MOC C 3 . ? 5.030   3.304   1.711   1.00 0.34 ? 19 MOC A H102   3 
HETATM 1799 H H121   . MOC C 3 . ? 5.847   6.773   3.467   1.00 0.43 ? 19 MOC A H121   3 
HETATM 1800 H H122   . MOC C 3 . ? 7.533   7.054   4.043   1.00 0.64 ? 19 MOC A H122   3 
# 
